data_7OS1
#
_entry.id   7OS1
#
_cell.length_a   1.00
_cell.length_b   1.00
_cell.length_c   1.00
_cell.angle_alpha   90.00
_cell.angle_beta   90.00
_cell.angle_gamma   90.00
#
_symmetry.space_group_name_H-M   'P 1'
#
loop_
_entity.id
_entity.type
_entity.pdbx_description
1 polymer 'U5 small nuclear ribonucleoprotein 200 kDa helicase'
2 polymer 'WW domain-binding protein 4'
#
loop_
_entity_poly.entity_id
_entity_poly.type
_entity_poly.pdbx_seq_one_letter_code
_entity_poly.pdbx_strand_id
1 'polypeptide(L)'
;GAEFDLDQGGEALAPRQVLDLEDLVFTQGSHFMANKRCQLPDGSFRRQRKGYEEVHVPALKPKPFGSEEQLLPVEKLPKY
AQAGFEGFKTLNRIQSKLYRAALETDENLLLCAPTGAGKTNVALMCMLREIGKHINMDGTINVDDFKIIYIAPMRSLVQE
MVGSFGKRLATYGITVAELTGDHQLCKEEISATQIIVCTPEKWDIITRKGGERTYTQLVRLIILDEIHLLHDDRGPVLEA
LVARAIRNIEMTQEDVRLIGLSATLPNYEDVATFLRVDPAKGLFYFDNSFRPVPLEQTYVGITEKKAIKRFQIMNEIVYE
KIMEHAGKNQVLVFVHSRKETGKTARAIRDMCLEKDTLGLFLREGSASTEVLRTEAEQCKNLELKDLLPYGFAIHHAGMT
RVDRTLVEDLFADKHIQVLVSTATLAWGVNLPAHTVIIKGTQVYSPEKGRWTELGALDILQMLGRAGRPQYDTKGEGILI
TSHGELQYYLSLLNQQLPIESQMVSKLPDMLNAEIVLGNVQNAKDAVNWLGYAYLYIRMLRSPTLYGISHDDLKGDPLLD
QRRLDLVHTAALMLDKNNLVKYDKKTGNFQVTELGRIASHYYITNDTVQTYNQLLKPTLSEIELFRVFSLSSEFKNITVR
EEEKLELQKLLERVPIPVKESIEEPSAKINVLLQAFISQLKLEGFALMADMVYVTQSAGRLMRAIFEIVLNRGWAQLTDK
TLNLCKMIDKRMWQSMCPLRQFRKLPEEVVKKIEKKNFPFERLYDLNHNEIGELIRMPKMGKTIHKYVHLFPKLELSVHL
QPITRSTLKVELTITPDFQWDEKVHGSSEAFWILVEDVDSEVILHHEYFLLKAKYAQDEHLITFFVPVFEPLPPQYFIRV
VSDRWLSCETQLPVSFRHLILPEKYPPPTELLDLQPLPVSALRNSAFESLYQDKFPFFNPIQTQVFNTVYNSDDNVFVGA
PTGSGKTICAEFAILRMLLQSSEGRCVYITPMEALAEQVYMDWYEKFQDRLNKKVVLLTGETSTDLKLLGKGNIIISTPE
KWDILSRRWKQRKNVQNINLFVVDEVHLIGGENGPVLEVICSRMRYISSQIERPIRIVALSSSLSNAKDVAHWLGCSATS
TFNFHPNVRPVPLELHIQGFNISHTQTRLLSMAKPVYHAITKHSPKKPVIVFVPSRKQTRLTAIDILTTCAADIQRQRFL
HCTEKDLIPYLEKLSDSTLKETLLNGVGYLHEGLSPMERRLVEQLFSSGAIQVVVASRSLCWGMNVAAHLVIIMDTQYYN
GKIHAYVDYPIYDVLQMVGHANRPLQDDEGRCVIMCQGSKKDFFKKFLYEPLPVESHLDHCMHDHFNAEIVTKTIENKQD
AVDYLTWTFLYRRMTQNPNYYNLQGISHRHLSDHLSELVEQTLSDLEQSKCISIEDEMDVAPLNLGMIAAYYYINYTTIE
LFSMSLNAKTKVRGLIEIISNAAEYENIPIRHHEDNLLRQLAQKVPHKLNNPKFNDPHVKTNLLLQAHLSRMQLSAELQS
DTEEILSKAIRLIQACVDVLSSNGWLSPALAAMELAQMVTQAMWSKDSYLKQLPHFTSEHIKRCTDKGVESVFDIMEMED
EERNALLQLTDSQIADVARFCNRYPNIELSYEVVDKDSIRSGGPVVVLVQLEREEEVTGPVIAPLFPQKREEGWWVVIGD
AKSNSLISIKRLTLQQKAKVKLDFVAPATGAHNYTLYFMSDAYMGCDQEYKFSVDVKEA
;
B
2 'polypeptide(L)'
;GAMAFNPHTSDLPSSKVNENSLGTLDESKSSDSHSDSDGEQEAEEGGVSTETEKPKIKFKEKNKNSDGGSDPETQKEKSI
QKQNSLGSNEEKSKTLKKSNPYGEWQEIKQEVESHEEVDLELPSTENEYVSTSEADGGGEPKVVFKEKTVTSLGVMADGV
APVFKKRRTENGKSRNLRQRGDDQ
;
F
#
# COMPACT_ATOMS: atom_id res chain seq x y z
N ARG A 16 -29.27 -18.48 -26.15
CA ARG A 16 -27.94 -19.06 -26.18
C ARG A 16 -28.02 -20.57 -26.10
N GLN A 17 -27.28 -21.25 -26.97
CA GLN A 17 -27.25 -22.70 -27.02
C GLN A 17 -25.93 -23.23 -26.47
N VAL A 18 -25.95 -24.47 -26.02
CA VAL A 18 -24.76 -25.10 -25.45
C VAL A 18 -24.01 -25.82 -26.54
N LEU A 19 -22.75 -25.44 -26.75
CA LEU A 19 -21.88 -26.05 -27.75
C LEU A 19 -20.86 -26.94 -27.07
N ASP A 20 -20.67 -28.14 -27.62
CA ASP A 20 -19.72 -29.09 -27.05
C ASP A 20 -18.29 -28.67 -27.42
N LEU A 21 -17.50 -28.36 -26.40
CA LEU A 21 -16.16 -27.84 -26.64
C LEU A 21 -15.24 -28.91 -27.24
N GLU A 22 -15.43 -30.17 -26.84
CA GLU A 22 -14.52 -31.23 -27.24
C GLU A 22 -14.52 -31.43 -28.75
N ASP A 23 -15.70 -31.47 -29.36
CA ASP A 23 -15.78 -31.62 -30.80
C ASP A 23 -15.16 -30.44 -31.52
N LEU A 24 -15.41 -29.22 -31.03
CA LEU A 24 -14.98 -28.02 -31.74
C LEU A 24 -13.46 -27.94 -31.83
N VAL A 25 -12.76 -28.30 -30.75
CA VAL A 25 -11.32 -28.12 -30.71
C VAL A 25 -10.63 -29.20 -31.53
N PHE A 26 -9.66 -28.79 -32.34
CA PHE A 26 -8.79 -29.72 -33.03
C PHE A 26 -7.74 -30.26 -32.07
N THR A 27 -7.53 -31.58 -32.08
CA THR A 27 -6.68 -32.21 -31.10
C THR A 27 -5.26 -32.38 -31.65
N GLN A 28 -4.44 -33.14 -30.91
CA GLN A 28 -3.04 -33.45 -31.21
C GLN A 28 -2.15 -32.20 -31.26
N GLY A 29 -2.65 -31.07 -30.78
CA GLY A 29 -1.80 -29.93 -30.50
C GLY A 29 -1.15 -29.33 -31.74
N SER A 30 0.16 -29.08 -31.65
CA SER A 30 0.88 -28.45 -32.74
C SER A 30 0.90 -29.32 -33.99
N HIS A 31 0.81 -30.64 -33.81
CA HIS A 31 0.96 -31.56 -34.93
C HIS A 31 -0.19 -31.43 -35.92
N PHE A 32 -1.38 -31.09 -35.43
CA PHE A 32 -2.52 -30.88 -36.31
C PHE A 32 -2.19 -29.81 -37.34
N MET A 33 -2.27 -30.18 -38.61
CA MET A 33 -1.78 -29.36 -39.70
C MET A 33 -2.93 -28.84 -40.55
N ALA A 34 -3.02 -27.51 -40.67
CA ALA A 34 -4.02 -26.90 -41.52
C ALA A 34 -3.66 -27.08 -42.99
N ASN A 35 -2.39 -27.37 -43.28
CA ASN A 35 -1.96 -27.60 -44.65
C ASN A 35 -2.70 -28.78 -45.25
N LYS A 36 -3.03 -28.67 -46.53
CA LYS A 36 -3.72 -29.77 -47.20
C LYS A 36 -2.81 -30.63 -48.06
N ARG A 37 -1.84 -30.05 -48.77
CA ARG A 37 -1.02 -30.86 -49.66
C ARG A 37 0.48 -30.57 -49.62
N CYS A 38 0.93 -29.39 -49.17
CA CYS A 38 2.35 -29.09 -49.08
C CYS A 38 3.08 -29.20 -50.42
N GLN A 39 2.79 -28.29 -51.34
CA GLN A 39 3.54 -28.25 -52.60
C GLN A 39 5.01 -27.99 -52.32
N LEU A 40 5.87 -28.82 -52.89
CA LEU A 40 7.30 -28.71 -52.68
C LEU A 40 7.90 -27.68 -53.65
N PRO A 41 8.96 -26.99 -53.25
CA PRO A 41 9.55 -25.97 -54.12
C PRO A 41 10.23 -26.58 -55.33
N ASP A 42 10.55 -25.72 -56.29
CA ASP A 42 11.18 -26.17 -57.53
C ASP A 42 12.55 -26.77 -57.26
N GLY A 43 13.32 -26.17 -56.36
CA GLY A 43 14.62 -26.70 -56.01
C GLY A 43 14.53 -27.77 -54.94
N SER A 44 14.02 -28.94 -55.30
CA SER A 44 13.82 -30.02 -54.35
C SER A 44 13.72 -31.34 -55.09
N PHE A 45 13.98 -32.43 -54.36
CA PHE A 45 13.79 -33.77 -54.92
C PHE A 45 13.61 -34.75 -53.77
N ARG A 46 13.09 -35.94 -54.10
CA ARG A 46 12.82 -37.00 -53.14
C ARG A 46 13.36 -38.31 -53.69
N ARG A 47 13.97 -39.11 -52.81
CA ARG A 47 14.58 -40.37 -53.21
C ARG A 47 14.54 -41.36 -52.06
N GLN A 48 14.06 -42.57 -52.31
CA GLN A 48 13.86 -43.55 -51.25
C GLN A 48 14.84 -44.71 -51.42
N ARG A 49 15.58 -45.02 -50.36
CA ARG A 49 16.50 -46.15 -50.34
C ARG A 49 16.14 -47.08 -49.19
N LYS A 50 16.01 -48.37 -49.49
CA LYS A 50 15.68 -49.41 -48.51
C LYS A 50 14.39 -49.00 -47.80
N GLY A 51 14.37 -48.92 -46.48
CA GLY A 51 13.17 -48.66 -45.72
C GLY A 51 12.84 -47.21 -45.41
N TYR A 52 13.64 -46.27 -45.90
CA TYR A 52 13.41 -44.86 -45.62
C TYR A 52 13.59 -44.02 -46.88
N GLU A 53 12.99 -42.84 -46.87
CA GLU A 53 13.07 -41.92 -48.00
C GLU A 53 13.66 -40.59 -47.53
N GLU A 54 14.60 -40.06 -48.32
CA GLU A 54 15.26 -38.81 -48.02
C GLU A 54 14.84 -37.77 -49.06
N VAL A 55 14.42 -36.61 -48.59
CA VAL A 55 13.97 -35.51 -49.44
C VAL A 55 14.94 -34.36 -49.25
N HIS A 56 15.61 -33.95 -50.32
CA HIS A 56 16.63 -32.93 -50.27
C HIS A 56 16.16 -31.69 -51.02
N VAL A 57 16.17 -30.56 -50.35
CA VAL A 57 15.78 -29.27 -50.92
C VAL A 57 16.98 -28.35 -50.86
N PRO A 58 17.70 -28.19 -51.96
CA PRO A 58 18.92 -27.36 -51.94
C PRO A 58 18.62 -25.91 -51.58
N ALA A 59 19.64 -25.25 -51.04
CA ALA A 59 19.51 -23.86 -50.61
C ALA A 59 19.05 -22.98 -51.76
N LEU A 60 18.05 -22.16 -51.51
CA LEU A 60 17.54 -21.24 -52.51
C LEU A 60 18.47 -20.04 -52.62
N LYS A 61 18.83 -19.69 -53.85
CA LYS A 61 19.71 -18.56 -54.07
C LYS A 61 19.07 -17.29 -53.51
N PRO A 62 19.82 -16.46 -52.77
CA PRO A 62 19.23 -15.26 -52.18
C PRO A 62 18.64 -14.36 -53.25
N LYS A 63 17.52 -13.73 -52.91
CA LYS A 63 16.76 -12.95 -53.88
C LYS A 63 17.64 -11.82 -54.41
N PRO A 64 17.68 -11.61 -55.73
CA PRO A 64 18.54 -10.57 -56.29
C PRO A 64 18.15 -9.19 -55.75
N PHE A 65 19.17 -8.42 -55.38
CA PHE A 65 18.95 -7.09 -54.83
C PHE A 65 18.23 -6.21 -55.84
N GLY A 66 17.22 -5.48 -55.36
CA GLY A 66 16.49 -4.58 -56.22
C GLY A 66 17.23 -3.30 -56.50
N SER A 67 16.63 -2.48 -57.36
CA SER A 67 17.20 -1.18 -57.68
C SER A 67 17.18 -0.26 -56.47
N GLU A 68 18.15 0.65 -56.42
CA GLU A 68 18.41 1.57 -55.31
C GLU A 68 18.24 0.88 -53.95
N GLU A 69 18.73 -0.36 -53.84
CA GLU A 69 18.67 -1.12 -52.60
C GLU A 69 20.10 -1.43 -52.16
N GLN A 70 20.39 -1.16 -50.89
CA GLN A 70 21.72 -1.41 -50.36
C GLN A 70 21.62 -1.54 -48.84
N LEU A 71 22.52 -2.35 -48.28
CA LEU A 71 22.56 -2.54 -46.84
C LEU A 71 22.92 -1.24 -46.15
N LEU A 72 22.30 -1.02 -45.00
CA LEU A 72 22.49 0.23 -44.27
C LEU A 72 23.80 0.20 -43.51
N PRO A 73 24.71 1.14 -43.75
CA PRO A 73 25.89 1.25 -42.89
C PRO A 73 25.48 1.61 -41.47
N VAL A 74 26.28 1.13 -40.50
CA VAL A 74 25.95 1.36 -39.09
C VAL A 74 25.99 2.84 -38.77
N GLU A 75 26.92 3.59 -39.40
CA GLU A 75 27.01 5.01 -39.13
C GLU A 75 25.85 5.81 -39.70
N LYS A 76 24.97 5.19 -40.47
CA LYS A 76 23.89 5.89 -41.16
C LYS A 76 22.59 5.96 -40.36
N LEU A 77 22.56 5.42 -39.15
CA LEU A 77 21.38 5.44 -38.30
C LEU A 77 21.57 6.45 -37.17
N PRO A 78 20.49 6.74 -36.41
CA PRO A 78 20.60 7.75 -35.34
C PRO A 78 21.76 7.48 -34.39
N LYS A 79 22.32 8.58 -33.86
CA LYS A 79 23.57 8.49 -33.10
C LYS A 79 23.38 7.70 -31.80
N TYR A 80 22.25 7.88 -31.12
CA TYR A 80 22.04 7.14 -29.87
C TYR A 80 21.94 5.64 -30.13
N ALA A 81 21.45 5.25 -31.31
CA ALA A 81 21.37 3.84 -31.68
C ALA A 81 22.69 3.27 -32.17
N GLN A 82 23.69 4.12 -32.41
CA GLN A 82 25.01 3.61 -32.82
C GLN A 82 25.59 2.71 -31.74
N ALA A 83 25.51 3.14 -30.48
CA ALA A 83 25.85 2.26 -29.37
C ALA A 83 24.86 1.12 -29.29
N GLY A 84 25.38 -0.08 -29.04
CA GLY A 84 24.57 -1.27 -29.13
C GLY A 84 24.60 -1.95 -30.49
N PHE A 85 25.43 -1.47 -31.40
CA PHE A 85 25.64 -2.13 -32.69
C PHE A 85 27.11 -2.23 -33.05
N GLU A 86 28.01 -2.05 -32.08
CA GLU A 86 29.44 -2.13 -32.34
C GLU A 86 29.83 -3.55 -32.75
N GLY A 87 30.91 -3.64 -33.51
CA GLY A 87 31.33 -4.91 -34.06
C GLY A 87 30.63 -5.31 -35.33
N PHE A 88 29.69 -4.50 -35.82
CA PHE A 88 28.97 -4.76 -37.05
C PHE A 88 29.32 -3.69 -38.07
N LYS A 89 29.65 -4.12 -39.29
CA LYS A 89 29.88 -3.17 -40.37
C LYS A 89 28.55 -2.61 -40.88
N THR A 90 27.59 -3.49 -41.13
CA THR A 90 26.30 -3.10 -41.70
C THR A 90 25.21 -4.02 -41.17
N LEU A 91 23.98 -3.53 -41.23
CA LEU A 91 22.81 -4.37 -41.02
C LEU A 91 22.58 -5.26 -42.24
N ASN A 92 21.91 -6.39 -42.03
CA ASN A 92 21.66 -7.30 -43.14
C ASN A 92 20.51 -6.77 -43.99
N ARG A 93 20.13 -7.57 -45.00
CA ARG A 93 19.06 -7.16 -45.91
C ARG A 93 17.74 -6.96 -45.17
N ILE A 94 17.40 -7.90 -44.28
CA ILE A 94 16.14 -7.82 -43.56
C ILE A 94 16.12 -6.63 -42.61
N GLN A 95 17.19 -6.48 -41.84
CA GLN A 95 17.30 -5.33 -40.94
C GLN A 95 17.32 -4.03 -41.73
N SER A 96 17.95 -4.02 -42.89
CA SER A 96 17.93 -2.83 -43.74
C SER A 96 16.51 -2.50 -44.18
N LYS A 97 15.72 -3.52 -44.50
CA LYS A 97 14.32 -3.28 -44.84
C LYS A 97 13.56 -2.70 -43.66
N LEU A 98 13.77 -3.24 -42.46
CA LEU A 98 12.91 -2.93 -41.32
C LEU A 98 13.40 -1.81 -40.43
N TYR A 99 14.58 -1.23 -40.70
CA TYR A 99 15.12 -0.23 -39.76
C TYR A 99 14.23 1.01 -39.69
N ARG A 100 13.67 1.43 -40.82
CA ARG A 100 12.81 2.62 -40.82
C ARG A 100 11.61 2.42 -39.92
N ALA A 101 10.87 1.32 -40.11
CA ALA A 101 9.70 1.06 -39.29
C ALA A 101 10.07 0.82 -37.84
N ALA A 102 11.24 0.23 -37.58
CA ALA A 102 11.61 -0.09 -36.21
C ALA A 102 12.03 1.15 -35.42
N LEU A 103 12.78 2.05 -36.06
CA LEU A 103 13.43 3.14 -35.34
C LEU A 103 12.74 4.49 -35.51
N GLU A 104 12.01 4.71 -36.60
CA GLU A 104 11.48 6.04 -36.87
C GLU A 104 9.99 6.17 -36.58
N THR A 105 9.22 5.10 -36.76
CA THR A 105 7.78 5.14 -36.53
C THR A 105 7.43 4.31 -35.29
N ASP A 106 6.44 4.78 -34.55
CA ASP A 106 5.93 4.07 -33.38
C ASP A 106 4.70 3.25 -33.76
N GLU A 107 4.92 2.26 -34.62
CA GLU A 107 3.85 1.46 -35.20
C GLU A 107 4.02 0.00 -34.80
N ASN A 108 2.89 -0.67 -34.56
CA ASN A 108 2.92 -2.10 -34.29
C ASN A 108 3.52 -2.85 -35.45
N LEU A 109 4.36 -3.83 -35.16
CA LEU A 109 5.08 -4.53 -36.22
C LEU A 109 4.85 -6.03 -36.15
N LEU A 110 4.90 -6.67 -37.31
CA LEU A 110 4.87 -8.13 -37.41
C LEU A 110 5.88 -8.54 -38.48
N LEU A 111 6.97 -9.17 -38.05
CA LEU A 111 8.05 -9.57 -38.94
C LEU A 111 8.00 -11.07 -39.12
N CYS A 112 7.69 -11.50 -40.34
CA CYS A 112 7.61 -12.92 -40.69
C CYS A 112 8.82 -13.24 -41.57
N ALA A 113 9.87 -13.76 -40.95
CA ALA A 113 11.12 -14.08 -41.63
C ALA A 113 11.55 -15.49 -41.26
N PRO A 114 12.32 -16.15 -42.13
CA PRO A 114 12.86 -17.47 -41.78
C PRO A 114 13.79 -17.37 -40.58
N THR A 115 13.82 -18.45 -39.81
CA THR A 115 14.59 -18.48 -38.57
C THR A 115 16.08 -18.30 -38.86
N GLY A 116 16.78 -17.70 -37.90
CA GLY A 116 18.18 -17.39 -38.07
C GLY A 116 18.47 -16.18 -38.91
N ALA A 117 17.46 -15.38 -39.24
CA ALA A 117 17.62 -14.22 -40.10
C ALA A 117 17.85 -12.93 -39.32
N GLY A 118 18.05 -13.02 -38.02
CA GLY A 118 18.36 -11.84 -37.23
C GLY A 118 17.14 -11.04 -36.82
N LYS A 119 16.11 -11.73 -36.34
CA LYS A 119 14.93 -11.03 -35.85
C LYS A 119 15.17 -10.40 -34.48
N THR A 120 16.11 -10.95 -33.71
CA THR A 120 16.43 -10.37 -32.41
C THR A 120 17.00 -8.97 -32.55
N ASN A 121 17.72 -8.69 -33.63
CA ASN A 121 18.26 -7.36 -33.84
C ASN A 121 17.15 -6.36 -34.17
N VAL A 122 16.10 -6.79 -34.88
CA VAL A 122 14.96 -5.92 -35.10
C VAL A 122 14.28 -5.57 -33.78
N ALA A 123 14.14 -6.57 -32.90
CA ALA A 123 13.61 -6.32 -31.57
C ALA A 123 14.49 -5.34 -30.81
N LEU A 124 15.81 -5.47 -30.96
CA LEU A 124 16.70 -4.51 -30.31
C LEU A 124 16.53 -3.11 -30.90
N MET A 125 16.28 -3.02 -32.21
CA MET A 125 16.03 -1.71 -32.81
C MET A 125 14.78 -1.07 -32.22
N CYS A 126 13.72 -1.86 -32.02
CA CYS A 126 12.53 -1.34 -31.36
C CYS A 126 12.83 -0.91 -29.92
N MET A 127 13.62 -1.72 -29.21
CA MET A 127 13.99 -1.37 -27.85
C MET A 127 14.82 -0.08 -27.81
N LEU A 128 15.71 0.09 -28.79
CA LEU A 128 16.49 1.31 -28.90
C LEU A 128 15.60 2.51 -29.20
N ARG A 129 14.56 2.31 -30.00
CA ARG A 129 13.57 3.37 -30.19
C ARG A 129 12.97 3.79 -28.86
N GLU A 130 12.49 2.81 -28.09
CA GLU A 130 11.86 3.12 -26.80
C GLU A 130 12.84 3.80 -25.86
N ILE A 131 14.10 3.36 -25.88
CA ILE A 131 15.13 4.03 -25.07
C ILE A 131 15.35 5.45 -25.56
N GLY A 132 15.37 5.65 -26.88
CA GLY A 132 15.60 6.97 -27.44
C GLY A 132 14.50 7.94 -27.11
N LYS A 133 13.32 7.43 -26.74
CA LYS A 133 12.29 8.33 -26.24
C LYS A 133 12.67 8.89 -24.87
N HIS A 134 13.79 8.45 -24.30
CA HIS A 134 14.23 8.89 -22.97
C HIS A 134 15.73 9.21 -22.95
N ILE A 135 16.20 9.98 -23.92
CA ILE A 135 17.63 10.34 -23.96
C ILE A 135 18.00 11.42 -22.97
N ASN A 136 17.02 12.07 -22.35
CA ASN A 136 17.22 12.97 -21.20
C ASN A 136 18.21 14.06 -21.62
N MET A 137 19.30 14.29 -20.88
CA MET A 137 20.31 15.27 -21.25
C MET A 137 21.66 14.77 -20.81
N ASP A 138 22.71 15.22 -21.51
CA ASP A 138 24.10 14.83 -21.22
C ASP A 138 24.28 13.32 -21.32
N GLY A 139 23.68 12.71 -22.34
CA GLY A 139 23.89 11.30 -22.61
C GLY A 139 23.50 10.36 -21.49
N THR A 140 22.39 10.65 -20.80
CA THR A 140 21.88 9.79 -19.76
C THR A 140 20.49 9.30 -20.15
N ILE A 141 20.04 8.23 -19.50
CA ILE A 141 18.77 7.62 -19.81
C ILE A 141 17.90 7.63 -18.56
N ASN A 142 16.63 8.03 -18.72
CA ASN A 142 15.68 7.99 -17.62
C ASN A 142 15.38 6.53 -17.29
N VAL A 143 16.03 6.02 -16.25
CA VAL A 143 15.98 4.59 -15.95
C VAL A 143 14.59 4.18 -15.47
N ASP A 144 13.94 5.03 -14.67
CA ASP A 144 12.69 4.69 -14.03
C ASP A 144 11.47 5.16 -14.82
N ASP A 145 11.65 5.59 -16.06
CA ASP A 145 10.54 6.13 -16.83
C ASP A 145 9.84 5.09 -17.71
N PHE A 146 10.45 3.94 -17.96
CA PHE A 146 9.89 2.99 -18.91
C PHE A 146 10.29 1.58 -18.52
N LYS A 147 9.54 0.62 -19.07
CA LYS A 147 9.90 -0.79 -19.00
C LYS A 147 9.55 -1.46 -20.33
N ILE A 148 10.34 -2.47 -20.67
CA ILE A 148 10.16 -3.23 -21.90
C ILE A 148 9.98 -4.70 -21.52
N ILE A 149 8.98 -5.34 -22.12
CA ILE A 149 8.70 -6.76 -21.87
C ILE A 149 9.05 -7.54 -23.12
N TYR A 150 9.96 -8.49 -22.97
CA TYR A 150 10.38 -9.39 -24.05
C TYR A 150 9.89 -10.80 -23.70
N ILE A 151 9.01 -11.32 -24.54
CA ILE A 151 8.40 -12.63 -24.33
C ILE A 151 9.13 -13.64 -25.19
N ALA A 152 9.66 -14.68 -24.55
CA ALA A 152 10.39 -15.73 -25.25
C ALA A 152 9.78 -17.09 -24.95
N PRO A 153 9.82 -18.01 -25.88
CA PRO A 153 9.08 -19.27 -25.71
C PRO A 153 9.80 -20.30 -24.85
N MET A 154 11.13 -20.28 -24.83
CA MET A 154 11.92 -21.26 -24.11
C MET A 154 12.80 -20.57 -23.08
N ARG A 155 12.86 -21.13 -21.88
CA ARG A 155 13.64 -20.52 -20.81
C ARG A 155 15.12 -20.50 -21.14
N SER A 156 15.61 -21.58 -21.75
CA SER A 156 17.00 -21.61 -22.18
C SER A 156 17.29 -20.50 -23.17
N LEU A 157 16.29 -20.10 -23.96
CA LEU A 157 16.42 -18.89 -24.76
C LEU A 157 16.34 -17.64 -23.91
N VAL A 158 15.53 -17.65 -22.86
CA VAL A 158 15.38 -16.47 -22.03
C VAL A 158 16.72 -16.08 -21.41
N GLN A 159 17.47 -17.07 -20.92
CA GLN A 159 18.75 -16.78 -20.29
C GLN A 159 19.74 -16.20 -21.30
N GLU A 160 19.80 -16.77 -22.50
CA GLU A 160 20.71 -16.25 -23.51
C GLU A 160 20.29 -14.87 -23.97
N MET A 161 18.98 -14.61 -24.07
CA MET A 161 18.51 -13.28 -24.39
C MET A 161 18.94 -12.29 -23.33
N VAL A 162 18.82 -12.67 -22.06
CA VAL A 162 19.24 -11.78 -20.97
C VAL A 162 20.73 -11.48 -21.09
N GLY A 163 21.54 -12.51 -21.30
CA GLY A 163 22.98 -12.28 -21.41
C GLY A 163 23.34 -11.40 -22.60
N SER A 164 22.78 -11.70 -23.77
CA SER A 164 23.11 -10.94 -24.97
C SER A 164 22.66 -9.50 -24.85
N PHE A 165 21.45 -9.27 -24.33
CA PHE A 165 20.95 -7.90 -24.21
C PHE A 165 21.69 -7.12 -23.13
N GLY A 166 22.13 -7.79 -22.06
CA GLY A 166 22.98 -7.13 -21.09
C GLY A 166 24.31 -6.72 -21.69
N LYS A 167 24.88 -7.58 -22.55
CA LYS A 167 26.13 -7.23 -23.22
C LYS A 167 25.93 -6.08 -24.21
N ARG A 168 24.83 -6.11 -24.97
CA ARG A 168 24.63 -5.10 -26.01
C ARG A 168 24.24 -3.75 -25.41
N LEU A 169 23.33 -3.73 -24.44
CA LEU A 169 22.80 -2.50 -23.88
C LEU A 169 23.53 -2.05 -22.62
N ALA A 170 24.75 -2.53 -22.41
CA ALA A 170 25.49 -2.18 -21.20
C ALA A 170 25.82 -0.69 -21.17
N THR A 171 26.21 -0.11 -22.32
CA THR A 171 26.66 1.27 -22.36
C THR A 171 25.54 2.26 -22.01
N TYR A 172 24.28 1.84 -22.10
CA TYR A 172 23.16 2.71 -21.80
C TYR A 172 22.79 2.73 -20.32
N GLY A 173 23.49 1.96 -19.49
CA GLY A 173 23.13 1.86 -18.09
C GLY A 173 21.75 1.26 -17.88
N ILE A 174 21.42 0.22 -18.64
CA ILE A 174 20.10 -0.40 -18.62
C ILE A 174 20.27 -1.86 -18.23
N THR A 175 19.47 -2.31 -17.26
CA THR A 175 19.58 -3.65 -16.70
C THR A 175 18.48 -4.55 -17.27
N VAL A 176 18.87 -5.74 -17.72
CA VAL A 176 17.96 -6.75 -18.23
C VAL A 176 18.07 -7.97 -17.33
N ALA A 177 16.94 -8.62 -17.07
CA ALA A 177 16.95 -9.76 -16.16
C ALA A 177 15.77 -10.68 -16.46
N GLU A 178 15.96 -11.96 -16.15
CA GLU A 178 14.90 -12.95 -16.27
C GLU A 178 13.88 -12.77 -15.14
N LEU A 179 12.62 -13.07 -15.45
CA LEU A 179 11.52 -12.87 -14.51
C LEU A 179 11.31 -14.05 -13.58
N THR A 180 12.12 -15.11 -13.68
CA THR A 180 11.89 -16.30 -12.88
C THR A 180 12.06 -16.00 -11.40
N GLY A 181 11.35 -16.76 -10.57
CA GLY A 181 11.44 -16.67 -9.13
C GLY A 181 10.08 -16.57 -8.49
N ASP A 182 10.10 -16.42 -7.17
CA ASP A 182 8.87 -16.24 -6.40
C ASP A 182 8.24 -14.89 -6.75
N HIS A 183 6.92 -14.82 -6.58
CA HIS A 183 6.18 -13.62 -6.96
C HIS A 183 6.70 -12.40 -6.21
N GLN A 184 6.96 -12.53 -4.91
CA GLN A 184 7.55 -11.43 -4.16
C GLN A 184 8.93 -11.10 -4.68
N LEU A 185 9.75 -12.13 -4.95
CA LEU A 185 11.02 -11.93 -5.62
C LEU A 185 10.83 -11.30 -6.99
N CYS A 186 9.78 -11.75 -7.71
CA CYS A 186 9.47 -11.15 -9.01
C CYS A 186 9.11 -9.67 -8.86
N LYS A 187 8.40 -9.31 -7.78
CA LYS A 187 8.05 -7.91 -7.57
C LYS A 187 9.28 -7.03 -7.51
N GLU A 188 10.27 -7.41 -6.72
CA GLU A 188 11.47 -6.60 -6.60
C GLU A 188 12.32 -6.66 -7.87
N GLU A 189 12.36 -7.83 -8.53
CA GLU A 189 13.11 -7.93 -9.78
C GLU A 189 12.57 -6.96 -10.82
N ILE A 190 11.25 -6.91 -10.97
CA ILE A 190 10.65 -6.03 -11.97
C ILE A 190 10.93 -4.57 -11.63
N SER A 191 10.77 -4.20 -10.37
CA SER A 191 11.02 -2.82 -9.96
C SER A 191 12.45 -2.41 -10.25
N ALA A 192 13.39 -3.36 -10.16
CA ALA A 192 14.79 -3.04 -10.36
C ALA A 192 15.12 -2.81 -11.84
N THR A 193 14.63 -3.68 -12.71
CA THR A 193 15.11 -3.74 -14.09
C THR A 193 14.19 -2.98 -15.04
N GLN A 194 14.70 -2.77 -16.25
CA GLN A 194 13.97 -2.08 -17.31
C GLN A 194 13.51 -3.00 -18.42
N ILE A 195 14.30 -3.99 -18.81
CA ILE A 195 13.91 -5.00 -19.79
C ILE A 195 13.72 -6.31 -19.05
N ILE A 196 12.53 -6.90 -19.17
CA ILE A 196 12.17 -8.14 -18.51
C ILE A 196 11.96 -9.19 -19.59
N VAL A 197 12.78 -10.23 -19.57
CA VAL A 197 12.67 -11.33 -20.52
C VAL A 197 12.05 -12.51 -19.80
N CYS A 198 10.94 -13.01 -20.33
CA CYS A 198 10.21 -14.08 -19.64
C CYS A 198 9.44 -14.91 -20.65
N THR A 199 9.01 -16.10 -20.19
CA THR A 199 8.17 -17.04 -20.91
C THR A 199 6.71 -16.58 -20.88
N PRO A 200 5.91 -16.98 -21.87
CA PRO A 200 4.49 -16.56 -21.86
C PRO A 200 3.76 -16.98 -20.59
N GLU A 201 4.03 -18.19 -20.09
CA GLU A 201 3.37 -18.66 -18.89
C GLU A 201 3.76 -17.82 -17.69
N LYS A 202 5.04 -17.45 -17.59
CA LYS A 202 5.50 -16.68 -16.45
C LYS A 202 4.87 -15.29 -16.43
N TRP A 203 4.88 -14.60 -17.57
CA TRP A 203 4.26 -13.29 -17.65
C TRP A 203 2.76 -13.39 -17.37
N ASP A 204 2.11 -14.43 -17.92
CA ASP A 204 0.68 -14.57 -17.72
C ASP A 204 0.34 -14.82 -16.25
N ILE A 205 1.13 -15.66 -15.57
CA ILE A 205 0.84 -15.94 -14.16
C ILE A 205 1.12 -14.71 -13.31
N ILE A 206 2.16 -13.95 -13.65
CA ILE A 206 2.41 -12.72 -12.90
C ILE A 206 1.26 -11.74 -13.09
N THR A 207 0.74 -11.64 -14.32
CA THR A 207 -0.40 -10.77 -14.55
C THR A 207 -1.63 -11.24 -13.80
N ARG A 208 -1.88 -12.55 -13.79
CA ARG A 208 -3.03 -13.08 -13.06
C ARG A 208 -2.92 -12.79 -11.57
N LYS A 209 -1.73 -12.96 -11.01
CA LYS A 209 -1.51 -12.71 -9.59
C LYS A 209 -1.61 -11.22 -9.25
N GLY A 210 -1.64 -10.34 -10.25
CA GLY A 210 -1.68 -8.92 -10.00
C GLY A 210 -0.32 -8.29 -9.76
N GLY A 211 0.77 -9.02 -9.96
CA GLY A 211 2.09 -8.46 -9.74
C GLY A 211 2.50 -7.42 -10.77
N GLU A 212 1.83 -7.39 -11.92
CA GLU A 212 2.13 -6.42 -12.95
C GLU A 212 1.41 -5.10 -12.75
N ARG A 213 0.57 -4.99 -11.72
CA ARG A 213 -0.30 -3.84 -11.57
C ARG A 213 0.49 -2.56 -11.33
N THR A 214 1.53 -2.63 -10.50
CA THR A 214 2.22 -1.41 -10.07
C THR A 214 2.93 -0.72 -11.22
N TYR A 215 3.60 -1.48 -12.08
CA TYR A 215 4.41 -0.93 -13.15
C TYR A 215 3.75 -1.02 -14.52
N THR A 216 2.47 -1.35 -14.57
CA THR A 216 1.81 -1.56 -15.86
C THR A 216 1.77 -0.29 -16.69
N GLN A 217 1.86 0.89 -16.06
CA GLN A 217 1.90 2.14 -16.80
C GLN A 217 3.28 2.45 -17.35
N LEU A 218 4.32 1.77 -16.87
CA LEU A 218 5.67 1.99 -17.36
C LEU A 218 6.03 1.07 -18.52
N VAL A 219 5.18 0.10 -18.84
CA VAL A 219 5.43 -0.81 -19.95
C VAL A 219 4.99 -0.15 -21.24
N ARG A 220 5.96 0.23 -22.08
CA ARG A 220 5.67 0.88 -23.35
C ARG A 220 5.84 -0.03 -24.55
N LEU A 221 6.71 -1.03 -24.46
CA LEU A 221 7.00 -1.91 -25.58
C LEU A 221 6.90 -3.37 -25.12
N ILE A 222 6.20 -4.18 -25.91
CA ILE A 222 6.09 -5.61 -25.66
C ILE A 222 6.47 -6.35 -26.93
N ILE A 223 7.40 -7.30 -26.80
CA ILE A 223 7.92 -8.05 -27.93
C ILE A 223 7.51 -9.51 -27.77
N LEU A 224 6.74 -10.00 -28.74
CA LEU A 224 6.29 -11.38 -28.79
C LEU A 224 7.23 -12.11 -29.75
N ASP A 225 8.34 -12.58 -29.21
CA ASP A 225 9.25 -13.41 -30.00
C ASP A 225 8.61 -14.77 -30.24
N GLU A 226 8.80 -15.28 -31.46
CA GLU A 226 8.25 -16.57 -31.86
C GLU A 226 6.74 -16.58 -31.68
N ILE A 227 6.08 -15.59 -32.29
CA ILE A 227 4.65 -15.40 -32.10
C ILE A 227 3.81 -16.39 -32.90
N HIS A 228 4.42 -17.17 -33.78
CA HIS A 228 3.73 -18.22 -34.48
C HIS A 228 3.49 -19.45 -33.61
N LEU A 229 3.94 -19.41 -32.36
CA LEU A 229 3.84 -20.57 -31.48
C LEU A 229 2.38 -20.93 -31.19
N LEU A 230 1.47 -19.99 -31.38
CA LEU A 230 0.05 -20.13 -31.01
C LEU A 230 -0.53 -21.50 -31.32
N HIS A 231 -0.13 -22.08 -32.47
CA HIS A 231 -0.63 -23.39 -32.87
C HIS A 231 -0.20 -24.51 -31.92
N ASP A 232 0.82 -24.27 -31.08
CA ASP A 232 1.42 -25.28 -30.22
C ASP A 232 0.63 -25.56 -28.95
N ASP A 233 -0.63 -25.14 -28.88
CA ASP A 233 -1.53 -25.28 -27.73
C ASP A 233 -1.12 -24.40 -26.56
N ARG A 234 -0.07 -23.62 -26.68
CA ARG A 234 0.15 -22.49 -25.79
C ARG A 234 -0.61 -21.27 -26.28
N GLY A 235 -1.32 -21.42 -27.40
CA GLY A 235 -2.14 -20.37 -27.96
C GLY A 235 -3.07 -19.74 -26.96
N PRO A 236 -3.72 -20.53 -26.11
CA PRO A 236 -4.43 -19.92 -24.98
C PRO A 236 -3.57 -18.94 -24.19
N VAL A 237 -2.39 -19.37 -23.76
CA VAL A 237 -1.56 -18.53 -22.90
C VAL A 237 -1.16 -17.24 -23.61
N LEU A 238 -0.85 -17.32 -24.91
CA LEU A 238 -0.36 -16.16 -25.64
C LEU A 238 -1.51 -15.27 -26.11
N GLU A 239 -2.55 -15.88 -26.68
CA GLU A 239 -3.74 -15.16 -27.10
C GLU A 239 -4.34 -14.38 -25.94
N ALA A 240 -4.43 -14.99 -24.77
CA ALA A 240 -4.99 -14.28 -23.62
C ALA A 240 -4.16 -13.04 -23.32
N LEU A 241 -2.83 -13.17 -23.36
CA LEU A 241 -1.96 -12.03 -23.09
C LEU A 241 -2.17 -10.93 -24.11
N VAL A 242 -2.14 -11.27 -25.40
CA VAL A 242 -2.24 -10.25 -26.43
C VAL A 242 -3.61 -9.58 -26.40
N ALA A 243 -4.66 -10.38 -26.25
CA ALA A 243 -6.01 -9.81 -26.18
C ALA A 243 -6.17 -8.93 -24.96
N ARG A 244 -5.61 -9.35 -23.82
CA ARG A 244 -5.65 -8.54 -22.62
C ARG A 244 -4.94 -7.22 -22.84
N ALA A 245 -3.78 -7.25 -23.50
CA ALA A 245 -3.03 -6.01 -23.74
C ALA A 245 -3.78 -5.08 -24.67
N ILE A 246 -4.34 -5.61 -25.76
CA ILE A 246 -5.06 -4.78 -26.72
C ILE A 246 -6.30 -4.17 -26.07
N ARG A 247 -7.06 -5.01 -25.36
CA ARG A 247 -8.25 -4.52 -24.67
C ARG A 247 -7.89 -3.50 -23.61
N ASN A 248 -6.76 -3.70 -22.94
CA ASN A 248 -6.26 -2.70 -21.98
C ASN A 248 -5.93 -1.40 -22.67
N ILE A 249 -5.37 -1.47 -23.88
CA ILE A 249 -5.10 -0.26 -24.65
C ILE A 249 -6.40 0.50 -24.91
N GLU A 250 -7.44 -0.22 -25.34
CA GLU A 250 -8.72 0.44 -25.58
C GLU A 250 -9.33 0.99 -24.28
N MET A 251 -9.23 0.24 -23.19
CA MET A 251 -9.82 0.68 -21.94
C MET A 251 -9.13 1.92 -21.41
N THR A 252 -7.82 1.88 -21.21
CA THR A 252 -7.12 2.98 -20.59
C THR A 252 -6.68 4.05 -21.57
N GLN A 253 -6.94 3.86 -22.87
CA GLN A 253 -6.56 4.81 -23.90
C GLN A 253 -5.05 5.02 -23.97
N GLU A 254 -4.30 4.28 -23.15
CA GLU A 254 -2.86 4.34 -23.19
C GLU A 254 -2.33 3.54 -24.36
N ASP A 255 -1.15 3.94 -24.86
CA ASP A 255 -0.55 3.35 -26.04
C ASP A 255 0.60 2.44 -25.64
N VAL A 256 0.54 1.18 -26.08
CA VAL A 256 1.61 0.21 -25.89
C VAL A 256 1.91 -0.40 -27.24
N ARG A 257 3.20 -0.45 -27.60
CA ARG A 257 3.61 -0.91 -28.91
C ARG A 257 3.95 -2.39 -28.87
N LEU A 258 3.37 -3.15 -29.81
CA LEU A 258 3.56 -4.59 -29.89
C LEU A 258 4.39 -4.95 -31.12
N ILE A 259 5.42 -5.75 -30.91
CA ILE A 259 6.31 -6.21 -31.96
C ILE A 259 6.27 -7.74 -31.98
N GLY A 260 5.65 -8.30 -33.02
CA GLY A 260 5.61 -9.74 -33.15
C GLY A 260 6.66 -10.26 -34.11
N LEU A 261 7.36 -11.32 -33.70
CA LEU A 261 8.36 -11.97 -34.53
C LEU A 261 7.89 -13.39 -34.81
N SER A 262 7.81 -13.75 -36.08
CA SER A 262 7.24 -15.02 -36.50
C SER A 262 8.06 -15.59 -37.65
N ALA A 263 7.88 -16.88 -37.88
CA ALA A 263 8.43 -17.55 -39.04
C ALA A 263 7.47 -17.42 -40.22
N THR A 264 7.98 -17.66 -41.41
CA THR A 264 7.18 -17.54 -42.62
C THR A 264 6.16 -18.68 -42.65
N LEU A 265 4.88 -18.33 -42.57
CA LEU A 265 3.81 -19.32 -42.51
C LEU A 265 2.57 -18.74 -43.16
N PRO A 266 1.64 -19.58 -43.61
CA PRO A 266 0.41 -19.07 -44.22
C PRO A 266 -0.49 -18.38 -43.20
N ASN A 267 -1.40 -17.57 -43.73
CA ASN A 267 -2.39 -16.83 -42.94
C ASN A 267 -1.71 -15.89 -41.94
N TYR A 268 -0.56 -15.33 -42.30
CA TYR A 268 0.13 -14.39 -41.43
C TYR A 268 -0.66 -13.10 -41.26
N GLU A 269 -1.38 -12.70 -42.31
CA GLU A 269 -2.22 -11.50 -42.24
C GLU A 269 -3.26 -11.61 -41.14
N ASP A 270 -3.73 -12.82 -40.85
CA ASP A 270 -4.64 -13.00 -39.72
C ASP A 270 -3.95 -12.68 -38.40
N VAL A 271 -2.69 -13.07 -38.26
CA VAL A 271 -1.94 -12.72 -37.07
C VAL A 271 -1.74 -11.21 -36.99
N ALA A 272 -1.46 -10.58 -38.13
CA ALA A 272 -1.30 -9.12 -38.15
C ALA A 272 -2.58 -8.43 -37.70
N THR A 273 -3.73 -8.90 -38.18
CA THR A 273 -5.00 -8.37 -37.72
C THR A 273 -5.19 -8.61 -36.23
N PHE A 274 -4.84 -9.82 -35.76
CA PHE A 274 -4.95 -10.12 -34.35
C PHE A 274 -4.01 -9.27 -33.51
N LEU A 275 -2.90 -8.83 -34.10
CA LEU A 275 -1.91 -8.01 -33.40
C LEU A 275 -2.20 -6.51 -33.52
N ARG A 276 -3.27 -6.12 -34.20
CA ARG A 276 -3.55 -4.71 -34.49
C ARG A 276 -2.41 -4.08 -35.27
N VAL A 277 -1.99 -4.76 -36.34
CA VAL A 277 -0.89 -4.32 -37.18
C VAL A 277 -1.44 -3.89 -38.52
N ASP A 278 -1.06 -2.70 -38.96
CA ASP A 278 -1.50 -2.19 -40.26
C ASP A 278 -0.80 -2.96 -41.37
N PRO A 279 -1.53 -3.64 -42.25
CA PRO A 279 -0.85 -4.37 -43.34
C PRO A 279 -0.05 -3.47 -44.27
N ALA A 280 -0.50 -2.24 -44.49
CA ALA A 280 0.19 -1.36 -45.43
C ALA A 280 1.55 -0.93 -44.90
N LYS A 281 1.67 -0.73 -43.59
CA LYS A 281 2.89 -0.16 -43.01
C LYS A 281 3.64 -1.14 -42.12
N GLY A 282 2.96 -1.74 -41.14
CA GLY A 282 3.62 -2.54 -40.12
C GLY A 282 3.82 -4.01 -40.42
N LEU A 283 3.46 -4.47 -41.62
CA LEU A 283 3.54 -5.89 -41.96
C LEU A 283 4.73 -6.13 -42.88
N PHE A 284 5.65 -6.98 -42.44
CA PHE A 284 6.80 -7.37 -43.24
C PHE A 284 6.86 -8.89 -43.28
N TYR A 285 6.86 -9.46 -44.48
CA TYR A 285 6.85 -10.90 -44.67
C TYR A 285 7.95 -11.28 -45.65
N PHE A 286 8.77 -12.25 -45.27
CA PHE A 286 9.89 -12.70 -46.08
C PHE A 286 9.86 -14.22 -46.17
N ASP A 287 10.01 -14.74 -47.39
CA ASP A 287 9.95 -16.18 -47.60
C ASP A 287 11.34 -16.80 -47.35
N ASN A 288 11.47 -18.10 -47.65
CA ASN A 288 12.70 -18.81 -47.37
C ASN A 288 13.88 -18.27 -48.17
N SER A 289 13.62 -17.54 -49.26
CA SER A 289 14.70 -16.98 -50.06
C SER A 289 15.49 -15.95 -49.26
N PHE A 290 14.80 -15.15 -48.47
CA PHE A 290 15.43 -14.07 -47.71
C PHE A 290 16.41 -14.57 -46.66
N ARG A 291 16.55 -15.88 -46.54
CA ARG A 291 17.49 -16.48 -45.61
C ARG A 291 18.88 -15.89 -45.85
N PRO A 292 19.48 -15.23 -44.85
CA PRO A 292 20.79 -14.59 -45.06
C PRO A 292 21.84 -15.54 -45.57
N VAL A 293 21.99 -16.68 -44.91
CA VAL A 293 22.95 -17.71 -45.29
C VAL A 293 22.16 -18.87 -45.91
N PRO A 294 22.33 -19.16 -47.19
CA PRO A 294 21.56 -20.24 -47.81
C PRO A 294 21.84 -21.57 -47.13
N LEU A 295 20.79 -22.35 -46.95
CA LEU A 295 20.90 -23.67 -46.34
C LEU A 295 19.96 -24.64 -47.06
N GLU A 296 20.40 -25.88 -47.19
CA GLU A 296 19.62 -26.93 -47.83
C GLU A 296 18.95 -27.78 -46.77
N GLN A 297 17.64 -27.97 -46.90
CA GLN A 297 16.90 -28.76 -45.91
C GLN A 297 16.80 -30.21 -46.39
N THR A 298 17.29 -31.13 -45.57
CA THR A 298 17.34 -32.55 -45.92
C THR A 298 16.52 -33.33 -44.89
N TYR A 299 15.38 -33.84 -45.32
CA TYR A 299 14.49 -34.64 -44.49
C TYR A 299 14.76 -36.12 -44.72
N VAL A 300 14.56 -36.92 -43.69
CA VAL A 300 14.63 -38.38 -43.80
C VAL A 300 13.43 -38.95 -43.05
N GLY A 301 12.71 -39.87 -43.71
CA GLY A 301 11.55 -40.50 -43.14
C GLY A 301 11.65 -42.01 -43.15
N ILE A 302 11.65 -42.62 -41.97
CA ILE A 302 11.80 -44.06 -41.83
C ILE A 302 10.43 -44.71 -41.77
N THR A 303 10.21 -45.71 -42.63
CA THR A 303 8.97 -46.47 -42.62
C THR A 303 9.03 -47.69 -41.70
N GLU A 304 10.16 -47.92 -41.03
CA GLU A 304 10.30 -49.09 -40.18
C GLU A 304 9.29 -49.07 -39.04
N LYS A 305 8.65 -50.21 -38.80
CA LYS A 305 7.58 -50.31 -37.81
C LYS A 305 8.12 -50.68 -36.42
N LYS A 306 8.80 -51.82 -36.31
CA LYS A 306 9.29 -52.23 -35.01
C LYS A 306 10.39 -51.29 -34.52
N ALA A 307 10.35 -50.99 -33.22
CA ALA A 307 11.16 -49.90 -32.68
C ALA A 307 12.65 -50.22 -32.75
N ILE A 308 13.04 -51.47 -32.44
CA ILE A 308 14.46 -51.79 -32.33
C ILE A 308 15.16 -51.58 -33.67
N LYS A 309 14.56 -52.05 -34.77
CA LYS A 309 15.19 -51.91 -36.07
C LYS A 309 15.20 -50.45 -36.52
N ARG A 310 14.15 -49.69 -36.22
CA ARG A 310 14.12 -48.28 -36.58
C ARG A 310 15.26 -47.52 -35.90
N PHE A 311 15.40 -47.73 -34.58
CA PHE A 311 16.50 -47.11 -33.85
C PHE A 311 17.86 -47.59 -34.37
N GLN A 312 17.95 -48.85 -34.76
CA GLN A 312 19.20 -49.36 -35.32
C GLN A 312 19.53 -48.67 -36.65
N ILE A 313 18.52 -48.45 -37.49
CA ILE A 313 18.73 -47.78 -38.77
C ILE A 313 19.25 -46.37 -38.56
N MET A 314 18.69 -45.67 -37.56
CA MET A 314 19.06 -44.27 -37.36
C MET A 314 20.55 -44.08 -37.15
N ASN A 315 21.21 -45.03 -36.48
CA ASN A 315 22.64 -44.90 -36.21
C ASN A 315 23.44 -44.80 -37.50
N GLU A 316 23.24 -45.75 -38.41
CA GLU A 316 23.98 -45.71 -39.66
C GLU A 316 23.48 -44.61 -40.58
N ILE A 317 22.24 -44.15 -40.44
CA ILE A 317 21.80 -42.97 -41.17
C ILE A 317 22.67 -41.77 -40.78
N VAL A 318 22.79 -41.54 -39.47
CA VAL A 318 23.62 -40.43 -38.99
C VAL A 318 25.04 -40.60 -39.46
N TYR A 319 25.59 -41.80 -39.33
CA TYR A 319 26.98 -42.04 -39.73
C TYR A 319 27.18 -41.75 -41.22
N GLU A 320 26.26 -42.25 -42.05
CA GLU A 320 26.35 -42.07 -43.49
C GLU A 320 26.39 -40.60 -43.85
N LYS A 321 25.46 -39.82 -43.30
CA LYS A 321 25.46 -38.39 -43.64
C LYS A 321 26.64 -37.66 -43.02
N ILE A 322 27.09 -38.11 -41.85
CA ILE A 322 28.26 -37.52 -41.19
C ILE A 322 29.48 -37.64 -42.07
N MET A 323 29.62 -38.78 -42.76
CA MET A 323 30.82 -39.00 -43.56
C MET A 323 30.91 -38.06 -44.77
N GLU A 324 29.80 -37.46 -45.19
CA GLU A 324 29.85 -36.52 -46.31
C GLU A 324 30.67 -35.28 -45.94
N HIS A 325 30.49 -34.77 -44.73
CA HIS A 325 31.22 -33.60 -44.24
C HIS A 325 32.20 -33.99 -43.15
N ALA A 326 32.85 -35.14 -43.32
CA ALA A 326 33.74 -35.66 -42.28
C ALA A 326 34.98 -34.77 -42.13
N GLY A 327 35.56 -34.34 -43.24
CA GLY A 327 36.81 -33.63 -43.18
C GLY A 327 36.75 -32.16 -43.55
N LYS A 328 35.58 -31.68 -43.97
CA LYS A 328 35.47 -30.33 -44.49
C LYS A 328 34.50 -29.42 -43.75
N ASN A 329 33.54 -29.97 -43.00
CA ASN A 329 32.52 -29.14 -42.36
C ASN A 329 32.26 -29.58 -40.94
N GLN A 330 32.16 -28.62 -40.03
CA GLN A 330 31.78 -28.89 -38.64
C GLN A 330 30.32 -29.32 -38.59
N VAL A 331 30.08 -30.52 -38.09
CA VAL A 331 28.71 -31.03 -37.99
C VAL A 331 28.23 -30.94 -36.55
N LEU A 332 27.03 -30.41 -36.39
CA LEU A 332 26.34 -30.35 -35.11
C LEU A 332 25.15 -31.28 -35.15
N VAL A 333 25.09 -32.21 -34.21
CA VAL A 333 24.00 -33.18 -34.12
C VAL A 333 23.18 -32.84 -32.88
N PHE A 334 21.87 -32.98 -32.99
CA PHE A 334 20.97 -32.75 -31.87
C PHE A 334 20.28 -34.04 -31.46
N VAL A 335 20.11 -34.22 -30.15
CA VAL A 335 19.44 -35.38 -29.59
C VAL A 335 18.39 -34.92 -28.61
N HIS A 336 17.43 -35.81 -28.33
CA HIS A 336 16.26 -35.41 -27.56
C HIS A 336 16.58 -35.25 -26.07
N SER A 337 17.38 -36.15 -25.51
CA SER A 337 17.56 -36.21 -24.07
C SER A 337 19.01 -35.94 -23.69
N ARG A 338 19.20 -35.56 -22.42
CA ARG A 338 20.52 -35.21 -21.92
C ARG A 338 21.46 -36.41 -21.92
N LYS A 339 20.96 -37.59 -21.53
CA LYS A 339 21.81 -38.77 -21.50
C LYS A 339 22.13 -39.27 -22.91
N GLU A 340 21.21 -39.07 -23.86
CA GLU A 340 21.40 -39.58 -25.21
C GLU A 340 22.60 -38.95 -25.91
N THR A 341 23.05 -37.78 -25.44
CA THR A 341 24.16 -37.10 -26.10
C THR A 341 25.42 -37.96 -26.09
N GLY A 342 25.83 -38.39 -24.88
CA GLY A 342 27.04 -39.19 -24.78
C GLY A 342 26.89 -40.55 -25.43
N LYS A 343 25.71 -41.15 -25.32
CA LYS A 343 25.46 -42.43 -25.96
C LYS A 343 25.60 -42.33 -27.49
N THR A 344 25.01 -41.28 -28.06
CA THR A 344 25.12 -41.08 -29.51
C THR A 344 26.57 -40.82 -29.91
N ALA A 345 27.29 -40.02 -29.13
CA ALA A 345 28.69 -39.73 -29.45
C ALA A 345 29.53 -41.00 -29.42
N ARG A 346 29.35 -41.83 -28.39
CA ARG A 346 30.10 -43.07 -28.31
C ARG A 346 29.71 -44.03 -29.43
N ALA A 347 28.43 -44.09 -29.77
CA ALA A 347 28.00 -44.96 -30.85
C ALA A 347 28.60 -44.54 -32.19
N ILE A 348 28.58 -43.24 -32.48
CA ILE A 348 29.11 -42.79 -33.76
C ILE A 348 30.63 -42.94 -33.80
N ARG A 349 31.30 -42.68 -32.67
CA ARG A 349 32.74 -42.88 -32.61
C ARG A 349 33.09 -44.35 -32.82
N ASP A 350 32.37 -45.25 -32.17
CA ASP A 350 32.64 -46.68 -32.33
C ASP A 350 32.35 -47.12 -33.76
N MET A 351 31.25 -46.63 -34.34
CA MET A 351 30.89 -47.05 -35.69
C MET A 351 31.94 -46.63 -36.71
N CYS A 352 32.45 -45.40 -36.59
CA CYS A 352 33.46 -44.94 -37.54
C CYS A 352 34.81 -45.61 -37.30
N LEU A 353 35.13 -45.91 -36.04
CA LEU A 353 36.42 -46.51 -35.72
C LEU A 353 36.50 -47.98 -36.13
N GLU A 354 35.43 -48.75 -35.85
CA GLU A 354 35.51 -50.20 -36.00
C GLU A 354 35.64 -50.60 -37.47
N LYS A 355 34.95 -49.90 -38.36
CA LYS A 355 34.95 -50.23 -39.77
C LYS A 355 35.91 -49.29 -40.50
N ASP A 356 36.97 -49.87 -41.07
CA ASP A 356 37.88 -49.18 -41.98
C ASP A 356 38.58 -47.99 -41.33
N THR A 357 38.32 -47.75 -40.05
CA THR A 357 38.90 -46.63 -39.31
C THR A 357 38.73 -45.31 -40.06
N LEU A 358 37.47 -44.93 -40.25
CA LEU A 358 37.19 -43.66 -40.91
C LEU A 358 37.58 -42.46 -40.06
N GLY A 359 37.84 -42.67 -38.76
CA GLY A 359 38.18 -41.57 -37.88
C GLY A 359 39.51 -40.92 -38.22
N LEU A 360 40.32 -41.55 -39.06
CA LEU A 360 41.61 -40.99 -39.43
C LEU A 360 41.45 -39.60 -40.04
N PHE A 361 40.60 -39.50 -41.06
CA PHE A 361 40.32 -38.22 -41.69
C PHE A 361 39.12 -37.53 -41.08
N LEU A 362 38.23 -38.27 -40.44
CA LEU A 362 37.12 -37.65 -39.71
C LEU A 362 37.64 -36.70 -38.66
N ARG A 363 38.80 -36.99 -38.07
CA ARG A 363 39.50 -36.04 -37.22
C ARG A 363 40.47 -35.19 -38.01
N GLU A 364 41.24 -35.82 -38.91
CA GLU A 364 42.23 -35.14 -39.74
C GLU A 364 43.21 -34.34 -38.88
N GLY A 365 43.98 -35.09 -38.09
CA GLY A 365 45.06 -34.48 -37.34
C GLY A 365 46.11 -33.86 -38.25
N SER A 366 46.34 -34.47 -39.41
CA SER A 366 47.34 -34.02 -40.38
C SER A 366 48.68 -33.78 -39.69
N ALA A 367 49.17 -34.84 -39.05
CA ALA A 367 50.39 -34.80 -38.25
C ALA A 367 50.29 -33.74 -37.15
N SER A 368 49.14 -33.75 -36.45
CA SER A 368 48.89 -32.85 -35.32
C SER A 368 48.99 -31.38 -35.73
N THR A 369 48.50 -31.07 -36.92
CA THR A 369 48.38 -29.66 -37.31
C THR A 369 47.41 -28.92 -36.40
N GLU A 370 46.31 -29.57 -36.05
CA GLU A 370 45.27 -28.98 -35.21
C GLU A 370 45.02 -29.74 -33.92
N VAL A 371 45.30 -31.05 -33.90
CA VAL A 371 44.95 -31.89 -32.76
C VAL A 371 45.71 -31.49 -31.49
N LEU A 372 46.83 -30.77 -31.63
CA LEU A 372 47.65 -30.43 -30.47
C LEU A 372 46.84 -29.71 -29.39
N ARG A 373 45.92 -28.83 -29.80
CA ARG A 373 45.13 -28.09 -28.82
C ARG A 373 44.22 -29.03 -28.03
N THR A 374 43.57 -29.97 -28.70
CA THR A 374 42.71 -30.92 -28.00
C THR A 374 43.53 -31.87 -27.13
N GLU A 375 44.71 -32.26 -27.60
CA GLU A 375 45.61 -33.07 -26.79
C GLU A 375 46.04 -32.31 -25.54
N ALA A 376 46.13 -30.99 -25.63
CA ALA A 376 46.40 -30.18 -24.44
C ALA A 376 45.17 -30.06 -23.56
N GLU A 377 43.98 -30.03 -24.17
CA GLU A 377 42.73 -29.82 -23.45
C GLU A 377 42.10 -31.12 -22.98
N GLN A 378 42.80 -32.25 -23.13
CA GLN A 378 42.26 -33.52 -22.65
C GLN A 378 42.14 -33.56 -21.13
N CYS A 379 42.77 -32.60 -20.43
CA CYS A 379 42.85 -32.64 -18.97
C CYS A 379 41.52 -32.23 -18.33
N LYS A 380 40.49 -33.01 -18.64
CA LYS A 380 39.17 -32.88 -18.05
C LYS A 380 38.90 -34.09 -17.15
N ASN A 381 37.73 -34.10 -16.52
CA ASN A 381 37.33 -35.18 -15.63
C ASN A 381 35.91 -35.64 -15.92
N LEU A 382 35.54 -35.69 -17.21
CA LEU A 382 34.25 -36.20 -17.61
C LEU A 382 34.41 -37.20 -18.76
N GLU A 383 33.30 -37.65 -19.33
CA GLU A 383 33.37 -38.48 -20.51
C GLU A 383 33.84 -37.71 -21.73
N LEU A 384 33.85 -36.38 -21.67
CA LEU A 384 34.44 -35.57 -22.73
C LEU A 384 35.93 -35.86 -22.90
N LYS A 385 36.57 -36.36 -21.85
CA LYS A 385 37.99 -36.71 -21.93
C LYS A 385 38.25 -37.77 -22.99
N ASP A 386 37.34 -38.73 -23.12
CA ASP A 386 37.49 -39.77 -24.13
C ASP A 386 37.27 -39.21 -25.52
N LEU A 387 36.21 -38.42 -25.71
CA LEU A 387 35.79 -38.01 -27.04
C LEU A 387 36.68 -36.92 -27.62
N LEU A 388 37.16 -36.01 -26.79
CA LEU A 388 37.87 -34.84 -27.31
C LEU A 388 39.08 -35.17 -28.18
N PRO A 389 39.97 -36.10 -27.82
CA PRO A 389 41.11 -36.39 -28.71
C PRO A 389 40.70 -36.81 -30.11
N TYR A 390 39.58 -37.52 -30.24
CA TYR A 390 39.12 -37.96 -31.55
C TYR A 390 38.38 -36.86 -32.31
N GLY A 391 38.15 -35.71 -31.69
CA GLY A 391 37.43 -34.62 -32.30
C GLY A 391 35.96 -34.57 -31.93
N PHE A 392 35.41 -35.66 -31.40
CA PHE A 392 34.03 -35.65 -30.95
C PHE A 392 33.89 -34.87 -29.65
N ALA A 393 32.69 -34.36 -29.40
CA ALA A 393 32.40 -33.66 -28.17
C ALA A 393 30.91 -33.72 -27.89
N ILE A 394 30.56 -33.53 -26.62
CA ILE A 394 29.17 -33.49 -26.19
C ILE A 394 28.95 -32.21 -25.40
N HIS A 395 27.86 -31.51 -25.71
CA HIS A 395 27.44 -30.32 -24.98
C HIS A 395 26.00 -30.52 -24.54
N HIS A 396 25.78 -30.53 -23.22
CA HIS A 396 24.42 -30.64 -22.72
C HIS A 396 24.31 -29.91 -21.40
N ALA A 397 23.08 -29.58 -21.03
CA ALA A 397 22.82 -28.99 -19.73
C ALA A 397 23.33 -29.92 -18.63
N GLY A 398 23.87 -29.32 -17.58
CA GLY A 398 24.63 -30.07 -16.59
C GLY A 398 26.12 -29.96 -16.88
N MET A 399 26.78 -31.10 -17.02
CA MET A 399 28.24 -31.18 -17.21
C MET A 399 28.86 -30.30 -16.13
N THR A 400 29.74 -29.35 -16.49
CA THR A 400 30.12 -28.25 -15.63
C THR A 400 29.94 -26.96 -16.41
N ARG A 401 29.86 -25.85 -15.68
CA ARG A 401 29.80 -24.56 -16.35
C ARG A 401 31.06 -24.32 -17.17
N VAL A 402 32.22 -24.68 -16.63
CA VAL A 402 33.47 -24.51 -17.35
C VAL A 402 33.54 -25.43 -18.57
N ASP A 403 33.01 -26.65 -18.44
CA ASP A 403 33.05 -27.58 -19.57
C ASP A 403 32.25 -27.05 -20.76
N ARG A 404 31.08 -26.47 -20.50
CA ARG A 404 30.24 -25.99 -21.60
C ARG A 404 30.90 -24.82 -22.32
N THR A 405 31.44 -23.85 -21.58
CA THR A 405 32.13 -22.75 -22.27
C THR A 405 33.40 -23.23 -22.95
N LEU A 406 34.10 -24.20 -22.37
CA LEU A 406 35.28 -24.76 -23.01
C LEU A 406 34.91 -25.37 -24.36
N VAL A 407 33.88 -26.20 -24.39
CA VAL A 407 33.51 -26.86 -25.63
C VAL A 407 32.97 -25.85 -26.64
N GLU A 408 32.25 -24.83 -26.15
CA GLU A 408 31.79 -23.76 -27.04
C GLU A 408 32.95 -23.06 -27.72
N ASP A 409 33.93 -22.62 -26.92
CA ASP A 409 35.06 -21.88 -27.49
C ASP A 409 35.90 -22.77 -28.39
N LEU A 410 36.08 -24.04 -28.02
CA LEU A 410 36.86 -24.94 -28.85
C LEU A 410 36.15 -25.23 -30.17
N PHE A 411 34.82 -25.27 -30.16
CA PHE A 411 34.08 -25.45 -31.41
C PHE A 411 34.08 -24.19 -32.26
N ALA A 412 34.09 -23.01 -31.64
CA ALA A 412 34.08 -21.76 -32.39
C ALA A 412 35.36 -21.56 -33.19
N ASP A 413 36.45 -22.23 -32.82
CA ASP A 413 37.72 -22.14 -33.52
C ASP A 413 37.92 -23.27 -34.50
N LYS A 414 36.84 -23.97 -34.87
CA LYS A 414 36.89 -25.05 -35.87
C LYS A 414 37.82 -26.17 -35.45
N HIS A 415 37.61 -26.67 -34.23
CA HIS A 415 38.38 -27.79 -33.70
C HIS A 415 37.53 -29.05 -33.59
N ILE A 416 36.39 -28.96 -32.91
CA ILE A 416 35.50 -30.10 -32.74
C ILE A 416 34.81 -30.36 -34.08
N GLN A 417 35.22 -31.43 -34.77
CA GLN A 417 34.63 -31.74 -36.07
C GLN A 417 33.16 -32.10 -35.95
N VAL A 418 32.82 -32.94 -34.97
CA VAL A 418 31.45 -33.39 -34.74
C VAL A 418 31.10 -33.12 -33.29
N LEU A 419 30.02 -32.37 -33.07
CA LEU A 419 29.55 -32.06 -31.73
C LEU A 419 28.08 -32.43 -31.63
N VAL A 420 27.79 -33.42 -30.80
CA VAL A 420 26.41 -33.80 -30.51
C VAL A 420 25.99 -33.08 -29.23
N SER A 421 24.74 -32.63 -29.20
CA SER A 421 24.25 -31.78 -28.13
C SER A 421 22.74 -31.98 -27.98
N THR A 422 22.17 -31.25 -27.04
CA THR A 422 20.73 -31.26 -26.81
C THR A 422 20.10 -30.01 -27.40
N ALA A 423 18.77 -29.88 -27.21
CA ALA A 423 18.04 -28.76 -27.77
C ALA A 423 18.41 -27.43 -27.11
N THR A 424 18.98 -27.47 -25.90
CA THR A 424 19.30 -26.24 -25.20
C THR A 424 20.47 -25.49 -25.84
N LEU A 425 21.27 -26.17 -26.67
CA LEU A 425 22.37 -25.48 -27.32
C LEU A 425 21.87 -24.42 -28.29
N ALA A 426 20.78 -24.71 -29.00
CA ALA A 426 20.28 -23.79 -30.01
C ALA A 426 19.85 -22.47 -29.39
N TRP A 427 19.14 -22.53 -28.27
CA TRP A 427 18.69 -21.30 -27.63
C TRP A 427 19.81 -20.67 -26.80
N GLY A 428 20.64 -21.49 -26.17
CA GLY A 428 21.44 -21.02 -25.04
C GLY A 428 22.70 -20.25 -25.42
N VAL A 429 23.17 -20.40 -26.65
CA VAL A 429 24.35 -19.64 -27.08
C VAL A 429 24.44 -19.66 -28.60
N ASN A 430 24.80 -18.52 -29.20
CA ASN A 430 24.87 -18.40 -30.65
C ASN A 430 26.11 -19.14 -31.14
N LEU A 431 25.91 -20.40 -31.53
CA LEU A 431 26.98 -21.27 -32.02
C LEU A 431 26.55 -21.89 -33.34
N PRO A 432 26.69 -21.16 -34.44
CA PRO A 432 26.32 -21.73 -35.74
C PRO A 432 27.32 -22.76 -36.22
N ALA A 433 26.88 -23.60 -37.17
CA ALA A 433 27.73 -24.60 -37.80
C ALA A 433 27.30 -24.78 -39.24
N HIS A 434 28.21 -25.37 -40.03
CA HIS A 434 27.93 -25.60 -41.44
C HIS A 434 26.75 -26.54 -41.63
N THR A 435 26.89 -27.78 -41.17
CA THR A 435 25.86 -28.80 -41.28
C THR A 435 25.35 -29.15 -39.89
N VAL A 436 24.03 -29.08 -39.70
CA VAL A 436 23.40 -29.52 -38.47
C VAL A 436 22.38 -30.60 -38.83
N ILE A 437 22.33 -31.64 -38.02
CA ILE A 437 21.42 -32.77 -38.21
C ILE A 437 20.66 -32.99 -36.91
N ILE A 438 19.34 -33.07 -37.03
CA ILE A 438 18.47 -33.35 -35.90
C ILE A 438 18.14 -34.84 -35.95
N LYS A 439 18.40 -35.54 -34.85
CA LYS A 439 18.16 -36.98 -34.77
C LYS A 439 16.97 -37.26 -33.87
N GLY A 440 16.08 -38.12 -34.33
CA GLY A 440 14.98 -38.56 -33.50
C GLY A 440 13.70 -37.79 -33.73
N THR A 441 13.72 -36.50 -33.40
CA THR A 441 12.53 -35.65 -33.41
C THR A 441 11.40 -36.22 -32.57
N GLN A 442 11.71 -37.09 -31.63
CA GLN A 442 10.74 -37.73 -30.76
C GLN A 442 11.18 -37.48 -29.31
N VAL A 443 10.39 -36.71 -28.58
CA VAL A 443 10.75 -36.34 -27.21
C VAL A 443 9.63 -36.80 -26.27
N TYR A 444 10.01 -37.07 -25.04
CA TYR A 444 9.03 -37.48 -24.04
C TYR A 444 8.38 -36.27 -23.41
N SER A 445 7.06 -36.22 -23.42
CA SER A 445 6.29 -35.16 -22.81
C SER A 445 5.67 -35.67 -21.52
N PRO A 446 6.12 -35.20 -20.36
CA PRO A 446 5.46 -35.56 -19.11
C PRO A 446 4.04 -35.03 -19.01
N GLU A 447 3.78 -33.83 -19.52
CA GLU A 447 2.41 -33.33 -19.52
C GLU A 447 1.50 -34.22 -20.33
N LYS A 448 1.95 -34.61 -21.53
CA LYS A 448 1.20 -35.57 -22.33
C LYS A 448 1.39 -36.99 -21.83
N GLY A 449 2.30 -37.20 -20.89
CA GLY A 449 2.55 -38.52 -20.34
C GLY A 449 2.97 -39.56 -21.35
N ARG A 450 3.58 -39.16 -22.47
CA ARG A 450 3.89 -40.12 -23.52
C ARG A 450 4.95 -39.51 -24.44
N TRP A 451 5.33 -40.26 -25.45
CA TRP A 451 6.30 -39.79 -26.44
C TRP A 451 5.55 -39.02 -27.52
N THR A 452 5.92 -37.76 -27.73
CA THR A 452 5.34 -36.92 -28.76
C THR A 452 6.46 -36.27 -29.55
N GLU A 453 6.15 -35.88 -30.79
CA GLU A 453 7.13 -35.16 -31.59
C GLU A 453 7.31 -33.75 -31.05
N LEU A 454 8.52 -33.22 -31.19
CA LEU A 454 8.85 -31.96 -30.55
C LEU A 454 8.15 -30.81 -31.25
N GLY A 455 8.17 -29.65 -30.58
CA GLY A 455 7.43 -28.51 -31.06
C GLY A 455 7.99 -27.96 -32.35
N ALA A 456 7.10 -27.45 -33.21
CA ALA A 456 7.49 -26.86 -34.48
C ALA A 456 8.56 -25.78 -34.29
N LEU A 457 8.35 -24.93 -33.28
CA LEU A 457 9.21 -23.78 -33.08
C LEU A 457 10.64 -24.20 -32.77
N ASP A 458 10.80 -25.27 -31.98
CA ASP A 458 12.15 -25.76 -31.69
C ASP A 458 12.87 -26.20 -32.96
N ILE A 459 12.15 -26.91 -33.84
CA ILE A 459 12.73 -27.30 -35.11
C ILE A 459 13.21 -26.08 -35.88
N LEU A 460 12.36 -25.08 -36.00
CA LEU A 460 12.76 -23.88 -36.74
C LEU A 460 14.01 -23.25 -36.13
N GLN A 461 13.99 -23.04 -34.81
CA GLN A 461 15.13 -22.38 -34.17
C GLN A 461 16.42 -23.18 -34.38
N MET A 462 16.34 -24.51 -34.29
CA MET A 462 17.54 -25.31 -34.53
C MET A 462 18.05 -25.14 -35.95
N LEU A 463 17.14 -25.17 -36.93
CA LEU A 463 17.59 -25.01 -38.31
C LEU A 463 18.24 -23.65 -38.53
N GLY A 464 17.81 -22.65 -37.78
CA GLY A 464 18.37 -21.31 -37.95
C GLY A 464 19.87 -21.27 -37.76
N ARG A 465 20.37 -22.03 -36.77
CA ARG A 465 21.80 -22.01 -36.47
C ARG A 465 22.64 -22.55 -37.62
N ALA A 466 22.08 -23.44 -38.44
CA ALA A 466 22.85 -24.06 -39.50
C ALA A 466 23.38 -23.01 -40.47
N GLY A 467 24.68 -23.08 -40.75
CA GLY A 467 25.31 -22.17 -41.68
C GLY A 467 25.87 -20.96 -40.98
N ARG A 468 27.19 -20.83 -40.95
CA ARG A 468 27.80 -19.67 -40.31
C ARG A 468 27.64 -18.44 -41.19
N PRO A 469 27.33 -17.27 -40.62
CA PRO A 469 26.94 -16.12 -41.44
C PRO A 469 27.95 -15.70 -42.51
N GLN A 470 29.25 -15.76 -42.23
CA GLN A 470 30.24 -15.26 -43.17
C GLN A 470 31.22 -16.30 -43.65
N TYR A 471 31.38 -17.42 -42.95
CA TYR A 471 32.31 -18.46 -43.38
C TYR A 471 31.67 -19.50 -44.29
N ASP A 472 30.35 -19.45 -44.47
CA ASP A 472 29.61 -20.48 -45.20
C ASP A 472 28.95 -19.88 -46.44
N THR A 473 29.23 -20.47 -47.60
CA THR A 473 28.45 -20.16 -48.79
C THR A 473 27.07 -20.80 -48.70
N LYS A 474 27.03 -22.10 -48.43
CA LYS A 474 25.76 -22.80 -48.26
C LYS A 474 26.02 -24.03 -47.40
N GLY A 475 25.22 -24.19 -46.35
CA GLY A 475 25.35 -25.35 -45.49
C GLY A 475 24.06 -26.12 -45.33
N GLU A 476 24.04 -27.36 -45.81
CA GLU A 476 22.83 -28.15 -45.78
C GLU A 476 22.51 -28.61 -44.37
N GLY A 477 21.21 -28.83 -44.10
CA GLY A 477 20.77 -29.31 -42.81
C GLY A 477 19.89 -30.53 -42.95
N ILE A 478 20.03 -31.49 -42.03
CA ILE A 478 19.39 -32.79 -42.17
C ILE A 478 18.50 -33.05 -40.98
N LEU A 479 17.31 -33.61 -41.23
CA LEU A 479 16.35 -33.96 -40.18
C LEU A 479 16.01 -35.43 -40.30
N ILE A 480 15.93 -36.11 -39.16
CA ILE A 480 15.60 -37.53 -39.10
C ILE A 480 14.27 -37.68 -38.37
N THR A 481 13.30 -38.29 -39.03
CA THR A 481 11.99 -38.48 -38.44
C THR A 481 11.34 -39.71 -39.06
N SER A 482 10.27 -40.17 -38.41
CA SER A 482 9.47 -41.24 -38.97
C SER A 482 8.79 -40.78 -40.25
N HIS A 483 8.65 -41.71 -41.19
CA HIS A 483 8.08 -41.38 -42.49
C HIS A 483 6.62 -40.93 -42.37
N GLY A 484 5.92 -41.40 -41.34
CA GLY A 484 4.53 -41.01 -41.16
C GLY A 484 4.33 -39.56 -40.78
N GLU A 485 5.39 -38.86 -40.38
CA GLU A 485 5.31 -37.47 -39.96
C GLU A 485 6.16 -36.57 -40.84
N LEU A 486 6.48 -37.04 -42.05
CA LEU A 486 7.33 -36.24 -42.93
C LEU A 486 6.61 -34.98 -43.41
N GLN A 487 5.38 -35.14 -43.92
CA GLN A 487 4.67 -34.00 -44.50
C GLN A 487 4.61 -32.83 -43.55
N TYR A 488 4.18 -33.07 -42.31
CA TYR A 488 4.18 -32.03 -41.29
C TYR A 488 5.49 -31.25 -41.33
N TYR A 489 6.61 -31.93 -41.12
CA TYR A 489 7.90 -31.25 -41.12
C TYR A 489 8.10 -30.50 -42.44
N LEU A 490 7.88 -31.17 -43.56
CA LEU A 490 7.93 -30.49 -44.84
C LEU A 490 7.00 -29.28 -44.83
N SER A 491 5.73 -29.51 -44.49
CA SER A 491 4.76 -28.42 -44.48
C SER A 491 5.25 -27.25 -43.64
N LEU A 492 5.98 -27.56 -42.56
CA LEU A 492 6.39 -26.51 -41.66
C LEU A 492 7.53 -25.69 -42.25
N LEU A 493 8.47 -26.34 -42.93
CA LEU A 493 9.65 -25.63 -43.41
C LEU A 493 9.49 -25.10 -44.83
N ASN A 494 8.51 -25.59 -45.56
CA ASN A 494 8.15 -25.06 -46.86
C ASN A 494 7.08 -23.98 -46.76
N GLN A 495 6.81 -23.50 -45.54
CA GLN A 495 5.88 -22.40 -45.25
C GLN A 495 4.50 -22.67 -45.86
N GLN A 496 4.13 -23.94 -45.96
CA GLN A 496 2.81 -24.30 -46.45
C GLN A 496 1.87 -24.72 -45.32
N LEU A 497 2.31 -24.67 -44.08
CA LEU A 497 1.48 -25.10 -42.95
C LEU A 497 0.91 -23.88 -42.22
N PRO A 498 -0.38 -23.60 -42.35
CA PRO A 498 -0.94 -22.40 -41.71
C PRO A 498 -1.05 -22.55 -40.20
N ILE A 499 -1.34 -21.43 -39.55
CA ILE A 499 -1.46 -21.35 -38.11
C ILE A 499 -2.94 -21.24 -37.75
N GLU A 500 -3.39 -22.09 -36.83
CA GLU A 500 -4.76 -22.07 -36.35
C GLU A 500 -4.78 -21.75 -34.87
N SER A 501 -5.98 -21.70 -34.30
CA SER A 501 -6.17 -21.35 -32.90
C SER A 501 -6.66 -22.56 -32.12
N GLN A 502 -6.12 -22.71 -30.91
CA GLN A 502 -6.57 -23.74 -29.98
C GLN A 502 -7.26 -23.13 -28.77
N MET A 503 -7.87 -21.95 -28.95
CA MET A 503 -8.54 -21.28 -27.85
C MET A 503 -9.73 -22.08 -27.34
N VAL A 504 -10.33 -22.89 -28.22
CA VAL A 504 -11.61 -23.52 -27.91
C VAL A 504 -11.50 -24.40 -26.66
N SER A 505 -10.47 -25.24 -26.63
CA SER A 505 -10.35 -26.21 -25.55
C SER A 505 -10.15 -25.52 -24.20
N LYS A 506 -9.20 -24.59 -24.14
CA LYS A 506 -8.84 -23.95 -22.87
C LYS A 506 -9.74 -22.78 -22.51
N LEU A 507 -10.84 -22.58 -23.22
CA LEU A 507 -11.65 -21.39 -23.08
C LEU A 507 -12.12 -21.12 -21.64
N PRO A 508 -12.70 -22.10 -20.93
CA PRO A 508 -13.26 -21.79 -19.60
C PRO A 508 -12.25 -21.23 -18.62
N ASP A 509 -11.02 -21.73 -18.63
CA ASP A 509 -9.99 -21.20 -17.75
C ASP A 509 -9.67 -19.75 -18.08
N MET A 510 -9.59 -19.43 -19.38
CA MET A 510 -9.35 -18.06 -19.78
C MET A 510 -10.48 -17.15 -19.33
N LEU A 511 -11.72 -17.63 -19.47
CA LEU A 511 -12.85 -16.85 -19.01
C LEU A 511 -12.78 -16.61 -17.52
N ASN A 512 -12.39 -17.63 -16.76
CA ASN A 512 -12.26 -17.47 -15.31
C ASN A 512 -11.18 -16.45 -14.97
N ALA A 513 -10.06 -16.50 -15.67
CA ALA A 513 -9.01 -15.51 -15.42
C ALA A 513 -9.52 -14.11 -15.67
N GLU A 514 -10.25 -13.92 -16.76
CA GLU A 514 -10.81 -12.60 -17.05
C GLU A 514 -11.78 -12.16 -15.97
N ILE A 515 -12.66 -13.05 -15.54
CA ILE A 515 -13.65 -12.68 -14.54
C ILE A 515 -12.97 -12.30 -13.23
N VAL A 516 -11.95 -13.05 -12.84
CA VAL A 516 -11.24 -12.74 -11.61
C VAL A 516 -10.55 -11.39 -11.73
N LEU A 517 -9.93 -11.11 -12.87
CA LEU A 517 -9.27 -9.82 -13.05
C LEU A 517 -10.27 -8.67 -12.94
N GLY A 518 -11.52 -8.91 -13.31
CA GLY A 518 -12.54 -7.89 -13.31
C GLY A 518 -12.77 -7.21 -14.63
N ASN A 519 -12.11 -7.67 -15.70
CA ASN A 519 -12.27 -7.04 -17.01
C ASN A 519 -13.69 -7.23 -17.54
N VAL A 520 -14.28 -8.39 -17.30
CA VAL A 520 -15.59 -8.74 -17.85
C VAL A 520 -16.55 -8.92 -16.69
N GLN A 521 -17.32 -7.86 -16.38
CA GLN A 521 -18.25 -7.96 -15.27
C GLN A 521 -19.49 -8.78 -15.64
N ASN A 522 -20.01 -8.59 -16.85
CA ASN A 522 -21.23 -9.27 -17.26
C ASN A 522 -20.96 -10.07 -18.54
N ALA A 523 -21.93 -10.88 -18.93
CA ALA A 523 -21.78 -11.73 -20.09
C ALA A 523 -21.57 -10.92 -21.37
N LYS A 524 -22.18 -9.74 -21.44
CA LYS A 524 -21.94 -8.87 -22.59
C LYS A 524 -20.46 -8.55 -22.75
N ASP A 525 -19.80 -8.24 -21.63
CA ASP A 525 -18.39 -7.92 -21.69
C ASP A 525 -17.57 -9.12 -22.15
N ALA A 526 -17.94 -10.33 -21.73
CA ALA A 526 -17.21 -11.51 -22.19
C ALA A 526 -17.41 -11.73 -23.69
N VAL A 527 -18.63 -11.51 -24.17
CA VAL A 527 -18.89 -11.65 -25.59
C VAL A 527 -18.04 -10.67 -26.39
N ASN A 528 -17.95 -9.42 -25.91
CA ASN A 528 -17.07 -8.46 -26.55
C ASN A 528 -15.61 -8.87 -26.43
N TRP A 529 -15.23 -9.43 -25.28
CA TRP A 529 -13.84 -9.80 -25.05
C TRP A 529 -13.37 -10.86 -26.02
N LEU A 530 -14.25 -11.80 -26.37
CA LEU A 530 -13.88 -12.78 -27.37
C LEU A 530 -13.57 -12.15 -28.72
N GLY A 531 -14.00 -10.91 -28.94
CA GLY A 531 -13.77 -10.27 -30.23
C GLY A 531 -12.31 -9.99 -30.51
N TYR A 532 -11.49 -9.87 -29.47
CA TYR A 532 -10.07 -9.63 -29.66
C TYR A 532 -9.25 -10.91 -29.78
N ALA A 533 -9.86 -12.07 -29.57
CA ALA A 533 -9.13 -13.32 -29.60
C ALA A 533 -8.84 -13.76 -31.03
N TYR A 534 -7.67 -14.37 -31.22
CA TYR A 534 -7.30 -14.91 -32.52
C TYR A 534 -8.31 -15.95 -33.00
N LEU A 535 -8.97 -16.62 -32.06
CA LEU A 535 -10.00 -17.59 -32.43
C LEU A 535 -11.13 -16.92 -33.21
N TYR A 536 -11.51 -15.69 -32.82
CA TYR A 536 -12.58 -15.00 -33.51
C TYR A 536 -12.19 -14.70 -34.96
N ILE A 537 -10.97 -14.21 -35.17
CA ILE A 537 -10.52 -13.94 -36.54
C ILE A 537 -10.51 -15.23 -37.35
N ARG A 538 -9.99 -16.31 -36.76
CA ARG A 538 -9.91 -17.58 -37.48
C ARG A 538 -11.30 -18.10 -37.83
N MET A 539 -12.26 -17.96 -36.91
CA MET A 539 -13.63 -18.37 -37.22
C MET A 539 -14.21 -17.51 -38.33
N LEU A 540 -13.88 -16.22 -38.34
CA LEU A 540 -14.33 -15.35 -39.42
C LEU A 540 -13.79 -15.82 -40.77
N ARG A 541 -12.50 -16.14 -40.82
CA ARG A 541 -11.88 -16.48 -42.10
C ARG A 541 -12.28 -17.87 -42.58
N SER A 542 -12.29 -18.85 -41.68
CA SER A 542 -12.56 -20.25 -42.03
C SER A 542 -13.65 -20.81 -41.11
N PRO A 543 -14.90 -20.43 -41.34
CA PRO A 543 -15.97 -20.92 -40.47
C PRO A 543 -16.15 -22.43 -40.51
N THR A 544 -15.93 -23.05 -41.68
CA THR A 544 -16.17 -24.48 -41.79
C THR A 544 -15.16 -25.32 -41.03
N LEU A 545 -13.94 -24.80 -40.83
CA LEU A 545 -12.95 -25.54 -40.07
C LEU A 545 -13.32 -25.62 -38.59
N TYR A 546 -13.99 -24.60 -38.07
CA TYR A 546 -14.28 -24.48 -36.64
C TYR A 546 -15.70 -24.88 -36.30
N GLY A 547 -16.34 -25.68 -37.16
CA GLY A 547 -17.70 -26.13 -36.89
C GLY A 547 -18.77 -25.08 -37.06
N ILE A 548 -18.64 -24.22 -38.07
CA ILE A 548 -19.62 -23.19 -38.35
C ILE A 548 -20.04 -23.32 -39.81
N SER A 549 -21.34 -23.50 -40.03
CA SER A 549 -21.85 -23.66 -41.38
C SER A 549 -21.83 -22.33 -42.14
N HIS A 550 -21.79 -22.44 -43.47
CA HIS A 550 -21.77 -21.23 -44.30
C HIS A 550 -23.07 -20.45 -44.17
N ASP A 551 -24.21 -21.15 -44.12
CA ASP A 551 -25.47 -20.46 -43.90
C ASP A 551 -25.51 -19.84 -42.50
N ASP A 552 -24.92 -20.52 -41.51
CA ASP A 552 -24.79 -19.93 -40.19
C ASP A 552 -23.91 -18.68 -40.23
N LEU A 553 -22.83 -18.72 -41.01
CA LEU A 553 -22.00 -17.53 -41.19
C LEU A 553 -22.80 -16.39 -41.81
N LYS A 554 -23.61 -16.70 -42.82
CA LYS A 554 -24.46 -15.69 -43.44
C LYS A 554 -25.50 -15.16 -42.45
N GLY A 555 -25.90 -15.98 -41.48
CA GLY A 555 -26.84 -15.55 -40.46
C GLY A 555 -26.36 -14.35 -39.69
N ASP A 556 -25.28 -14.50 -38.93
CA ASP A 556 -24.67 -13.39 -38.19
C ASP A 556 -23.28 -13.10 -38.76
N PRO A 557 -23.09 -11.96 -39.42
CA PRO A 557 -21.76 -11.67 -40.00
C PRO A 557 -20.65 -11.61 -38.96
N LEU A 558 -20.92 -11.05 -37.78
CA LEU A 558 -19.92 -10.95 -36.73
C LEU A 558 -19.99 -12.10 -35.73
N LEU A 559 -20.96 -13.00 -35.89
CA LEU A 559 -21.08 -14.21 -35.07
C LEU A 559 -21.24 -13.89 -33.58
N ASP A 560 -21.96 -12.81 -33.29
CA ASP A 560 -22.19 -12.43 -31.89
C ASP A 560 -23.01 -13.51 -31.17
N GLN A 561 -24.02 -14.04 -31.83
CA GLN A 561 -24.82 -15.11 -31.23
C GLN A 561 -23.96 -16.33 -30.93
N ARG A 562 -23.05 -16.68 -31.85
CA ARG A 562 -22.15 -17.79 -31.62
C ARG A 562 -21.31 -17.56 -30.35
N ARG A 563 -20.74 -16.37 -30.19
CA ARG A 563 -19.96 -16.11 -28.99
C ARG A 563 -20.81 -16.21 -27.74
N LEU A 564 -22.05 -15.69 -27.80
CA LEU A 564 -22.95 -15.80 -26.67
C LEU A 564 -23.18 -17.26 -26.29
N ASP A 565 -23.28 -18.14 -27.28
CA ASP A 565 -23.51 -19.56 -27.01
C ASP A 565 -22.39 -20.15 -26.14
N LEU A 566 -21.15 -19.97 -26.60
CA LEU A 566 -20.01 -20.53 -25.88
C LEU A 566 -19.88 -19.91 -24.50
N VAL A 567 -20.17 -18.61 -24.40
CA VAL A 567 -20.12 -17.95 -23.11
C VAL A 567 -21.11 -18.60 -22.14
N HIS A 568 -22.34 -18.87 -22.62
CA HIS A 568 -23.32 -19.51 -21.76
C HIS A 568 -22.86 -20.88 -21.32
N THR A 569 -22.29 -21.66 -22.25
CA THR A 569 -21.81 -23.00 -21.88
C THR A 569 -20.73 -22.93 -20.82
N ALA A 570 -19.72 -22.09 -21.03
CA ALA A 570 -18.63 -21.98 -20.09
C ALA A 570 -19.13 -21.48 -18.75
N ALA A 571 -20.06 -20.53 -18.77
CA ALA A 571 -20.58 -19.98 -17.52
C ALA A 571 -21.34 -21.03 -16.72
N LEU A 572 -22.17 -21.84 -17.39
CA LEU A 572 -22.88 -22.88 -16.65
C LEU A 572 -21.92 -23.92 -16.11
N MET A 573 -20.88 -24.27 -16.89
CA MET A 573 -19.89 -25.22 -16.39
C MET A 573 -19.17 -24.68 -15.16
N LEU A 574 -18.80 -23.40 -15.19
CA LEU A 574 -18.11 -22.80 -14.06
C LEU A 574 -19.03 -22.68 -12.84
N ASP A 575 -20.30 -22.35 -13.07
CA ASP A 575 -21.24 -22.26 -11.96
C ASP A 575 -21.46 -23.61 -11.31
N LYS A 576 -21.49 -24.68 -12.12
CA LYS A 576 -21.65 -26.02 -11.57
C LYS A 576 -20.52 -26.37 -10.62
N ASN A 577 -19.29 -26.04 -10.98
CA ASN A 577 -18.17 -26.21 -10.07
C ASN A 577 -18.12 -25.13 -9.00
N ASN A 578 -19.06 -24.18 -9.02
CA ASN A 578 -19.14 -23.10 -8.05
C ASN A 578 -17.92 -22.19 -8.08
N LEU A 579 -17.17 -22.22 -9.18
CA LEU A 579 -16.05 -21.29 -9.33
C LEU A 579 -16.54 -19.85 -9.43
N VAL A 580 -17.52 -19.59 -10.29
CA VAL A 580 -18.11 -18.27 -10.43
C VAL A 580 -19.63 -18.42 -10.48
N LYS A 581 -20.32 -17.59 -9.70
CA LYS A 581 -21.77 -17.56 -9.70
C LYS A 581 -22.26 -16.90 -10.99
N TYR A 582 -23.21 -17.55 -11.65
CA TYR A 582 -23.75 -17.06 -12.91
C TYR A 582 -25.26 -17.14 -12.86
N ASP A 583 -25.93 -16.05 -13.20
CA ASP A 583 -27.39 -15.98 -13.18
C ASP A 583 -27.90 -15.95 -14.61
N LYS A 584 -28.87 -16.82 -14.90
CA LYS A 584 -29.40 -16.90 -16.25
C LYS A 584 -30.30 -15.72 -16.59
N LYS A 585 -30.91 -15.10 -15.59
CA LYS A 585 -31.88 -14.04 -15.85
C LYS A 585 -31.21 -12.81 -16.44
N THR A 586 -30.05 -12.42 -15.93
CA THR A 586 -29.35 -11.23 -16.42
C THR A 586 -28.04 -11.56 -17.11
N GLY A 587 -27.29 -12.54 -16.61
CA GLY A 587 -26.00 -12.86 -17.17
C GLY A 587 -24.80 -12.26 -16.44
N ASN A 588 -25.02 -11.63 -15.30
CA ASN A 588 -23.90 -11.10 -14.53
C ASN A 588 -23.09 -12.22 -13.90
N PHE A 589 -21.79 -11.97 -13.74
CA PHE A 589 -20.87 -12.91 -13.12
C PHE A 589 -20.47 -12.40 -11.75
N GLN A 590 -20.58 -13.26 -10.75
CA GLN A 590 -20.17 -12.96 -9.38
C GLN A 590 -19.00 -13.85 -9.02
N VAL A 591 -17.86 -13.25 -8.71
CA VAL A 591 -16.64 -14.02 -8.45
C VAL A 591 -16.77 -14.69 -7.09
N THR A 592 -16.99 -16.01 -7.07
CA THR A 592 -16.86 -16.73 -5.82
C THR A 592 -15.39 -16.82 -5.44
N GLU A 593 -15.15 -16.93 -4.13
CA GLU A 593 -13.77 -16.93 -3.64
C GLU A 593 -12.98 -18.13 -4.17
N LEU A 594 -13.63 -19.29 -4.22
CA LEU A 594 -12.99 -20.48 -4.75
C LEU A 594 -12.47 -20.24 -6.17
N GLY A 595 -13.26 -19.55 -6.99
CA GLY A 595 -12.80 -19.21 -8.33
C GLY A 595 -11.60 -18.30 -8.33
N ARG A 596 -11.53 -17.39 -7.36
CA ARG A 596 -10.36 -16.53 -7.24
C ARG A 596 -9.11 -17.34 -6.96
N ILE A 597 -9.21 -18.30 -6.04
CA ILE A 597 -8.07 -19.17 -5.77
C ILE A 597 -7.67 -19.94 -7.02
N ALA A 598 -8.68 -20.51 -7.71
CA ALA A 598 -8.40 -21.31 -8.89
C ALA A 598 -7.69 -20.50 -9.96
N SER A 599 -8.12 -19.26 -10.17
CA SER A 599 -7.44 -18.42 -11.15
C SER A 599 -6.02 -18.09 -10.69
N HIS A 600 -5.85 -17.86 -9.39
CA HIS A 600 -4.52 -17.49 -8.90
C HIS A 600 -3.52 -18.61 -9.13
N TYR A 601 -3.93 -19.87 -8.99
CA TYR A 601 -2.98 -20.95 -9.03
C TYR A 601 -3.12 -21.86 -10.26
N TYR A 602 -3.62 -21.34 -11.37
CA TYR A 602 -3.64 -22.06 -12.65
C TYR A 602 -4.27 -23.44 -12.51
N ILE A 603 -5.40 -23.49 -11.82
CA ILE A 603 -6.10 -24.74 -11.54
C ILE A 603 -7.28 -24.85 -12.48
N THR A 604 -7.35 -25.95 -13.22
CA THR A 604 -8.47 -26.18 -14.12
C THR A 604 -9.74 -26.44 -13.32
N ASN A 605 -10.89 -26.19 -13.96
CA ASN A 605 -12.16 -26.31 -13.27
C ASN A 605 -12.41 -27.73 -12.78
N ASP A 606 -11.88 -28.72 -13.49
CA ASP A 606 -12.05 -30.11 -13.07
C ASP A 606 -11.35 -30.38 -11.75
N THR A 607 -10.15 -29.83 -11.58
CA THR A 607 -9.44 -30.02 -10.32
C THR A 607 -10.21 -29.41 -9.17
N VAL A 608 -10.83 -28.26 -9.38
CA VAL A 608 -11.67 -27.68 -8.35
C VAL A 608 -12.88 -28.55 -8.07
N GLN A 609 -13.51 -29.07 -9.13
CA GLN A 609 -14.66 -29.94 -8.95
C GLN A 609 -14.31 -31.21 -8.20
N THR A 610 -13.05 -31.63 -8.28
CA THR A 610 -12.58 -32.78 -7.52
C THR A 610 -12.25 -32.43 -6.08
N TYR A 611 -11.57 -31.30 -5.87
CA TYR A 611 -11.28 -30.87 -4.51
C TYR A 611 -12.54 -30.66 -3.70
N ASN A 612 -13.56 -30.05 -4.31
CA ASN A 612 -14.79 -29.77 -3.58
C ASN A 612 -15.44 -31.06 -3.09
N GLN A 613 -15.49 -32.09 -3.92
CA GLN A 613 -16.11 -33.34 -3.54
C GLN A 613 -15.15 -34.28 -2.83
N LEU A 614 -13.91 -33.88 -2.62
CA LEU A 614 -12.98 -34.69 -1.84
C LEU A 614 -12.58 -34.07 -0.51
N LEU A 615 -12.36 -32.76 -0.46
CA LEU A 615 -11.91 -32.13 0.77
C LEU A 615 -13.02 -32.15 1.83
N LYS A 616 -12.63 -32.44 3.07
CA LYS A 616 -13.54 -32.42 4.20
C LYS A 616 -12.73 -32.15 5.47
N PRO A 617 -13.35 -31.63 6.52
CA PRO A 617 -12.58 -31.20 7.69
C PRO A 617 -11.82 -32.32 8.37
N THR A 618 -12.21 -33.58 8.19
CA THR A 618 -11.62 -34.68 8.94
C THR A 618 -10.57 -35.44 8.16
N LEU A 619 -10.09 -34.91 7.04
CA LEU A 619 -9.13 -35.63 6.21
C LEU A 619 -7.85 -35.91 6.98
N SER A 620 -7.41 -37.17 6.92
CA SER A 620 -6.13 -37.53 7.49
C SER A 620 -5.01 -37.22 6.50
N GLU A 621 -3.78 -37.27 6.99
CA GLU A 621 -2.63 -36.94 6.15
C GLU A 621 -2.50 -37.90 4.96
N ILE A 622 -2.67 -39.20 5.22
CA ILE A 622 -2.67 -40.18 4.14
C ILE A 622 -3.74 -39.84 3.12
N GLU A 623 -4.95 -39.53 3.60
CA GLU A 623 -6.03 -39.15 2.69
C GLU A 623 -5.70 -37.86 1.96
N LEU A 624 -4.95 -36.95 2.59
CA LEU A 624 -4.56 -35.73 1.90
C LEU A 624 -3.65 -36.04 0.72
N PHE A 625 -2.66 -36.92 0.93
CA PHE A 625 -1.81 -37.29 -0.20
C PHE A 625 -2.61 -37.94 -1.30
N ARG A 626 -3.54 -38.82 -0.94
CA ARG A 626 -4.37 -39.45 -1.96
C ARG A 626 -5.20 -38.42 -2.72
N VAL A 627 -5.78 -37.45 -2.00
CA VAL A 627 -6.58 -36.42 -2.64
C VAL A 627 -5.73 -35.61 -3.61
N PHE A 628 -4.50 -35.29 -3.21
CA PHE A 628 -3.60 -34.60 -4.12
C PHE A 628 -3.36 -35.41 -5.37
N SER A 629 -3.18 -36.72 -5.22
CA SER A 629 -2.86 -37.55 -6.38
C SER A 629 -3.95 -37.55 -7.44
N LEU A 630 -5.18 -37.20 -7.08
CA LEU A 630 -6.31 -37.26 -7.99
C LEU A 630 -6.55 -35.95 -8.73
N SER A 631 -5.59 -35.04 -8.72
CA SER A 631 -5.77 -33.77 -9.40
C SER A 631 -5.88 -33.97 -10.91
N SER A 632 -6.70 -33.15 -11.56
CA SER A 632 -6.90 -33.28 -12.99
C SER A 632 -5.69 -32.89 -13.81
N GLU A 633 -4.67 -32.29 -13.20
CA GLU A 633 -3.45 -31.98 -13.93
C GLU A 633 -2.75 -33.25 -14.41
N PHE A 634 -2.81 -34.30 -13.61
CA PHE A 634 -2.18 -35.57 -13.94
C PHE A 634 -3.17 -36.57 -14.54
N LYS A 635 -4.36 -36.11 -14.94
CA LYS A 635 -5.43 -36.98 -15.41
C LYS A 635 -4.95 -37.92 -16.51
N ASN A 636 -3.84 -37.58 -17.14
CA ASN A 636 -3.32 -38.33 -18.26
C ASN A 636 -2.18 -39.27 -17.88
N ILE A 637 -1.42 -38.95 -16.83
CA ILE A 637 -0.23 -39.73 -16.51
C ILE A 637 -0.59 -41.18 -16.23
N THR A 638 0.29 -42.08 -16.62
CA THR A 638 0.07 -43.51 -16.46
C THR A 638 1.26 -44.13 -15.75
N VAL A 639 1.25 -45.46 -15.64
CA VAL A 639 2.29 -46.20 -14.96
C VAL A 639 2.94 -47.11 -15.99
N ARG A 640 4.19 -46.83 -16.33
CA ARG A 640 4.86 -47.66 -17.32
C ARG A 640 5.29 -48.98 -16.70
N GLU A 641 5.09 -50.06 -17.46
CA GLU A 641 5.33 -51.39 -16.93
C GLU A 641 6.81 -51.62 -16.63
N GLU A 642 7.69 -51.06 -17.47
CA GLU A 642 9.12 -51.31 -17.30
C GLU A 642 9.62 -50.79 -15.96
N GLU A 643 9.03 -49.71 -15.45
CA GLU A 643 9.44 -49.11 -14.19
C GLU A 643 8.55 -49.56 -13.02
N LYS A 644 7.60 -50.45 -13.27
CA LYS A 644 6.75 -50.95 -12.19
C LYS A 644 7.58 -51.66 -11.12
N LEU A 645 8.56 -52.46 -11.54
CA LEU A 645 9.44 -53.10 -10.57
C LEU A 645 10.16 -52.07 -9.72
N GLU A 646 10.67 -51.01 -10.35
CA GLU A 646 11.42 -50.01 -9.62
C GLU A 646 10.56 -49.29 -8.59
N LEU A 647 9.29 -49.02 -8.94
CA LEU A 647 8.42 -48.32 -8.00
C LEU A 647 8.25 -49.10 -6.70
N GLN A 648 8.30 -50.43 -6.77
CA GLN A 648 8.03 -51.23 -5.58
C GLN A 648 9.05 -50.99 -4.48
N LYS A 649 10.34 -50.93 -4.83
CA LYS A 649 11.36 -50.71 -3.81
C LYS A 649 11.25 -49.31 -3.23
N LEU A 650 10.79 -48.34 -4.04
CA LEU A 650 10.55 -47.01 -3.53
C LEU A 650 9.41 -47.00 -2.53
N LEU A 651 8.38 -47.80 -2.78
CA LEU A 651 7.19 -47.82 -1.92
C LEU A 651 7.52 -48.16 -0.47
N GLU A 652 8.26 -49.24 -0.24
CA GLU A 652 8.52 -49.65 1.14
C GLU A 652 9.47 -48.71 1.86
N ARG A 653 10.05 -47.74 1.16
CA ARG A 653 10.97 -46.79 1.78
C ARG A 653 10.32 -45.47 2.16
N VAL A 654 9.22 -45.08 1.50
CA VAL A 654 8.58 -43.81 1.82
C VAL A 654 7.82 -43.93 3.13
N PRO A 655 7.76 -42.88 3.94
CA PRO A 655 7.18 -43.02 5.28
C PRO A 655 5.67 -43.21 5.29
N ILE A 656 4.95 -42.38 4.54
CA ILE A 656 3.50 -42.38 4.59
C ILE A 656 2.97 -43.59 3.82
N PRO A 657 2.21 -44.47 4.46
CA PRO A 657 1.63 -45.60 3.72
C PRO A 657 0.67 -45.10 2.65
N VAL A 658 0.63 -45.81 1.53
CA VAL A 658 -0.25 -45.45 0.43
C VAL A 658 -1.32 -46.51 0.26
N LYS A 659 -2.45 -46.31 0.93
CA LYS A 659 -3.56 -47.24 0.80
C LYS A 659 -4.41 -46.87 -0.41
N GLU A 660 -5.41 -47.72 -0.70
CA GLU A 660 -6.28 -47.56 -1.86
C GLU A 660 -5.45 -47.42 -3.13
N SER A 661 -4.42 -48.26 -3.23
CA SER A 661 -3.42 -48.10 -4.29
C SER A 661 -2.91 -49.47 -4.71
N ILE A 662 -3.09 -49.79 -5.99
CA ILE A 662 -2.65 -51.07 -6.55
C ILE A 662 -1.70 -50.78 -7.70
N GLU A 663 -0.92 -49.69 -7.54
CA GLU A 663 -0.05 -49.17 -8.60
C GLU A 663 -0.87 -48.55 -9.73
N GLU A 664 -1.89 -47.80 -9.36
CA GLU A 664 -2.63 -46.94 -10.28
C GLU A 664 -1.88 -45.63 -10.44
N PRO A 665 -2.30 -44.77 -11.39
CA PRO A 665 -1.65 -43.47 -11.51
C PRO A 665 -1.61 -42.68 -10.21
N SER A 666 -2.67 -42.76 -9.41
CA SER A 666 -2.65 -42.11 -8.11
C SER A 666 -1.54 -42.66 -7.24
N ALA A 667 -1.36 -43.98 -7.24
CA ALA A 667 -0.28 -44.59 -6.46
C ALA A 667 1.07 -44.11 -6.94
N LYS A 668 1.27 -44.05 -8.25
CA LYS A 668 2.55 -43.59 -8.78
C LYS A 668 2.84 -42.16 -8.37
N ILE A 669 1.83 -41.29 -8.48
CA ILE A 669 2.05 -39.89 -8.11
C ILE A 669 2.36 -39.78 -6.62
N ASN A 670 1.63 -40.53 -5.79
CA ASN A 670 1.85 -40.44 -4.35
C ASN A 670 3.24 -40.91 -3.97
N VAL A 671 3.67 -42.06 -4.49
CA VAL A 671 5.00 -42.54 -4.13
C VAL A 671 6.07 -41.62 -4.70
N LEU A 672 5.84 -41.06 -5.88
CA LEU A 672 6.82 -40.15 -6.45
C LEU A 672 6.98 -38.90 -5.60
N LEU A 673 5.88 -38.32 -5.16
CA LEU A 673 5.95 -37.13 -4.31
C LEU A 673 6.63 -37.45 -2.99
N GLN A 674 6.29 -38.60 -2.40
CA GLN A 674 6.94 -38.97 -1.14
C GLN A 674 8.43 -39.16 -1.32
N ALA A 675 8.83 -39.78 -2.43
CA ALA A 675 10.26 -39.96 -2.69
C ALA A 675 10.95 -38.62 -2.84
N PHE A 676 10.32 -37.68 -3.54
CA PHE A 676 10.91 -36.36 -3.67
C PHE A 676 11.06 -35.68 -2.32
N ILE A 677 10.05 -35.79 -1.46
CA ILE A 677 10.14 -35.19 -0.14
C ILE A 677 11.28 -35.82 0.66
N SER A 678 11.42 -37.14 0.56
CA SER A 678 12.46 -37.84 1.29
C SER A 678 13.80 -37.80 0.57
N GLN A 679 13.88 -37.19 -0.60
CA GLN A 679 15.13 -37.03 -1.34
C GLN A 679 15.76 -38.38 -1.68
N LEU A 680 14.92 -39.35 -2.04
CA LEU A 680 15.44 -40.65 -2.47
C LEU A 680 15.96 -40.58 -3.89
N LYS A 681 17.06 -41.28 -4.15
CA LYS A 681 17.65 -41.32 -5.47
C LYS A 681 16.94 -42.37 -6.32
N LEU A 682 16.82 -42.08 -7.62
CA LEU A 682 16.15 -42.98 -8.55
C LEU A 682 17.06 -43.25 -9.74
N GLU A 683 17.02 -44.48 -10.24
CA GLU A 683 17.95 -44.93 -11.28
C GLU A 683 17.36 -44.87 -12.68
N GLY A 684 16.09 -44.51 -12.83
CA GLY A 684 15.39 -44.60 -14.10
C GLY A 684 15.26 -43.22 -14.75
N PHE A 685 15.54 -43.17 -16.05
CA PHE A 685 15.41 -41.91 -16.77
C PHE A 685 13.96 -41.46 -16.84
N ALA A 686 13.07 -42.36 -17.26
CA ALA A 686 11.68 -41.96 -17.49
C ALA A 686 11.07 -41.33 -16.25
N LEU A 687 11.22 -41.99 -15.10
CA LEU A 687 10.68 -41.45 -13.86
C LEU A 687 11.11 -40.01 -13.65
N MET A 688 12.38 -39.71 -13.95
CA MET A 688 12.88 -38.34 -13.82
C MET A 688 11.88 -37.34 -14.38
N ALA A 689 11.49 -37.51 -15.65
CA ALA A 689 10.56 -36.56 -16.23
C ALA A 689 9.31 -36.46 -15.38
N ASP A 690 8.66 -37.60 -15.12
CA ASP A 690 7.49 -37.58 -14.24
C ASP A 690 7.84 -36.96 -12.91
N MET A 691 8.98 -37.37 -12.33
CA MET A 691 9.39 -36.82 -11.04
C MET A 691 9.42 -35.30 -11.07
N VAL A 692 9.99 -34.73 -12.13
CA VAL A 692 10.05 -33.27 -12.16
C VAL A 692 8.64 -32.70 -12.28
N TYR A 693 7.83 -33.27 -13.19
CA TYR A 693 6.58 -32.61 -13.54
C TYR A 693 5.66 -32.51 -12.35
N VAL A 694 5.56 -33.57 -11.55
CA VAL A 694 4.72 -33.49 -10.37
C VAL A 694 5.26 -32.45 -9.39
N THR A 695 6.57 -32.46 -9.16
CA THR A 695 7.12 -31.63 -8.10
C THR A 695 6.82 -30.16 -8.35
N GLN A 696 7.18 -29.67 -9.55
CA GLN A 696 6.87 -28.29 -9.90
C GLN A 696 5.38 -28.03 -9.80
N SER A 697 4.55 -28.99 -10.21
CA SER A 697 3.12 -28.80 -10.05
C SER A 697 2.74 -28.75 -8.58
N ALA A 698 3.30 -29.65 -7.77
CA ALA A 698 2.82 -29.80 -6.40
C ALA A 698 2.90 -28.49 -5.65
N GLY A 699 3.99 -27.76 -5.83
CA GLY A 699 4.17 -26.52 -5.10
C GLY A 699 2.99 -25.58 -5.24
N ARG A 700 2.43 -25.48 -6.45
CA ARG A 700 1.24 -24.66 -6.61
C ARG A 700 0.05 -25.29 -5.90
N LEU A 701 -0.23 -26.56 -6.19
CA LEU A 701 -1.48 -27.16 -5.73
C LEU A 701 -1.57 -27.16 -4.22
N MET A 702 -0.51 -27.61 -3.56
CA MET A 702 -0.51 -27.62 -2.11
C MET A 702 -0.77 -26.24 -1.54
N ARG A 703 -0.32 -25.18 -2.19
CA ARG A 703 -0.68 -23.85 -1.70
C ARG A 703 -2.17 -23.60 -1.87
N ALA A 704 -2.70 -23.86 -3.06
CA ALA A 704 -4.10 -23.54 -3.34
C ALA A 704 -5.02 -24.28 -2.39
N ILE A 705 -4.77 -25.57 -2.20
CA ILE A 705 -5.57 -26.35 -1.25
C ILE A 705 -5.55 -25.67 0.11
N PHE A 706 -4.37 -25.25 0.56
CA PHE A 706 -4.28 -24.52 1.81
C PHE A 706 -5.20 -23.32 1.79
N GLU A 707 -5.09 -22.49 0.76
CA GLU A 707 -6.00 -21.35 0.66
C GLU A 707 -7.45 -21.82 0.72
N ILE A 708 -7.78 -22.86 -0.06
CA ILE A 708 -9.14 -23.36 -0.08
C ILE A 708 -9.60 -23.73 1.32
N VAL A 709 -8.74 -24.40 2.08
CA VAL A 709 -9.14 -24.82 3.41
C VAL A 709 -8.94 -23.71 4.44
N LEU A 710 -8.12 -22.71 4.14
CA LEU A 710 -7.95 -21.62 5.10
C LEU A 710 -9.20 -20.76 5.20
N ASN A 711 -9.88 -20.53 4.08
CA ASN A 711 -11.07 -19.69 4.09
C ASN A 711 -12.24 -20.38 4.79
N ARG A 712 -12.41 -21.68 4.56
CA ARG A 712 -13.51 -22.37 5.23
C ARG A 712 -13.26 -22.56 6.72
N GLY A 713 -12.10 -22.14 7.22
CA GLY A 713 -11.85 -22.16 8.65
C GLY A 713 -11.80 -23.53 9.28
N TRP A 714 -11.15 -24.49 8.61
CA TRP A 714 -10.94 -25.82 9.16
C TRP A 714 -9.59 -25.85 9.84
N ALA A 715 -9.58 -26.07 11.16
CA ALA A 715 -8.37 -25.84 11.94
C ALA A 715 -7.34 -26.94 11.73
N GLN A 716 -7.78 -28.19 11.63
CA GLN A 716 -6.84 -29.29 11.51
C GLN A 716 -6.27 -29.39 10.10
N LEU A 717 -7.16 -29.40 9.11
CA LEU A 717 -6.73 -29.59 7.73
C LEU A 717 -5.84 -28.44 7.28
N THR A 718 -6.12 -27.23 7.79
CA THR A 718 -5.26 -26.10 7.44
C THR A 718 -3.83 -26.31 7.94
N ASP A 719 -3.69 -26.76 9.18
CA ASP A 719 -2.36 -27.00 9.72
C ASP A 719 -1.66 -28.11 8.93
N LYS A 720 -2.37 -29.19 8.64
CA LYS A 720 -1.75 -30.28 7.89
C LYS A 720 -1.33 -29.83 6.50
N THR A 721 -2.17 -29.06 5.83
CA THR A 721 -1.85 -28.63 4.48
C THR A 721 -0.69 -27.65 4.46
N LEU A 722 -0.67 -26.70 5.41
CA LEU A 722 0.45 -25.77 5.47
C LEU A 722 1.74 -26.50 5.77
N ASN A 723 1.70 -27.46 6.68
CA ASN A 723 2.89 -28.26 6.97
C ASN A 723 3.34 -29.02 5.73
N LEU A 724 2.41 -29.53 4.94
CA LEU A 724 2.80 -30.23 3.72
C LEU A 724 3.39 -29.28 2.71
N CYS A 725 2.87 -28.05 2.61
CA CYS A 725 3.47 -27.07 1.72
C CYS A 725 4.92 -26.81 2.12
N LYS A 726 5.14 -26.60 3.41
CA LYS A 726 6.49 -26.32 3.86
C LYS A 726 7.41 -27.51 3.64
N MET A 727 6.89 -28.73 3.81
CA MET A 727 7.71 -29.91 3.54
C MET A 727 8.07 -30.01 2.07
N ILE A 728 7.11 -29.73 1.18
CA ILE A 728 7.38 -29.76 -0.25
C ILE A 728 8.45 -28.74 -0.60
N ASP A 729 8.34 -27.53 -0.05
CA ASP A 729 9.31 -26.49 -0.34
C ASP A 729 10.70 -26.85 0.18
N LYS A 730 10.78 -27.38 1.39
CA LYS A 730 12.07 -27.58 2.05
C LYS A 730 12.64 -28.99 1.86
N ARG A 731 11.91 -29.88 1.20
CA ARG A 731 12.36 -31.27 0.99
C ARG A 731 12.71 -31.93 2.32
N MET A 732 11.78 -31.88 3.27
CA MET A 732 12.03 -32.35 4.62
C MET A 732 10.77 -33.01 5.17
N TRP A 733 10.96 -33.89 6.14
CA TRP A 733 9.85 -34.43 6.91
C TRP A 733 9.84 -33.80 8.29
N GLN A 734 8.65 -33.59 8.84
CA GLN A 734 8.53 -32.95 10.14
C GLN A 734 9.14 -33.78 11.26
N SER A 735 9.28 -35.09 11.06
CA SER A 735 9.82 -35.94 12.12
C SER A 735 11.28 -35.59 12.41
N MET A 736 12.06 -35.30 11.38
CA MET A 736 13.48 -35.06 11.59
C MET A 736 13.73 -33.65 12.12
N CYS A 737 14.98 -33.41 12.52
CA CYS A 737 15.33 -32.17 13.19
C CYS A 737 15.19 -30.99 12.23
N PRO A 738 14.61 -29.87 12.69
CA PRO A 738 14.44 -28.71 11.81
C PRO A 738 15.74 -28.05 11.41
N LEU A 739 16.85 -28.37 12.06
CA LEU A 739 18.10 -27.67 11.76
C LEU A 739 18.59 -27.96 10.35
N ARG A 740 18.05 -28.97 9.67
CA ARG A 740 18.40 -29.18 8.27
C ARG A 740 17.96 -28.03 7.39
N GLN A 741 17.05 -27.18 7.87
CA GLN A 741 16.61 -26.04 7.09
C GLN A 741 17.75 -25.08 6.79
N PHE A 742 18.83 -25.13 7.56
CA PHE A 742 20.05 -24.39 7.25
C PHE A 742 20.94 -25.30 6.42
N ARG A 743 21.21 -24.89 5.18
CA ARG A 743 21.98 -25.74 4.28
C ARG A 743 23.42 -25.89 4.75
N LYS A 744 23.92 -24.92 5.51
CA LYS A 744 25.33 -24.90 5.87
C LYS A 744 25.67 -26.02 6.85
N LEU A 745 24.73 -26.39 7.70
CA LEU A 745 25.04 -27.33 8.78
C LEU A 745 25.45 -28.69 8.20
N PRO A 746 26.52 -29.30 8.71
CA PRO A 746 26.96 -30.60 8.19
C PRO A 746 25.92 -31.68 8.47
N GLU A 747 25.65 -32.49 7.46
CA GLU A 747 24.56 -33.46 7.54
C GLU A 747 24.75 -34.46 8.67
N GLU A 748 25.97 -34.98 8.80
CA GLU A 748 26.23 -36.01 9.81
C GLU A 748 25.97 -35.49 11.21
N VAL A 749 26.24 -34.20 11.45
CA VAL A 749 25.97 -33.61 12.75
C VAL A 749 24.48 -33.60 13.04
N VAL A 750 23.68 -33.22 12.05
CA VAL A 750 22.23 -33.20 12.22
C VAL A 750 21.72 -34.61 12.43
N LYS A 751 22.30 -35.59 11.73
CA LYS A 751 21.90 -36.98 11.94
C LYS A 751 22.22 -37.42 13.36
N LYS A 752 23.39 -37.03 13.88
CA LYS A 752 23.73 -37.34 15.26
C LYS A 752 22.74 -36.71 16.22
N ILE A 753 22.34 -35.46 15.96
CA ILE A 753 21.33 -34.81 16.80
C ILE A 753 20.02 -35.58 16.76
N GLU A 754 19.61 -36.01 15.56
CA GLU A 754 18.37 -36.76 15.43
C GLU A 754 18.45 -38.11 16.15
N LYS A 755 19.65 -38.68 16.25
CA LYS A 755 19.79 -39.95 16.94
C LYS A 755 19.34 -39.84 18.39
N LYS A 756 19.72 -38.75 19.06
CA LYS A 756 19.17 -38.46 20.38
C LYS A 756 17.70 -38.09 20.24
N ASN A 757 16.86 -38.67 21.10
CA ASN A 757 15.45 -38.29 21.18
C ASN A 757 15.31 -37.02 22.02
N PHE A 758 16.01 -35.98 21.57
CA PHE A 758 16.13 -34.72 22.30
C PHE A 758 15.26 -33.67 21.65
N PRO A 759 14.19 -33.20 22.30
CA PRO A 759 13.30 -32.23 21.66
C PRO A 759 14.01 -30.92 21.35
N PHE A 760 13.57 -30.26 20.29
CA PHE A 760 14.31 -29.13 19.75
C PHE A 760 14.29 -27.94 20.71
N GLU A 761 13.15 -27.69 21.37
CA GLU A 761 13.05 -26.50 22.21
C GLU A 761 14.05 -26.55 23.37
N ARG A 762 14.39 -27.76 23.83
CA ARG A 762 15.37 -27.89 24.90
C ARG A 762 16.75 -27.39 24.47
N LEU A 763 17.00 -27.25 23.17
CA LEU A 763 18.23 -26.62 22.71
C LEU A 763 18.34 -25.19 23.19
N TYR A 764 17.21 -24.50 23.36
CA TYR A 764 17.26 -23.07 23.63
C TYR A 764 17.94 -22.76 24.96
N ASP A 765 17.67 -23.56 25.99
CA ASP A 765 18.21 -23.27 27.31
C ASP A 765 19.63 -23.79 27.51
N LEU A 766 20.15 -24.58 26.58
CA LEU A 766 21.50 -25.13 26.73
C LEU A 766 22.53 -24.19 26.12
N ASN A 767 23.66 -24.06 26.80
CA ASN A 767 24.76 -23.24 26.31
C ASN A 767 25.56 -24.02 25.27
N HIS A 768 26.47 -23.32 24.59
CA HIS A 768 27.20 -23.91 23.48
C HIS A 768 28.06 -25.08 23.94
N ASN A 769 28.74 -24.94 25.09
CA ASN A 769 29.56 -26.03 25.59
C ASN A 769 28.69 -27.24 25.94
N GLU A 770 27.53 -27.00 26.56
CA GLU A 770 26.61 -28.09 26.88
C GLU A 770 26.11 -28.76 25.62
N ILE A 771 25.80 -27.98 24.58
CA ILE A 771 25.37 -28.55 23.31
C ILE A 771 26.47 -29.42 22.73
N GLY A 772 27.71 -28.93 22.74
CA GLY A 772 28.82 -29.69 22.18
C GLY A 772 29.06 -30.99 22.92
N GLU A 773 28.98 -30.96 24.25
CA GLU A 773 29.20 -32.19 25.01
C GLU A 773 28.02 -33.14 24.89
N LEU A 774 26.81 -32.62 24.71
CA LEU A 774 25.66 -33.48 24.44
C LEU A 774 25.81 -34.19 23.10
N ILE A 775 26.25 -33.47 22.08
CA ILE A 775 26.49 -34.08 20.77
C ILE A 775 27.88 -34.70 20.68
N ARG A 776 28.70 -34.54 21.72
CA ARG A 776 30.06 -35.08 21.81
C ARG A 776 31.01 -34.48 20.78
N MET A 777 30.57 -33.46 20.04
CA MET A 777 31.42 -32.75 19.08
C MET A 777 31.53 -31.30 19.54
N PRO A 778 32.31 -31.04 20.59
CA PRO A 778 32.39 -29.67 21.12
C PRO A 778 33.02 -28.68 20.16
N LYS A 779 33.79 -29.14 19.17
CA LYS A 779 34.54 -28.23 18.31
C LYS A 779 33.62 -27.25 17.59
N MET A 780 32.50 -27.74 17.07
CA MET A 780 31.50 -26.89 16.44
C MET A 780 30.34 -26.58 17.37
N GLY A 781 30.45 -26.94 18.65
CA GLY A 781 29.34 -26.75 19.57
C GLY A 781 28.87 -25.32 19.65
N LYS A 782 29.76 -24.36 19.39
CA LYS A 782 29.35 -22.96 19.37
C LYS A 782 28.51 -22.67 18.13
N THR A 783 28.96 -23.13 16.97
CA THR A 783 28.28 -22.79 15.72
C THR A 783 26.82 -23.26 15.75
N ILE A 784 26.59 -24.50 16.17
CA ILE A 784 25.23 -25.00 16.31
C ILE A 784 24.42 -24.07 17.19
N HIS A 785 25.01 -23.65 18.32
CA HIS A 785 24.34 -22.71 19.21
C HIS A 785 23.88 -21.48 18.43
N LYS A 786 24.77 -20.92 17.60
CA LYS A 786 24.38 -19.79 16.78
C LYS A 786 23.13 -20.11 15.97
N TYR A 787 23.13 -21.26 15.30
CA TYR A 787 21.97 -21.62 14.49
C TYR A 787 20.73 -21.79 15.34
N VAL A 788 20.89 -22.26 16.58
CA VAL A 788 19.74 -22.36 17.47
C VAL A 788 19.11 -20.99 17.66
N HIS A 789 19.93 -19.96 17.83
CA HIS A 789 19.40 -18.61 18.00
C HIS A 789 19.10 -17.94 16.68
N LEU A 790 19.31 -18.61 15.56
CA LEU A 790 18.87 -18.12 14.26
C LEU A 790 17.49 -18.62 13.88
N PHE A 791 16.99 -19.65 14.56
CA PHE A 791 15.67 -20.18 14.23
C PHE A 791 14.60 -19.20 14.69
N PRO A 792 13.64 -18.86 13.84
CA PRO A 792 12.62 -17.88 14.24
C PRO A 792 11.83 -18.37 15.44
N LYS A 793 11.52 -17.43 16.34
CA LYS A 793 10.78 -17.74 17.55
C LYS A 793 10.21 -16.45 18.10
N LEU A 794 8.96 -16.50 18.51
CA LEU A 794 8.25 -15.32 19.01
C LEU A 794 7.74 -15.58 20.42
N GLU A 795 7.55 -14.51 21.17
CA GLU A 795 6.90 -14.56 22.47
C GLU A 795 5.59 -13.81 22.38
N LEU A 796 4.53 -14.41 22.91
CA LEU A 796 3.19 -13.90 22.76
C LEU A 796 2.62 -13.50 24.11
N SER A 797 1.94 -12.36 24.15
CA SER A 797 1.15 -11.97 25.30
C SER A 797 -0.21 -11.50 24.83
N VAL A 798 -1.24 -11.75 25.63
CA VAL A 798 -2.61 -11.51 25.23
C VAL A 798 -3.32 -10.69 26.30
N HIS A 799 -3.95 -9.60 25.89
CA HIS A 799 -4.78 -8.78 26.77
C HIS A 799 -6.18 -8.72 26.16
N LEU A 800 -7.15 -9.30 26.86
CA LEU A 800 -8.51 -9.42 26.34
C LEU A 800 -9.46 -8.52 27.11
N GLN A 801 -10.41 -7.92 26.38
CA GLN A 801 -11.41 -7.06 26.99
C GLN A 801 -12.76 -7.40 26.39
N PRO A 802 -13.75 -7.74 27.21
CA PRO A 802 -15.07 -8.03 26.66
C PRO A 802 -15.77 -6.77 26.19
N ILE A 803 -15.86 -6.60 24.87
CA ILE A 803 -16.55 -5.43 24.34
C ILE A 803 -18.05 -5.53 24.60
N THR A 804 -18.65 -6.64 24.19
CA THR A 804 -20.06 -6.88 24.46
C THR A 804 -20.25 -8.25 25.08
N ARG A 805 -21.49 -8.69 25.17
CA ARG A 805 -21.79 -10.01 25.70
C ARG A 805 -21.35 -11.13 24.76
N SER A 806 -21.33 -10.85 23.45
CA SER A 806 -21.08 -11.89 22.47
C SER A 806 -19.71 -11.83 21.81
N THR A 807 -19.01 -10.70 21.88
CA THR A 807 -17.71 -10.56 21.22
C THR A 807 -16.68 -10.03 22.20
N LEU A 808 -15.42 -10.33 21.94
CA LEU A 808 -14.30 -9.84 22.73
C LEU A 808 -13.40 -8.99 21.85
N LYS A 809 -12.41 -8.36 22.48
CA LYS A 809 -11.38 -7.62 21.78
C LYS A 809 -10.06 -8.06 22.37
N VAL A 810 -9.26 -8.77 21.57
CA VAL A 810 -8.01 -9.35 22.04
C VAL A 810 -6.88 -8.58 21.38
N GLU A 811 -5.99 -8.03 22.22
CA GLU A 811 -4.76 -7.41 21.75
C GLU A 811 -3.62 -8.38 22.00
N LEU A 812 -2.88 -8.68 20.95
CA LEU A 812 -1.79 -9.64 20.99
C LEU A 812 -0.48 -8.89 20.79
N THR A 813 0.45 -9.08 21.71
CA THR A 813 1.77 -8.49 21.62
C THR A 813 2.76 -9.59 21.24
N ILE A 814 3.45 -9.37 20.13
CA ILE A 814 4.42 -10.30 19.57
C ILE A 814 5.80 -9.70 19.77
N THR A 815 6.69 -10.47 20.38
CA THR A 815 8.06 -10.02 20.62
C THR A 815 9.02 -11.01 19.96
N PRO A 816 9.76 -10.60 18.93
CA PRO A 816 10.76 -11.49 18.35
C PRO A 816 11.83 -11.84 19.38
N ASP A 817 12.31 -13.08 19.30
CA ASP A 817 13.28 -13.59 20.24
C ASP A 817 14.40 -14.33 19.51
N PHE A 818 14.92 -13.72 18.45
CA PHE A 818 15.96 -14.35 17.66
C PHE A 818 16.76 -13.28 16.94
N GLN A 819 18.06 -13.50 16.81
CA GLN A 819 18.90 -12.60 16.05
C GLN A 819 18.53 -12.67 14.58
N TRP A 820 18.44 -11.51 13.94
CA TRP A 820 18.06 -11.44 12.54
C TRP A 820 19.30 -11.48 11.66
N ASP A 821 19.31 -12.39 10.69
CA ASP A 821 20.41 -12.51 9.74
C ASP A 821 19.85 -12.44 8.34
N GLU A 822 20.31 -11.47 7.55
CA GLU A 822 19.74 -11.26 6.23
C GLU A 822 20.09 -12.39 5.26
N LYS A 823 21.09 -13.21 5.58
CA LYS A 823 21.40 -14.34 4.73
C LYS A 823 20.34 -15.42 4.90
N VAL A 824 20.21 -15.93 6.13
CA VAL A 824 19.31 -17.04 6.38
C VAL A 824 17.85 -16.60 6.26
N HIS A 825 17.51 -15.49 6.92
CA HIS A 825 16.10 -15.08 7.01
C HIS A 825 15.66 -14.32 5.76
N GLY A 826 16.27 -13.17 5.50
CA GLY A 826 15.89 -12.39 4.34
C GLY A 826 15.33 -11.03 4.70
N SER A 827 14.65 -10.39 3.75
CA SER A 827 14.15 -9.05 3.98
C SER A 827 12.94 -9.02 4.90
N SER A 828 12.20 -10.12 4.99
CA SER A 828 11.02 -10.16 5.84
C SER A 828 10.65 -11.61 6.13
N GLU A 829 9.84 -11.79 7.16
CA GLU A 829 9.30 -13.09 7.53
C GLU A 829 7.79 -13.00 7.60
N ALA A 830 7.13 -14.12 7.32
CA ALA A 830 5.68 -14.17 7.27
C ALA A 830 5.15 -15.13 8.31
N PHE A 831 4.01 -14.79 8.91
CA PHE A 831 3.39 -15.64 9.91
C PHE A 831 1.88 -15.59 9.73
N TRP A 832 1.22 -16.66 10.15
CA TRP A 832 -0.22 -16.74 10.18
C TRP A 832 -0.67 -16.79 11.63
N ILE A 833 -1.55 -15.88 12.02
CA ILE A 833 -2.15 -15.84 13.34
C ILE A 833 -3.51 -16.50 13.25
N LEU A 834 -3.70 -17.59 14.00
CA LEU A 834 -4.92 -18.37 13.94
C LEU A 834 -5.52 -18.48 15.33
N VAL A 835 -6.81 -18.18 15.46
CA VAL A 835 -7.54 -18.31 16.70
C VAL A 835 -8.49 -19.47 16.56
N GLU A 836 -8.40 -20.43 17.46
CA GLU A 836 -9.14 -21.67 17.36
C GLU A 836 -9.95 -21.91 18.63
N ASP A 837 -11.09 -22.57 18.46
CA ASP A 837 -11.98 -22.82 19.59
C ASP A 837 -11.39 -23.89 20.50
N VAL A 838 -12.16 -24.24 21.54
CA VAL A 838 -11.67 -25.17 22.54
C VAL A 838 -11.42 -26.54 21.92
N ASP A 839 -12.32 -26.98 21.03
CA ASP A 839 -12.10 -28.26 20.36
C ASP A 839 -10.89 -28.20 19.44
N SER A 840 -10.51 -27.01 19.01
CA SER A 840 -9.43 -26.78 18.06
C SER A 840 -9.72 -27.39 16.70
N GLU A 841 -10.99 -27.51 16.32
CA GLU A 841 -11.37 -28.04 15.02
C GLU A 841 -11.86 -26.96 14.07
N VAL A 842 -11.93 -25.72 14.50
CA VAL A 842 -12.44 -24.63 13.68
C VAL A 842 -11.68 -23.35 14.01
N ILE A 843 -11.46 -22.53 12.99
CA ILE A 843 -10.73 -21.27 13.14
C ILE A 843 -11.76 -20.15 13.29
N LEU A 844 -11.76 -19.50 14.45
CA LEU A 844 -12.64 -18.35 14.63
C LEU A 844 -12.16 -17.17 13.80
N HIS A 845 -10.85 -16.95 13.73
CA HIS A 845 -10.30 -15.78 13.06
C HIS A 845 -8.87 -16.05 12.65
N HIS A 846 -8.53 -15.66 11.43
CA HIS A 846 -7.17 -15.83 10.93
C HIS A 846 -6.69 -14.52 10.35
N GLU A 847 -5.38 -14.28 10.45
CA GLU A 847 -4.79 -13.03 10.00
C GLU A 847 -3.37 -13.30 9.53
N TYR A 848 -2.86 -12.40 8.70
CA TYR A 848 -1.52 -12.50 8.14
C TYR A 848 -0.64 -11.43 8.77
N PHE A 849 0.53 -11.82 9.24
CA PHE A 849 1.44 -10.91 9.92
C PHE A 849 2.79 -10.94 9.22
N LEU A 850 3.37 -9.76 9.00
CA LEU A 850 4.62 -9.63 8.26
C LEU A 850 5.63 -8.92 9.14
N LEU A 851 6.68 -9.63 9.52
CA LEU A 851 7.75 -9.09 10.35
C LEU A 851 8.86 -8.61 9.44
N LYS A 852 8.99 -7.30 9.30
CA LYS A 852 10.01 -6.73 8.41
C LYS A 852 11.37 -6.73 9.09
N ALA A 853 12.41 -6.84 8.27
CA ALA A 853 13.78 -6.89 8.80
C ALA A 853 14.13 -5.61 9.53
N LYS A 854 13.73 -4.47 8.98
CA LYS A 854 14.08 -3.19 9.58
C LYS A 854 13.52 -3.07 11.00
N TYR A 855 12.30 -3.56 11.20
CA TYR A 855 11.61 -3.42 12.48
C TYR A 855 11.72 -4.68 13.33
N ALA A 856 12.70 -5.52 13.09
CA ALA A 856 12.89 -6.70 13.91
C ALA A 856 13.27 -6.29 15.33
N GLN A 857 13.02 -7.19 16.28
CA GLN A 857 13.30 -6.95 17.69
C GLN A 857 12.51 -5.76 18.23
N ASP A 858 11.36 -5.48 17.64
CA ASP A 858 10.45 -4.45 18.12
C ASP A 858 9.10 -5.10 18.41
N GLU A 859 8.52 -4.79 19.57
CA GLU A 859 7.23 -5.35 19.92
C GLU A 859 6.17 -4.89 18.94
N HIS A 860 5.36 -5.84 18.46
CA HIS A 860 4.28 -5.56 17.53
C HIS A 860 2.96 -5.84 18.22
N LEU A 861 1.97 -4.98 18.00
CA LEU A 861 0.67 -5.11 18.63
C LEU A 861 -0.40 -5.30 17.55
N ILE A 862 -1.18 -6.37 17.69
CA ILE A 862 -2.22 -6.73 16.74
C ILE A 862 -3.53 -6.87 17.51
N THR A 863 -4.53 -6.07 17.15
CA THR A 863 -5.82 -6.09 17.84
C THR A 863 -6.87 -6.70 16.92
N PHE A 864 -7.59 -7.70 17.41
CA PHE A 864 -8.68 -8.26 16.62
C PHE A 864 -9.80 -8.71 17.53
N PHE A 865 -10.99 -8.85 16.94
CA PHE A 865 -12.20 -9.18 17.67
C PHE A 865 -12.59 -10.62 17.38
N VAL A 866 -12.81 -11.41 18.42
CA VAL A 866 -13.25 -12.79 18.24
C VAL A 866 -14.61 -12.98 18.90
N PRO A 867 -15.46 -13.84 18.38
CA PRO A 867 -16.77 -14.05 18.99
C PRO A 867 -16.76 -15.15 20.03
N VAL A 868 -17.68 -15.04 20.98
CA VAL A 868 -17.88 -16.05 22.01
C VAL A 868 -19.36 -16.42 22.03
N PHE A 869 -19.72 -17.33 22.93
CA PHE A 869 -21.10 -17.79 23.05
C PHE A 869 -21.44 -17.95 24.51
N GLU A 870 -22.74 -18.13 24.78
CA GLU A 870 -23.21 -18.10 26.17
C GLU A 870 -22.57 -19.17 27.05
N PRO A 871 -22.51 -20.45 26.66
CA PRO A 871 -21.70 -21.39 27.43
C PRO A 871 -20.24 -21.21 27.09
N LEU A 872 -19.50 -20.58 28.00
CA LEU A 872 -18.13 -20.18 27.71
C LEU A 872 -17.21 -21.39 27.74
N PRO A 873 -16.53 -21.71 26.63
CA PRO A 873 -15.54 -22.78 26.70
C PRO A 873 -14.35 -22.36 27.51
N PRO A 874 -13.63 -23.30 28.11
CA PRO A 874 -12.50 -22.93 28.98
C PRO A 874 -11.40 -22.14 28.26
N GLN A 875 -11.11 -22.42 27.00
CA GLN A 875 -9.93 -21.83 26.38
C GLN A 875 -10.16 -21.58 24.89
N TYR A 876 -9.44 -20.61 24.37
CA TYR A 876 -9.21 -20.44 22.94
C TYR A 876 -7.71 -20.53 22.68
N PHE A 877 -7.32 -21.15 21.59
CA PHE A 877 -5.91 -21.31 21.31
C PHE A 877 -5.47 -20.33 20.24
N ILE A 878 -4.43 -19.55 20.53
CA ILE A 878 -3.88 -18.61 19.56
C ILE A 878 -2.55 -19.16 19.09
N ARG A 879 -2.46 -19.47 17.79
CA ARG A 879 -1.26 -20.07 17.22
C ARG A 879 -0.68 -19.15 16.16
N VAL A 880 0.60 -18.81 16.32
CA VAL A 880 1.34 -18.09 15.30
C VAL A 880 2.26 -19.08 14.61
N VAL A 881 2.03 -19.30 13.32
CA VAL A 881 2.72 -20.33 12.56
C VAL A 881 3.51 -19.67 11.45
N SER A 882 4.78 -20.03 11.33
CA SER A 882 5.60 -19.47 10.26
C SER A 882 5.10 -19.95 8.91
N ASP A 883 5.28 -19.10 7.90
CA ASP A 883 4.75 -19.39 6.58
C ASP A 883 5.67 -20.28 5.75
N ARG A 884 6.97 -20.31 6.05
CA ARG A 884 7.88 -21.14 5.28
C ARG A 884 8.94 -21.84 6.13
N TRP A 885 8.74 -21.94 7.44
CA TRP A 885 9.66 -22.64 8.32
C TRP A 885 8.90 -23.76 9.04
N LEU A 886 9.47 -24.96 9.04
CA LEU A 886 8.83 -26.07 9.71
C LEU A 886 9.07 -26.03 11.21
N SER A 887 8.12 -26.55 11.97
CA SER A 887 8.21 -26.64 13.43
C SER A 887 8.52 -25.28 14.04
N CYS A 888 7.87 -24.25 13.52
CA CYS A 888 8.13 -22.87 13.91
C CYS A 888 6.84 -22.20 14.35
N GLU A 889 6.07 -22.87 15.20
CA GLU A 889 4.81 -22.36 15.69
C GLU A 889 4.89 -22.03 17.18
N THR A 890 4.07 -21.08 17.60
CA THR A 890 3.95 -20.71 19.00
C THR A 890 2.49 -20.68 19.38
N GLN A 891 2.12 -21.42 20.42
CA GLN A 891 0.73 -21.57 20.82
C GLN A 891 0.53 -20.99 22.21
N LEU A 892 -0.54 -20.22 22.38
CA LEU A 892 -0.85 -19.59 23.66
C LEU A 892 -2.30 -19.89 24.01
N PRO A 893 -2.57 -20.47 25.17
CA PRO A 893 -3.96 -20.70 25.58
C PRO A 893 -4.53 -19.47 26.27
N VAL A 894 -5.52 -18.86 25.65
CA VAL A 894 -6.30 -17.80 26.26
C VAL A 894 -7.37 -18.43 27.13
N SER A 895 -7.35 -18.12 28.42
CA SER A 895 -8.23 -18.75 29.39
C SER A 895 -9.47 -17.89 29.64
N PHE A 896 -10.54 -18.55 30.10
CA PHE A 896 -11.80 -17.89 30.37
C PHE A 896 -12.35 -18.24 31.75
N ARG A 897 -11.53 -18.78 32.65
CA ARG A 897 -12.03 -19.18 33.96
C ARG A 897 -12.32 -18.00 34.87
N HIS A 898 -11.84 -16.81 34.52
CA HIS A 898 -12.05 -15.61 35.33
C HIS A 898 -12.52 -14.47 34.45
N LEU A 899 -13.52 -14.74 33.61
CA LEU A 899 -14.08 -13.76 32.70
C LEU A 899 -15.51 -13.45 33.09
N ILE A 900 -15.81 -12.17 33.25
CA ILE A 900 -17.15 -11.71 33.57
C ILE A 900 -17.66 -10.94 32.38
N LEU A 901 -18.65 -11.49 31.69
CA LEU A 901 -19.19 -10.83 30.51
C LEU A 901 -20.02 -9.61 30.92
N PRO A 902 -20.14 -8.62 30.04
CA PRO A 902 -20.96 -7.45 30.35
C PRO A 902 -22.42 -7.84 30.51
N GLU A 903 -23.11 -7.06 31.34
CA GLU A 903 -24.54 -7.31 31.56
C GLU A 903 -25.32 -7.09 30.28
N LYS A 904 -26.28 -7.96 30.02
CA LYS A 904 -27.07 -7.87 28.80
C LYS A 904 -27.86 -6.56 28.78
N TYR A 905 -27.83 -5.89 27.63
CA TYR A 905 -28.49 -4.60 27.53
C TYR A 905 -30.00 -4.75 27.37
N PRO A 906 -30.78 -3.81 27.87
CA PRO A 906 -32.22 -3.87 27.71
C PRO A 906 -32.62 -3.60 26.27
N PRO A 907 -33.83 -4.00 25.87
CA PRO A 907 -34.25 -3.75 24.50
C PRO A 907 -34.38 -2.26 24.25
N PRO A 908 -34.10 -1.82 23.02
CA PRO A 908 -34.19 -0.38 22.72
C PRO A 908 -35.62 0.11 22.78
N THR A 909 -35.75 1.42 22.98
CA THR A 909 -37.06 2.05 23.06
C THR A 909 -37.81 1.85 21.75
N GLU A 910 -39.02 1.30 21.86
CA GLU A 910 -39.82 1.07 20.66
C GLU A 910 -40.32 2.39 20.10
N LEU A 911 -40.53 2.40 18.79
CA LEU A 911 -40.98 3.61 18.09
C LEU A 911 -42.49 3.64 18.07
N LEU A 912 -43.07 4.53 18.87
CA LEU A 912 -44.53 4.67 18.87
C LEU A 912 -45.01 5.18 17.53
N ASP A 913 -46.09 4.59 17.04
CA ASP A 913 -46.68 5.01 15.76
C ASP A 913 -47.64 6.17 15.96
N LEU A 914 -47.12 7.25 16.51
CA LEU A 914 -47.92 8.43 16.78
C LEU A 914 -48.22 9.19 15.50
N GLN A 915 -49.34 9.90 15.50
CA GLN A 915 -49.71 10.74 14.37
C GLN A 915 -48.69 11.88 14.23
N PRO A 916 -48.24 12.17 13.00
CA PRO A 916 -47.18 13.16 12.83
C PRO A 916 -47.57 14.51 13.39
N LEU A 917 -46.60 15.19 14.00
CA LEU A 917 -46.86 16.44 14.72
C LEU A 917 -46.79 17.61 13.75
N PRO A 918 -47.84 18.42 13.63
CA PRO A 918 -47.75 19.63 12.82
C PRO A 918 -46.83 20.65 13.48
N VAL A 919 -46.23 21.50 12.64
CA VAL A 919 -45.35 22.55 13.15
C VAL A 919 -46.11 23.51 14.04
N SER A 920 -47.42 23.65 13.82
CA SER A 920 -48.23 24.60 14.59
C SER A 920 -48.36 24.18 16.04
N ALA A 921 -47.75 23.05 16.41
CA ALA A 921 -47.81 22.61 17.80
C ALA A 921 -47.14 23.60 18.73
N LEU A 922 -46.01 24.17 18.29
CA LEU A 922 -45.35 25.22 19.06
C LEU A 922 -46.31 26.39 19.22
N ARG A 923 -46.41 26.91 20.45
CA ARG A 923 -47.40 27.95 20.72
C ARG A 923 -47.04 29.26 20.04
N ASN A 924 -45.78 29.69 20.17
CA ASN A 924 -45.40 31.00 19.66
C ASN A 924 -45.30 30.97 18.14
N SER A 925 -45.94 31.95 17.49
CA SER A 925 -45.92 32.00 16.03
C SER A 925 -44.52 32.28 15.50
N ALA A 926 -43.74 33.09 16.21
CA ALA A 926 -42.37 33.37 15.78
C ALA A 926 -41.56 32.08 15.73
N PHE A 927 -41.72 31.22 16.73
CA PHE A 927 -41.03 29.93 16.72
C PHE A 927 -41.47 29.08 15.54
N GLU A 928 -42.78 29.08 15.24
CA GLU A 928 -43.28 28.31 14.12
C GLU A 928 -42.71 28.82 12.80
N SER A 929 -42.44 30.12 12.72
CA SER A 929 -41.89 30.68 11.48
C SER A 929 -40.53 30.09 11.16
N LEU A 930 -39.83 29.54 12.14
CA LEU A 930 -38.51 28.98 11.88
C LEU A 930 -38.60 27.77 10.96
N TYR A 931 -39.58 26.91 11.17
CA TYR A 931 -39.63 25.62 10.48
C TYR A 931 -40.74 25.50 9.46
N GLN A 932 -41.74 26.39 9.48
CA GLN A 932 -42.88 26.20 8.60
C GLN A 932 -42.48 26.21 7.13
N ASP A 933 -41.38 26.88 6.79
CA ASP A 933 -40.94 26.90 5.40
C ASP A 933 -40.32 25.58 5.00
N LYS A 934 -39.49 24.99 5.87
CA LYS A 934 -38.74 23.80 5.48
C LYS A 934 -39.66 22.59 5.35
N PHE A 935 -40.53 22.36 6.32
CA PHE A 935 -41.38 21.19 6.31
C PHE A 935 -42.61 21.46 7.15
N PRO A 936 -43.76 20.90 6.81
CA PRO A 936 -44.97 21.08 7.62
C PRO A 936 -45.17 20.03 8.71
N PHE A 937 -44.44 18.92 8.68
CA PHE A 937 -44.60 17.87 9.66
C PHE A 937 -43.24 17.35 10.09
N PHE A 938 -43.15 16.94 11.35
CA PHE A 938 -41.93 16.40 11.92
C PHE A 938 -41.84 14.90 11.69
N ASN A 939 -40.62 14.39 11.60
CA ASN A 939 -40.43 12.95 11.48
C ASN A 939 -40.82 12.27 12.79
N PRO A 940 -41.16 10.97 12.75
CA PRO A 940 -41.74 10.33 13.94
C PRO A 940 -40.86 10.42 15.18
N ILE A 941 -39.54 10.36 15.03
CA ILE A 941 -38.65 10.40 16.19
C ILE A 941 -38.87 11.68 16.96
N GLN A 942 -38.82 12.82 16.28
CA GLN A 942 -38.97 14.08 16.99
C GLN A 942 -40.42 14.34 17.39
N THR A 943 -41.40 13.75 16.70
CA THR A 943 -42.77 13.85 17.21
C THR A 943 -42.88 13.16 18.56
N GLN A 944 -42.24 12.00 18.71
CA GLN A 944 -42.26 11.31 19.99
C GLN A 944 -41.49 12.08 21.05
N VAL A 945 -40.34 12.65 20.68
CA VAL A 945 -39.49 13.34 21.64
C VAL A 945 -40.03 14.72 22.04
N PHE A 946 -40.89 15.33 21.21
CA PHE A 946 -41.25 16.72 21.40
C PHE A 946 -41.94 16.96 22.73
N ASN A 947 -42.88 16.10 23.10
CA ASN A 947 -43.61 16.34 24.34
C ASN A 947 -42.65 16.40 25.52
N THR A 948 -41.79 15.39 25.65
CA THR A 948 -40.86 15.34 26.78
C THR A 948 -39.91 16.54 26.77
N VAL A 949 -39.39 16.90 25.60
CA VAL A 949 -38.38 17.96 25.57
C VAL A 949 -39.02 19.32 25.75
N TYR A 950 -39.94 19.69 24.87
CA TYR A 950 -40.48 21.04 24.85
C TYR A 950 -41.42 21.29 26.02
N ASN A 951 -42.26 20.32 26.38
CA ASN A 951 -43.29 20.58 27.38
C ASN A 951 -42.90 20.15 28.79
N SER A 952 -41.67 19.71 29.00
CA SER A 952 -41.22 19.33 30.33
C SER A 952 -39.81 19.85 30.55
N ASP A 953 -39.46 20.02 31.82
CA ASP A 953 -38.16 20.57 32.22
C ASP A 953 -37.43 19.51 33.03
N ASP A 954 -36.71 18.64 32.34
CA ASP A 954 -35.89 17.62 33.00
C ASP A 954 -34.86 17.12 32.01
N ASN A 955 -33.79 16.55 32.56
CA ASN A 955 -32.70 16.07 31.72
C ASN A 955 -33.20 14.98 30.79
N VAL A 956 -32.69 14.97 29.56
CA VAL A 956 -33.18 14.03 28.56
C VAL A 956 -32.01 13.53 27.72
N PHE A 957 -32.12 12.28 27.29
CA PHE A 957 -31.13 11.64 26.43
C PHE A 957 -31.84 11.11 25.18
N VAL A 958 -31.31 11.42 24.02
CA VAL A 958 -31.91 11.04 22.75
C VAL A 958 -30.89 10.24 21.95
N GLY A 959 -31.17 8.97 21.76
CA GLY A 959 -30.30 8.12 20.97
C GLY A 959 -30.96 7.67 19.70
N ALA A 960 -30.51 8.18 18.56
CA ALA A 960 -31.07 7.86 17.27
C ALA A 960 -29.93 7.74 16.26
N PRO A 961 -30.13 6.98 15.19
CA PRO A 961 -29.09 6.87 14.17
C PRO A 961 -28.81 8.23 13.57
N THR A 962 -27.54 8.46 13.24
CA THR A 962 -27.15 9.76 12.72
C THR A 962 -27.89 10.06 11.43
N GLY A 963 -28.32 11.31 11.28
CA GLY A 963 -29.18 11.67 10.19
C GLY A 963 -30.66 11.65 10.52
N SER A 964 -31.02 11.58 11.80
CA SER A 964 -32.41 11.59 12.22
C SER A 964 -32.86 12.96 12.72
N GLY A 965 -32.04 13.99 12.56
CA GLY A 965 -32.42 15.32 12.99
C GLY A 965 -32.56 15.52 14.48
N LYS A 966 -31.59 15.03 15.25
CA LYS A 966 -31.58 15.30 16.69
C LYS A 966 -31.29 16.77 16.98
N THR A 967 -30.64 17.47 16.06
CA THR A 967 -30.43 18.90 16.24
C THR A 967 -31.76 19.63 16.38
N ILE A 968 -32.80 19.11 15.74
CA ILE A 968 -34.12 19.70 15.92
C ILE A 968 -34.59 19.52 17.36
N CYS A 969 -34.25 18.39 17.98
CA CYS A 969 -34.58 18.21 19.39
C CYS A 969 -33.80 19.19 20.27
N ALA A 970 -32.53 19.40 19.95
CA ALA A 970 -31.76 20.40 20.70
C ALA A 970 -32.38 21.78 20.55
N GLU A 971 -32.82 22.11 19.34
CA GLU A 971 -33.48 23.39 19.12
C GLU A 971 -34.81 23.46 19.87
N PHE A 972 -35.50 22.32 20.02
CA PHE A 972 -36.70 22.31 20.85
C PHE A 972 -36.37 22.69 22.29
N ALA A 973 -35.28 22.12 22.81
CA ALA A 973 -34.87 22.46 24.17
C ALA A 973 -34.52 23.93 24.27
N ILE A 974 -33.80 24.46 23.27
CA ILE A 974 -33.41 25.86 23.30
C ILE A 974 -34.63 26.76 23.25
N LEU A 975 -35.62 26.41 22.42
CA LEU A 975 -36.84 27.21 22.34
C LEU A 975 -37.59 27.18 23.65
N ARG A 976 -37.64 26.03 24.32
CA ARG A 976 -38.28 26.00 25.64
C ARG A 976 -37.55 26.91 26.61
N MET A 977 -36.21 26.91 26.56
CA MET A 977 -35.46 27.79 27.43
C MET A 977 -35.75 29.25 27.14
N LEU A 978 -35.82 29.62 25.86
CA LEU A 978 -36.12 31.00 25.51
C LEU A 978 -37.51 31.40 25.96
N LEU A 979 -38.47 30.49 25.85
CA LEU A 979 -39.82 30.78 26.32
C LEU A 979 -39.85 30.92 27.84
N GLN A 980 -39.06 30.10 28.55
CA GLN A 980 -39.02 30.18 30.00
C GLN A 980 -38.49 31.51 30.47
N SER A 981 -37.40 31.98 29.87
CA SER A 981 -36.78 33.24 30.25
C SER A 981 -36.38 34.01 29.01
N SER A 982 -36.66 35.31 28.99
CA SER A 982 -36.35 36.11 27.81
C SER A 982 -34.85 36.10 27.53
N GLU A 983 -34.03 36.20 28.56
CA GLU A 983 -32.58 36.14 28.44
C GLU A 983 -32.08 34.93 29.20
N GLY A 984 -31.68 33.89 28.48
CA GLY A 984 -31.12 32.71 29.09
C GLY A 984 -29.88 32.28 28.34
N ARG A 985 -29.14 31.37 28.95
CA ARG A 985 -27.87 30.91 28.41
C ARG A 985 -27.93 29.42 28.16
N CYS A 986 -27.57 29.00 26.95
CA CYS A 986 -27.44 27.61 26.59
C CYS A 986 -26.04 27.36 26.09
N VAL A 987 -25.48 26.22 26.46
CA VAL A 987 -24.12 25.86 26.06
C VAL A 987 -24.20 24.57 25.26
N TYR A 988 -23.81 24.63 24.00
CA TYR A 988 -23.85 23.48 23.10
C TYR A 988 -22.43 23.00 22.85
N ILE A 989 -22.12 21.78 23.29
CA ILE A 989 -20.79 21.22 23.22
C ILE A 989 -20.77 20.10 22.21
N THR A 990 -19.91 20.22 21.20
CA THR A 990 -19.78 19.19 20.18
C THR A 990 -18.32 18.76 20.05
N PRO A 991 -18.04 17.46 19.99
CA PRO A 991 -16.64 17.01 20.08
C PRO A 991 -15.77 17.42 18.92
N MET A 992 -16.35 17.67 17.75
CA MET A 992 -15.56 17.97 16.56
C MET A 992 -15.64 19.46 16.25
N GLU A 993 -14.48 20.05 15.98
CA GLU A 993 -14.41 21.48 15.71
C GLU A 993 -15.20 21.87 14.45
N ALA A 994 -15.06 21.07 13.39
CA ALA A 994 -15.77 21.36 12.15
C ALA A 994 -17.28 21.30 12.36
N LEU A 995 -17.74 20.32 13.14
CA LEU A 995 -19.16 20.26 13.47
C LEU A 995 -19.58 21.51 14.22
N ALA A 996 -18.73 22.01 15.11
CA ALA A 996 -19.05 23.24 15.82
C ALA A 996 -19.24 24.39 14.85
N GLU A 997 -18.35 24.50 13.86
CA GLU A 997 -18.51 25.58 12.89
C GLU A 997 -19.82 25.43 12.12
N GLN A 998 -20.13 24.22 11.67
CA GLN A 998 -21.35 24.02 10.90
C GLN A 998 -22.58 24.39 11.72
N VAL A 999 -22.62 23.94 12.97
CA VAL A 999 -23.76 24.26 13.83
C VAL A 999 -23.85 25.76 14.06
N TYR A 1000 -22.70 26.42 14.24
CA TYR A 1000 -22.72 27.86 14.45
C TYR A 1000 -23.31 28.57 13.25
N MET A 1001 -22.92 28.17 12.04
CA MET A 1001 -23.48 28.80 10.87
C MET A 1001 -24.99 28.58 10.78
N ASP A 1002 -25.42 27.35 11.03
CA ASP A 1002 -26.85 27.05 10.93
C ASP A 1002 -27.66 27.86 11.93
N TRP A 1003 -27.21 27.91 13.18
CA TRP A 1003 -27.99 28.62 14.20
C TRP A 1003 -27.85 30.13 14.08
N TYR A 1004 -26.75 30.63 13.53
CA TYR A 1004 -26.67 32.04 13.20
C TYR A 1004 -27.71 32.39 12.16
N GLU A 1005 -27.88 31.52 11.16
CA GLU A 1005 -28.94 31.74 10.19
C GLU A 1005 -30.31 31.65 10.84
N LYS A 1006 -30.46 30.76 11.82
CA LYS A 1006 -31.77 30.44 12.35
C LYS A 1006 -32.17 31.29 13.56
N PHE A 1007 -31.24 31.54 14.47
CA PHE A 1007 -31.58 32.21 15.73
C PHE A 1007 -31.32 33.71 15.69
N GLN A 1008 -30.09 34.12 15.38
CA GLN A 1008 -29.76 35.54 15.43
C GLN A 1008 -30.50 36.33 14.36
N ASP A 1009 -30.63 35.76 13.16
CA ASP A 1009 -31.28 36.50 12.08
C ASP A 1009 -32.78 36.63 12.31
N ARG A 1010 -33.44 35.57 12.76
CA ARG A 1010 -34.90 35.57 12.88
C ARG A 1010 -35.36 35.96 14.28
N LEU A 1011 -34.78 35.35 15.31
CA LEU A 1011 -35.20 35.57 16.69
C LEU A 1011 -34.37 36.63 17.39
N ASN A 1012 -33.45 37.28 16.68
CA ASN A 1012 -32.56 38.31 17.23
C ASN A 1012 -32.04 37.95 18.62
N LYS A 1013 -31.54 36.73 18.74
CA LYS A 1013 -30.89 36.26 19.96
C LYS A 1013 -29.42 36.02 19.70
N LYS A 1014 -28.58 36.41 20.66
CA LYS A 1014 -27.14 36.35 20.47
C LYS A 1014 -26.67 34.91 20.39
N VAL A 1015 -25.82 34.62 19.42
CA VAL A 1015 -25.20 33.31 19.24
C VAL A 1015 -23.72 33.52 19.00
N VAL A 1016 -22.88 32.87 19.81
CA VAL A 1016 -21.44 33.06 19.70
C VAL A 1016 -20.75 31.70 19.69
N LEU A 1017 -19.55 31.69 19.13
CA LEU A 1017 -18.71 30.50 19.06
C LEU A 1017 -17.41 30.77 19.81
N LEU A 1018 -17.05 29.88 20.72
CA LEU A 1018 -15.88 30.09 21.54
C LEU A 1018 -14.60 29.92 20.74
N THR A 1019 -13.57 30.67 21.14
CA THR A 1019 -12.26 30.65 20.50
C THR A 1019 -11.20 30.29 21.54
N GLY A 1020 -9.93 30.41 21.15
CA GLY A 1020 -8.85 30.02 22.04
C GLY A 1020 -8.68 30.96 23.23
N GLU A 1021 -8.68 32.26 22.97
CA GLU A 1021 -8.32 33.24 24.00
C GLU A 1021 -9.35 33.24 25.12
N THR A 1022 -8.88 33.16 26.36
CA THR A 1022 -9.81 33.04 27.49
C THR A 1022 -10.58 34.34 27.72
N SER A 1023 -9.94 35.48 27.51
CA SER A 1023 -10.64 36.75 27.72
C SER A 1023 -11.77 36.93 26.72
N THR A 1024 -11.52 36.62 25.45
CA THR A 1024 -12.58 36.71 24.45
C THR A 1024 -13.69 35.73 24.77
N ASP A 1025 -13.34 34.53 25.23
CA ASP A 1025 -14.36 33.56 25.63
C ASP A 1025 -15.21 34.10 26.76
N LEU A 1026 -14.58 34.74 27.75
CA LEU A 1026 -15.34 35.30 28.85
C LEU A 1026 -16.29 36.39 28.36
N LYS A 1027 -15.81 37.24 27.46
CA LYS A 1027 -16.68 38.29 26.92
C LYS A 1027 -17.86 37.68 26.19
N LEU A 1028 -17.60 36.68 25.34
CA LEU A 1028 -18.68 36.06 24.57
C LEU A 1028 -19.68 35.37 25.48
N LEU A 1029 -19.19 34.67 26.51
CA LEU A 1029 -20.09 34.02 27.45
C LEU A 1029 -20.92 35.04 28.20
N GLY A 1030 -20.34 36.20 28.52
CA GLY A 1030 -21.11 37.24 29.17
C GLY A 1030 -22.20 37.82 28.29
N LYS A 1031 -21.89 38.01 27.01
CA LYS A 1031 -22.85 38.68 26.13
C LYS A 1031 -23.77 37.70 25.41
N GLY A 1032 -23.26 36.53 25.03
CA GLY A 1032 -24.04 35.64 24.20
C GLY A 1032 -25.15 34.93 24.95
N ASN A 1033 -26.10 34.40 24.19
CA ASN A 1033 -27.16 33.55 24.72
C ASN A 1033 -26.99 32.09 24.36
N ILE A 1034 -26.47 31.79 23.17
CA ILE A 1034 -26.13 30.44 22.77
C ILE A 1034 -24.62 30.40 22.60
N ILE A 1035 -23.98 29.41 23.19
CA ILE A 1035 -22.53 29.32 23.24
C ILE A 1035 -22.15 28.00 22.59
N ILE A 1036 -21.67 28.04 21.36
CA ILE A 1036 -21.21 26.84 20.67
C ILE A 1036 -19.75 26.61 21.03
N SER A 1037 -19.40 25.39 21.39
CA SER A 1037 -18.03 25.12 21.80
C SER A 1037 -17.68 23.66 21.60
N THR A 1038 -16.40 23.37 21.73
CA THR A 1038 -15.82 22.03 21.72
C THR A 1038 -15.35 21.68 23.12
N PRO A 1039 -15.11 20.39 23.39
CA PRO A 1039 -14.77 20.01 24.77
C PRO A 1039 -13.56 20.74 25.37
N GLU A 1040 -12.48 20.92 24.62
CA GLU A 1040 -11.29 21.55 25.20
C GLU A 1040 -11.55 23.02 25.52
N LYS A 1041 -12.19 23.74 24.59
CA LYS A 1041 -12.43 25.16 24.79
C LYS A 1041 -13.32 25.40 26.00
N TRP A 1042 -14.35 24.57 26.17
CA TRP A 1042 -15.22 24.75 27.32
C TRP A 1042 -14.56 24.27 28.60
N ASP A 1043 -13.68 23.26 28.49
CA ASP A 1043 -12.98 22.79 29.68
C ASP A 1043 -12.10 23.88 30.26
N ILE A 1044 -11.41 24.62 29.38
CA ILE A 1044 -10.55 25.70 29.86
C ILE A 1044 -11.34 26.70 30.69
N LEU A 1045 -12.54 27.05 30.22
CA LEU A 1045 -13.34 28.03 30.97
C LEU A 1045 -13.92 27.41 32.24
N SER A 1046 -14.46 26.20 32.16
CA SER A 1046 -15.17 25.64 33.29
C SER A 1046 -14.27 25.12 34.39
N ARG A 1047 -12.96 25.00 34.14
CA ARG A 1047 -12.07 24.55 35.21
C ARG A 1047 -12.20 25.42 36.45
N ARG A 1048 -12.14 26.73 36.28
CA ARG A 1048 -12.28 27.65 37.41
C ARG A 1048 -13.72 28.14 37.53
N TRP A 1049 -14.66 27.21 37.62
CA TRP A 1049 -16.07 27.59 37.68
C TRP A 1049 -16.42 28.28 38.99
N LYS A 1050 -15.67 28.04 40.06
CA LYS A 1050 -15.98 28.66 41.34
C LYS A 1050 -15.83 30.17 41.27
N GLN A 1051 -14.77 30.65 40.62
CA GLN A 1051 -14.54 32.09 40.51
C GLN A 1051 -15.46 32.74 39.49
N ARG A 1052 -15.72 32.07 38.37
CA ARG A 1052 -16.50 32.65 37.27
C ARG A 1052 -17.98 32.43 37.55
N LYS A 1053 -18.71 33.52 37.73
CA LYS A 1053 -20.13 33.40 38.05
C LYS A 1053 -20.94 33.01 36.82
N ASN A 1054 -20.50 33.40 35.63
CA ASN A 1054 -21.28 33.13 34.42
C ASN A 1054 -21.42 31.63 34.18
N VAL A 1055 -20.37 30.86 34.43
CA VAL A 1055 -20.42 29.43 34.17
C VAL A 1055 -21.43 28.75 35.07
N GLN A 1056 -21.57 29.23 36.31
CA GLN A 1056 -22.44 28.56 37.27
C GLN A 1056 -23.89 28.60 36.83
N ASN A 1057 -24.37 29.72 36.33
CA ASN A 1057 -25.79 29.91 36.04
C ASN A 1057 -26.01 29.90 34.53
N ILE A 1058 -26.18 28.70 33.98
CA ILE A 1058 -26.62 28.52 32.60
C ILE A 1058 -27.85 27.63 32.62
N ASN A 1059 -28.88 28.02 31.88
CA ASN A 1059 -30.15 27.33 31.98
C ASN A 1059 -30.16 25.99 31.26
N LEU A 1060 -29.33 25.82 30.23
CA LEU A 1060 -29.40 24.62 29.41
C LEU A 1060 -28.01 24.21 28.95
N PHE A 1061 -27.73 22.92 29.04
CA PHE A 1061 -26.45 22.36 28.61
C PHE A 1061 -26.75 21.21 27.66
N VAL A 1062 -26.40 21.39 26.38
CA VAL A 1062 -26.66 20.40 25.36
C VAL A 1062 -25.34 19.78 24.95
N VAL A 1063 -25.28 18.46 24.93
CA VAL A 1063 -24.10 17.72 24.49
C VAL A 1063 -24.46 16.99 23.21
N ASP A 1064 -23.62 17.12 22.20
CA ASP A 1064 -23.83 16.38 20.96
C ASP A 1064 -22.75 15.31 20.82
N GLU A 1065 -23.10 14.26 20.09
CA GLU A 1065 -22.22 13.12 19.89
C GLU A 1065 -21.70 12.60 21.22
N VAL A 1066 -22.63 12.31 22.14
CA VAL A 1066 -22.26 11.83 23.46
C VAL A 1066 -21.52 10.50 23.37
N HIS A 1067 -21.77 9.74 22.30
CA HIS A 1067 -21.14 8.42 22.19
C HIS A 1067 -19.66 8.50 21.91
N LEU A 1068 -19.12 9.68 21.62
CA LEU A 1068 -17.70 9.76 21.29
C LEU A 1068 -16.82 9.59 22.52
N ILE A 1069 -17.40 9.64 23.72
CA ILE A 1069 -16.60 9.56 24.94
C ILE A 1069 -15.82 8.25 24.96
N GLY A 1070 -16.34 7.24 24.26
CA GLY A 1070 -15.61 5.99 24.15
C GLY A 1070 -14.32 6.14 23.38
N GLY A 1071 -14.34 6.95 22.32
CA GLY A 1071 -13.20 7.08 21.44
C GLY A 1071 -12.18 8.09 21.93
N GLU A 1072 -11.28 8.46 21.03
CA GLU A 1072 -10.22 9.40 21.36
C GLU A 1072 -10.82 10.78 21.64
N ASN A 1073 -10.13 11.53 22.49
CA ASN A 1073 -10.64 12.81 23.00
C ASN A 1073 -11.99 12.62 23.67
N GLY A 1074 -12.15 11.49 24.34
CA GLY A 1074 -13.33 11.21 25.11
C GLY A 1074 -13.23 11.64 26.56
N PRO A 1075 -12.07 11.46 27.19
CA PRO A 1075 -11.93 11.89 28.59
C PRO A 1075 -12.27 13.36 28.82
N VAL A 1076 -11.92 14.25 27.90
CA VAL A 1076 -12.23 15.66 28.11
C VAL A 1076 -13.74 15.88 28.13
N LEU A 1077 -14.44 15.26 27.19
CA LEU A 1077 -15.88 15.40 27.14
C LEU A 1077 -16.52 14.83 28.40
N GLU A 1078 -16.06 13.67 28.84
CA GLU A 1078 -16.60 13.06 30.05
C GLU A 1078 -16.34 13.94 31.26
N VAL A 1079 -15.15 14.54 31.34
CA VAL A 1079 -14.81 15.38 32.48
C VAL A 1079 -15.69 16.61 32.52
N ILE A 1080 -15.90 17.25 31.37
CA ILE A 1080 -16.71 18.47 31.39
C ILE A 1080 -18.16 18.14 31.70
N CYS A 1081 -18.66 17.01 31.19
CA CYS A 1081 -20.03 16.63 31.52
C CYS A 1081 -20.17 16.34 33.01
N SER A 1082 -19.21 15.62 33.59
CA SER A 1082 -19.28 15.35 35.02
C SER A 1082 -19.18 16.62 35.84
N ARG A 1083 -18.32 17.54 35.41
CA ARG A 1083 -18.19 18.80 36.12
C ARG A 1083 -19.49 19.60 36.06
N MET A 1084 -20.17 19.58 34.91
CA MET A 1084 -21.45 20.26 34.83
C MET A 1084 -22.49 19.62 35.74
N ARG A 1085 -22.50 18.30 35.82
CA ARG A 1085 -23.40 17.64 36.77
C ARG A 1085 -23.10 18.05 38.19
N TYR A 1086 -21.82 18.10 38.55
CA TYR A 1086 -21.44 18.50 39.90
C TYR A 1086 -21.84 19.94 40.18
N ILE A 1087 -21.66 20.82 39.20
CA ILE A 1087 -22.07 22.22 39.36
C ILE A 1087 -23.58 22.32 39.56
N SER A 1088 -24.33 21.55 38.78
CA SER A 1088 -25.79 21.57 38.93
C SER A 1088 -26.19 21.10 40.32
N SER A 1089 -25.54 20.05 40.82
CA SER A 1089 -25.85 19.58 42.16
C SER A 1089 -25.48 20.61 43.23
N GLN A 1090 -24.35 21.28 43.05
CA GLN A 1090 -23.85 22.19 44.08
C GLN A 1090 -24.61 23.51 44.13
N ILE A 1091 -25.03 24.02 42.96
CA ILE A 1091 -25.54 25.39 42.87
C ILE A 1091 -26.97 25.53 43.38
N GLU A 1092 -27.65 24.43 43.68
CA GLU A 1092 -29.03 24.45 44.18
C GLU A 1092 -29.96 25.15 43.19
N ARG A 1093 -29.68 25.00 41.90
CA ARG A 1093 -30.51 25.55 40.84
C ARG A 1093 -30.30 24.67 39.63
N PRO A 1094 -31.18 23.70 39.37
CA PRO A 1094 -30.87 22.64 38.42
C PRO A 1094 -30.55 23.17 37.04
N ILE A 1095 -29.55 22.56 36.42
CA ILE A 1095 -29.14 22.87 35.06
C ILE A 1095 -29.64 21.73 34.17
N ARG A 1096 -30.58 22.02 33.28
CA ARG A 1096 -31.10 20.99 32.40
C ARG A 1096 -30.00 20.51 31.47
N ILE A 1097 -29.93 19.19 31.28
CA ILE A 1097 -28.94 18.58 30.41
C ILE A 1097 -29.66 17.80 29.33
N VAL A 1098 -29.33 18.08 28.08
CA VAL A 1098 -29.91 17.40 26.93
C VAL A 1098 -28.78 16.76 26.16
N ALA A 1099 -28.79 15.43 26.09
CA ALA A 1099 -27.74 14.68 25.43
C ALA A 1099 -28.27 14.11 24.13
N LEU A 1100 -27.48 14.20 23.06
CA LEU A 1100 -27.85 13.65 21.77
C LEU A 1100 -26.74 12.72 21.30
N SER A 1101 -27.10 11.52 20.88
CA SER A 1101 -26.08 10.55 20.51
C SER A 1101 -26.68 9.50 19.58
N SER A 1102 -25.80 8.73 18.97
CA SER A 1102 -26.24 7.56 18.21
C SER A 1102 -26.75 6.49 19.15
N SER A 1103 -27.44 5.50 18.59
CA SER A 1103 -28.00 4.44 19.40
C SER A 1103 -26.91 3.72 20.18
N LEU A 1104 -27.12 3.57 21.48
CA LEU A 1104 -26.15 2.93 22.36
C LEU A 1104 -26.81 1.74 23.03
N SER A 1105 -26.09 0.62 23.08
CA SER A 1105 -26.61 -0.53 23.79
C SER A 1105 -26.76 -0.24 25.27
N ASN A 1106 -25.77 0.41 25.88
CA ASN A 1106 -25.82 0.75 27.30
C ASN A 1106 -26.31 2.18 27.49
N ALA A 1107 -27.50 2.45 26.96
CA ALA A 1107 -28.06 3.79 27.11
C ALA A 1107 -28.48 4.05 28.54
N LYS A 1108 -28.85 3.01 29.28
CA LYS A 1108 -29.28 3.20 30.66
C LYS A 1108 -28.15 3.73 31.51
N ASP A 1109 -26.92 3.26 31.28
CA ASP A 1109 -25.78 3.76 32.05
C ASP A 1109 -25.56 5.24 31.80
N VAL A 1110 -25.61 5.67 30.54
CA VAL A 1110 -25.43 7.09 30.25
C VAL A 1110 -26.55 7.91 30.85
N ALA A 1111 -27.79 7.43 30.75
CA ALA A 1111 -28.90 8.17 31.32
C ALA A 1111 -28.76 8.31 32.83
N HIS A 1112 -28.35 7.23 33.49
CA HIS A 1112 -28.13 7.31 34.94
C HIS A 1112 -26.99 8.24 35.26
N TRP A 1113 -25.95 8.25 34.43
CA TRP A 1113 -24.81 9.13 34.67
C TRP A 1113 -25.22 10.59 34.59
N LEU A 1114 -26.01 10.94 33.59
CA LEU A 1114 -26.44 12.32 33.42
C LEU A 1114 -27.69 12.64 34.22
N GLY A 1115 -28.23 11.68 34.96
CA GLY A 1115 -29.42 11.92 35.74
C GLY A 1115 -30.73 11.82 34.99
N CYS A 1116 -30.71 11.42 33.73
CA CYS A 1116 -31.94 11.27 32.96
C CYS A 1116 -32.80 10.18 33.55
N SER A 1117 -34.10 10.47 33.69
CA SER A 1117 -35.01 9.50 34.27
C SER A 1117 -35.28 8.36 33.29
N ALA A 1118 -35.91 7.30 33.79
CA ALA A 1118 -36.20 6.14 32.96
C ALA A 1118 -37.21 6.47 31.87
N THR A 1119 -38.23 7.26 32.20
CA THR A 1119 -39.26 7.58 31.22
C THR A 1119 -38.78 8.59 30.18
N SER A 1120 -37.73 9.36 30.48
CA SER A 1120 -37.24 10.38 29.58
C SER A 1120 -35.95 9.96 28.89
N THR A 1121 -35.74 8.67 28.72
CA THR A 1121 -34.57 8.15 28.00
C THR A 1121 -35.06 7.53 26.71
N PHE A 1122 -34.57 8.03 25.58
CA PHE A 1122 -34.97 7.56 24.26
C PHE A 1122 -33.76 6.92 23.59
N ASN A 1123 -33.85 5.62 23.33
CA ASN A 1123 -32.79 4.88 22.67
C ASN A 1123 -33.42 4.08 21.54
N PHE A 1124 -33.24 4.52 20.31
CA PHE A 1124 -33.90 3.92 19.16
C PHE A 1124 -32.94 2.99 18.43
N HIS A 1125 -33.50 1.94 17.84
CA HIS A 1125 -32.69 0.99 17.09
C HIS A 1125 -32.19 1.65 15.81
N PRO A 1126 -31.05 1.17 15.27
CA PRO A 1126 -30.57 1.71 13.99
C PRO A 1126 -31.53 1.50 12.83
N ASN A 1127 -32.51 0.62 12.94
CA ASN A 1127 -33.47 0.43 11.86
C ASN A 1127 -34.59 1.47 11.87
N VAL A 1128 -34.54 2.44 12.78
CA VAL A 1128 -35.57 3.45 12.88
C VAL A 1128 -35.12 4.70 12.13
N ARG A 1129 -34.16 4.53 11.24
CA ARG A 1129 -33.69 5.65 10.45
C ARG A 1129 -34.81 6.15 9.55
N PRO A 1130 -35.03 7.47 9.47
CA PRO A 1130 -36.12 7.96 8.61
C PRO A 1130 -35.95 7.57 7.15
N VAL A 1131 -34.72 7.52 6.67
CA VAL A 1131 -34.41 7.05 5.33
C VAL A 1131 -33.81 5.64 5.46
N PRO A 1132 -34.47 4.61 4.95
CA PRO A 1132 -33.92 3.26 5.10
C PRO A 1132 -32.55 3.15 4.46
N LEU A 1133 -31.66 2.43 5.14
CA LEU A 1133 -30.26 2.32 4.76
C LEU A 1133 -29.96 0.89 4.32
N GLU A 1134 -29.29 0.75 3.18
CA GLU A 1134 -28.89 -0.55 2.66
C GLU A 1134 -27.38 -0.61 2.67
N LEU A 1135 -26.83 -1.51 3.49
CA LEU A 1135 -25.39 -1.59 3.70
C LEU A 1135 -24.86 -2.86 3.04
N HIS A 1136 -23.81 -2.70 2.23
CA HIS A 1136 -23.19 -3.83 1.55
C HIS A 1136 -21.71 -3.82 1.90
N ILE A 1137 -21.24 -4.88 2.55
CA ILE A 1137 -19.84 -5.01 2.93
C ILE A 1137 -19.15 -5.93 1.93
N GLN A 1138 -18.05 -5.45 1.35
CA GLN A 1138 -17.31 -6.20 0.35
C GLN A 1138 -15.90 -6.44 0.87
N GLY A 1139 -15.57 -7.70 1.13
CA GLY A 1139 -14.30 -8.05 1.74
C GLY A 1139 -13.33 -8.60 0.70
N PHE A 1140 -12.10 -8.09 0.76
CA PHE A 1140 -11.04 -8.53 -0.15
C PHE A 1140 -9.91 -9.13 0.67
N ASN A 1141 -9.44 -10.29 0.25
CA ASN A 1141 -8.42 -11.04 1.01
C ASN A 1141 -7.04 -10.74 0.45
N ILE A 1142 -6.62 -9.49 0.61
CA ILE A 1142 -5.30 -9.05 0.18
C ILE A 1142 -4.65 -8.32 1.35
N SER A 1143 -3.42 -8.70 1.68
CA SER A 1143 -2.75 -8.13 2.84
C SER A 1143 -2.05 -6.82 2.50
N HIS A 1144 -1.30 -6.79 1.41
CA HIS A 1144 -0.55 -5.60 1.05
C HIS A 1144 -1.49 -4.45 0.73
N THR A 1145 -1.24 -3.29 1.33
CA THR A 1145 -2.18 -2.18 1.23
C THR A 1145 -2.22 -1.61 -0.19
N GLN A 1146 -1.05 -1.32 -0.77
CA GLN A 1146 -1.03 -0.72 -2.10
C GLN A 1146 -1.66 -1.65 -3.12
N THR A 1147 -1.33 -2.94 -3.06
CA THR A 1147 -1.96 -3.91 -3.94
C THR A 1147 -3.46 -3.96 -3.71
N ARG A 1148 -3.87 -3.91 -2.43
CA ARG A 1148 -5.28 -3.92 -2.12
C ARG A 1148 -6.00 -2.79 -2.82
N LEU A 1149 -5.51 -1.56 -2.64
CA LEU A 1149 -6.19 -0.40 -3.23
C LEU A 1149 -6.16 -0.45 -4.74
N LEU A 1150 -5.03 -0.87 -5.33
CA LEU A 1150 -4.96 -0.92 -6.79
C LEU A 1150 -5.96 -1.92 -7.34
N SER A 1151 -6.18 -3.03 -6.64
CA SER A 1151 -7.21 -3.96 -7.09
C SER A 1151 -8.61 -3.44 -6.75
N MET A 1152 -8.72 -2.59 -5.75
CA MET A 1152 -10.03 -2.09 -5.33
C MET A 1152 -10.53 -0.93 -6.16
N ALA A 1153 -9.66 -0.31 -6.95
CA ALA A 1153 -10.08 0.88 -7.70
C ALA A 1153 -11.25 0.58 -8.63
N LYS A 1154 -11.15 -0.50 -9.40
CA LYS A 1154 -12.21 -0.82 -10.36
C LYS A 1154 -13.55 -1.15 -9.69
N PRO A 1155 -13.62 -1.96 -8.63
CA PRO A 1155 -14.92 -2.20 -8.00
C PRO A 1155 -15.61 -0.95 -7.54
N VAL A 1156 -14.87 0.14 -7.30
CA VAL A 1156 -15.52 1.42 -6.98
C VAL A 1156 -16.42 1.83 -8.14
N TYR A 1157 -15.89 1.85 -9.36
CA TYR A 1157 -16.70 2.22 -10.51
C TYR A 1157 -17.80 1.21 -10.76
N HIS A 1158 -17.51 -0.08 -10.55
CA HIS A 1158 -18.55 -1.08 -10.77
C HIS A 1158 -19.71 -0.89 -9.81
N ALA A 1159 -19.41 -0.59 -8.54
CA ALA A 1159 -20.46 -0.35 -7.57
C ALA A 1159 -21.22 0.93 -7.88
N ILE A 1160 -20.51 1.95 -8.37
CA ILE A 1160 -21.18 3.19 -8.74
C ILE A 1160 -22.19 2.93 -9.85
N THR A 1161 -21.78 2.16 -10.87
CA THR A 1161 -22.71 1.85 -11.95
C THR A 1161 -23.86 0.98 -11.48
N LYS A 1162 -23.58 0.00 -10.62
CA LYS A 1162 -24.61 -0.95 -10.22
C LYS A 1162 -25.63 -0.33 -9.29
N HIS A 1163 -25.17 0.43 -8.30
CA HIS A 1163 -26.06 0.91 -7.25
C HIS A 1163 -26.68 2.27 -7.57
N SER A 1164 -25.84 3.27 -7.84
CA SER A 1164 -26.29 4.64 -8.04
C SER A 1164 -25.80 5.13 -9.40
N PRO A 1165 -26.54 4.86 -10.47
CA PRO A 1165 -26.08 5.31 -11.80
C PRO A 1165 -26.24 6.80 -12.01
N LYS A 1166 -27.36 7.39 -11.58
CA LYS A 1166 -27.69 8.77 -11.91
C LYS A 1166 -27.93 9.61 -10.67
N LYS A 1167 -27.30 9.26 -9.55
CA LYS A 1167 -27.50 9.94 -8.29
C LYS A 1167 -26.16 10.22 -7.63
N PRO A 1168 -26.09 11.24 -6.78
CA PRO A 1168 -24.80 11.67 -6.22
C PRO A 1168 -24.10 10.55 -5.46
N VAL A 1169 -22.78 10.56 -5.53
CA VAL A 1169 -21.95 9.52 -4.92
C VAL A 1169 -20.76 10.16 -4.22
N ILE A 1170 -20.47 9.71 -3.01
CA ILE A 1170 -19.32 10.19 -2.23
C ILE A 1170 -18.44 9.00 -1.90
N VAL A 1171 -17.14 9.14 -2.16
CA VAL A 1171 -16.17 8.08 -1.92
C VAL A 1171 -15.13 8.57 -0.92
N PHE A 1172 -14.99 7.90 0.21
CA PHE A 1172 -14.06 8.32 1.24
C PHE A 1172 -12.82 7.46 1.18
N VAL A 1173 -11.67 8.09 0.94
CA VAL A 1173 -10.41 7.34 0.79
C VAL A 1173 -9.55 7.50 2.03
N PRO A 1174 -8.45 6.73 2.17
CA PRO A 1174 -7.68 6.81 3.42
C PRO A 1174 -6.77 8.03 3.56
N SER A 1175 -6.17 8.49 2.48
CA SER A 1175 -5.14 9.51 2.57
C SER A 1175 -5.34 10.58 1.51
N ARG A 1176 -4.77 11.75 1.78
CA ARG A 1176 -4.88 12.88 0.86
C ARG A 1176 -4.22 12.58 -0.48
N LYS A 1177 -3.05 11.95 -0.45
CA LYS A 1177 -2.39 11.58 -1.70
C LYS A 1177 -3.26 10.63 -2.50
N GLN A 1178 -3.95 9.72 -1.81
CA GLN A 1178 -4.73 8.69 -2.49
C GLN A 1178 -5.93 9.30 -3.20
N THR A 1179 -6.38 10.47 -2.75
CA THR A 1179 -7.57 11.08 -3.31
C THR A 1179 -7.38 11.40 -4.80
N ARG A 1180 -6.26 12.01 -5.15
CA ARG A 1180 -6.01 12.33 -6.55
C ARG A 1180 -5.96 11.07 -7.40
N LEU A 1181 -5.24 10.06 -6.93
CA LEU A 1181 -5.10 8.83 -7.70
C LEU A 1181 -6.46 8.17 -7.93
N THR A 1182 -7.30 8.12 -6.89
CA THR A 1182 -8.60 7.51 -7.04
C THR A 1182 -9.48 8.30 -8.00
N ALA A 1183 -9.44 9.63 -7.90
CA ALA A 1183 -10.25 10.43 -8.81
C ALA A 1183 -9.84 10.20 -10.25
N ILE A 1184 -8.53 10.19 -10.52
CA ILE A 1184 -8.06 10.00 -11.89
C ILE A 1184 -8.36 8.58 -12.37
N ASP A 1185 -8.24 7.59 -11.49
CA ASP A 1185 -8.53 6.21 -11.89
C ASP A 1185 -10.01 6.04 -12.23
N ILE A 1186 -10.90 6.61 -11.42
CA ILE A 1186 -12.32 6.53 -11.73
C ILE A 1186 -12.61 7.25 -13.05
N LEU A 1187 -11.96 8.39 -13.27
CA LEU A 1187 -12.20 9.11 -14.51
C LEU A 1187 -11.72 8.32 -15.72
N THR A 1188 -10.55 7.69 -15.63
CA THR A 1188 -10.06 6.94 -16.77
C THR A 1188 -10.87 5.66 -17.00
N THR A 1189 -11.41 5.07 -15.93
CA THR A 1189 -12.29 3.93 -16.10
C THR A 1189 -13.61 4.35 -16.74
N CYS A 1190 -14.13 5.52 -16.38
CA CYS A 1190 -15.35 6.00 -17.00
C CYS A 1190 -15.12 6.31 -18.47
N ALA A 1191 -14.01 6.96 -18.80
CA ALA A 1191 -13.69 7.21 -20.20
C ALA A 1191 -13.45 5.90 -20.95
N ALA A 1192 -13.01 4.86 -20.23
CA ALA A 1192 -12.88 3.54 -20.83
C ALA A 1192 -14.20 3.04 -21.38
N ASP A 1193 -15.25 3.13 -20.57
CA ASP A 1193 -16.53 2.57 -20.93
C ASP A 1193 -17.11 3.30 -22.14
N ILE A 1194 -18.18 2.72 -22.68
CA ILE A 1194 -18.83 3.30 -23.86
C ILE A 1194 -19.34 4.69 -23.55
N GLN A 1195 -19.86 4.89 -22.33
CA GLN A 1195 -20.39 6.18 -21.92
C GLN A 1195 -19.27 7.06 -21.40
N ARG A 1196 -19.08 8.21 -22.04
CA ARG A 1196 -18.02 9.14 -21.71
C ARG A 1196 -18.59 10.32 -20.92
N GLN A 1197 -17.82 10.78 -19.94
CA GLN A 1197 -18.16 11.91 -19.06
C GLN A 1197 -19.63 11.91 -18.64
N ARG A 1198 -20.16 10.74 -18.30
CA ARG A 1198 -21.53 10.64 -17.82
C ARG A 1198 -21.72 11.27 -16.45
N PHE A 1199 -20.64 11.56 -15.74
CA PHE A 1199 -20.72 12.11 -14.41
C PHE A 1199 -20.93 13.62 -14.39
N LEU A 1200 -20.96 14.26 -15.56
CA LEU A 1200 -21.20 15.69 -15.67
C LEU A 1200 -22.58 15.91 -16.27
N HIS A 1201 -23.45 16.59 -15.52
CA HIS A 1201 -24.82 16.79 -15.97
C HIS A 1201 -25.10 18.19 -16.49
N CYS A 1202 -24.35 19.18 -16.04
CA CYS A 1202 -24.53 20.55 -16.52
C CYS A 1202 -23.73 20.73 -17.81
N THR A 1203 -23.59 21.98 -18.24
CA THR A 1203 -22.83 22.31 -19.44
C THR A 1203 -21.51 22.97 -19.06
N GLU A 1204 -20.50 22.77 -19.91
CA GLU A 1204 -19.18 23.33 -19.64
C GLU A 1204 -19.21 24.85 -19.61
N LYS A 1205 -20.12 25.45 -20.36
CA LYS A 1205 -20.26 26.90 -20.35
C LYS A 1205 -20.64 27.39 -18.95
N ASP A 1206 -21.51 26.66 -18.26
CA ASP A 1206 -21.83 27.00 -16.88
C ASP A 1206 -20.67 26.68 -15.94
N LEU A 1207 -19.83 25.71 -16.31
CA LEU A 1207 -18.71 25.36 -15.46
C LEU A 1207 -17.61 26.41 -15.49
N ILE A 1208 -17.40 27.04 -16.65
CA ILE A 1208 -16.26 27.94 -16.82
C ILE A 1208 -16.22 29.03 -15.75
N PRO A 1209 -17.32 29.73 -15.42
CA PRO A 1209 -17.23 30.71 -14.32
C PRO A 1209 -16.77 30.10 -13.01
N TYR A 1210 -17.20 28.87 -12.72
CA TYR A 1210 -16.74 28.21 -11.51
C TYR A 1210 -15.31 27.74 -11.64
N LEU A 1211 -14.94 27.22 -12.82
CA LEU A 1211 -13.60 26.69 -13.01
C LEU A 1211 -12.55 27.79 -12.94
N GLU A 1212 -12.89 29.01 -13.36
CA GLU A 1212 -11.91 30.09 -13.33
C GLU A 1212 -11.43 30.38 -11.91
N LYS A 1213 -12.28 30.17 -10.92
CA LYS A 1213 -11.87 30.41 -9.53
C LYS A 1213 -10.83 29.40 -9.08
N LEU A 1214 -10.86 28.20 -9.62
CA LEU A 1214 -9.96 27.14 -9.18
C LEU A 1214 -8.51 27.46 -9.57
N SER A 1215 -7.58 26.91 -8.81
CA SER A 1215 -6.15 27.07 -9.06
C SER A 1215 -5.46 25.78 -9.46
N ASP A 1216 -5.84 24.65 -8.86
CA ASP A 1216 -5.22 23.38 -9.20
C ASP A 1216 -5.57 22.99 -10.63
N SER A 1217 -4.65 22.28 -11.28
CA SER A 1217 -4.85 21.85 -12.66
C SER A 1217 -5.51 20.49 -12.76
N THR A 1218 -5.08 19.53 -11.95
CA THR A 1218 -5.70 18.21 -11.95
C THR A 1218 -7.17 18.31 -11.58
N LEU A 1219 -7.50 19.12 -10.57
CA LEU A 1219 -8.89 19.29 -10.18
C LEU A 1219 -9.69 19.92 -11.30
N LYS A 1220 -9.12 20.91 -11.99
CA LYS A 1220 -9.80 21.51 -13.13
C LYS A 1220 -10.08 20.47 -14.20
N GLU A 1221 -9.11 19.61 -14.49
CA GLU A 1221 -9.30 18.59 -15.50
C GLU A 1221 -10.39 17.60 -15.08
N THR A 1222 -10.40 17.21 -13.81
CA THR A 1222 -11.39 16.25 -13.35
C THR A 1222 -12.80 16.82 -13.39
N LEU A 1223 -12.96 18.08 -12.97
CA LEU A 1223 -14.28 18.69 -12.96
C LEU A 1223 -14.88 18.73 -14.36
N LEU A 1224 -14.05 18.94 -15.38
CA LEU A 1224 -14.56 19.02 -16.75
C LEU A 1224 -15.21 17.73 -17.21
N ASN A 1225 -14.96 16.62 -16.51
CA ASN A 1225 -15.58 15.36 -16.84
C ASN A 1225 -16.63 14.90 -15.84
N GLY A 1226 -16.67 15.49 -14.65
CA GLY A 1226 -17.78 15.23 -13.74
C GLY A 1226 -17.41 14.59 -12.42
N VAL A 1227 -16.12 14.59 -12.07
CA VAL A 1227 -15.64 14.04 -10.82
C VAL A 1227 -14.85 15.11 -10.10
N GLY A 1228 -15.13 15.31 -8.83
CA GLY A 1228 -14.40 16.29 -8.04
C GLY A 1228 -13.89 15.67 -6.75
N TYR A 1229 -12.78 16.21 -6.26
CA TYR A 1229 -12.17 15.64 -5.07
C TYR A 1229 -11.83 16.71 -4.04
N LEU A 1230 -11.95 16.33 -2.77
CA LEU A 1230 -11.80 17.21 -1.63
C LEU A 1230 -10.78 16.65 -0.64
N HIS A 1231 -9.93 17.52 -0.14
CA HIS A 1231 -8.95 17.14 0.88
C HIS A 1231 -8.50 18.41 1.61
N GLU A 1232 -7.71 18.21 2.66
CA GLU A 1232 -7.33 19.30 3.52
C GLU A 1232 -6.50 20.35 2.77
N GLY A 1233 -5.72 19.91 1.79
CA GLY A 1233 -4.84 20.83 1.09
C GLY A 1233 -5.59 21.92 0.34
N LEU A 1234 -6.79 21.61 -0.13
CA LEU A 1234 -7.55 22.57 -0.91
C LEU A 1234 -7.90 23.80 -0.08
N SER A 1235 -7.88 24.96 -0.72
CA SER A 1235 -8.23 26.19 -0.05
C SER A 1235 -9.71 26.16 0.34
N PRO A 1236 -10.07 26.82 1.45
CA PRO A 1236 -11.48 26.80 1.88
C PRO A 1236 -12.43 27.34 0.81
N MET A 1237 -11.99 28.33 0.03
CA MET A 1237 -12.82 28.79 -1.08
C MET A 1237 -13.03 27.68 -2.10
N GLU A 1238 -11.98 26.93 -2.42
CA GLU A 1238 -12.11 25.85 -3.38
C GLU A 1238 -13.06 24.77 -2.87
N ARG A 1239 -12.95 24.42 -1.59
CA ARG A 1239 -13.85 23.43 -1.03
C ARG A 1239 -15.28 23.92 -1.03
N ARG A 1240 -15.49 25.20 -0.72
CA ARG A 1240 -16.83 25.75 -0.77
C ARG A 1240 -17.39 25.68 -2.18
N LEU A 1241 -16.57 26.00 -3.17
CA LEU A 1241 -17.03 25.95 -4.56
C LEU A 1241 -17.37 24.53 -4.98
N VAL A 1242 -16.52 23.56 -4.62
CA VAL A 1242 -16.78 22.19 -5.05
C VAL A 1242 -18.00 21.62 -4.33
N GLU A 1243 -18.16 21.92 -3.05
CA GLU A 1243 -19.35 21.47 -2.34
C GLU A 1243 -20.61 22.10 -2.93
N GLN A 1244 -20.54 23.38 -3.29
CA GLN A 1244 -21.69 23.99 -3.94
C GLN A 1244 -21.99 23.34 -5.28
N LEU A 1245 -20.95 23.03 -6.06
CA LEU A 1245 -21.15 22.34 -7.33
C LEU A 1245 -21.79 20.98 -7.13
N PHE A 1246 -21.31 20.23 -6.15
CA PHE A 1246 -21.88 18.90 -5.89
C PHE A 1246 -23.32 19.01 -5.43
N SER A 1247 -23.63 19.95 -4.56
CA SER A 1247 -25.00 20.10 -4.07
C SER A 1247 -25.94 20.52 -5.20
N SER A 1248 -25.47 21.40 -6.08
CA SER A 1248 -26.32 21.85 -7.18
C SER A 1248 -26.59 20.76 -8.21
N GLY A 1249 -25.88 19.65 -8.14
CA GLY A 1249 -26.10 18.56 -9.07
C GLY A 1249 -25.31 18.63 -10.36
N ALA A 1250 -24.36 19.56 -10.46
CA ALA A 1250 -23.54 19.64 -11.67
C ALA A 1250 -22.68 18.40 -11.83
N ILE A 1251 -21.96 18.01 -10.79
CA ILE A 1251 -21.13 16.82 -10.82
C ILE A 1251 -21.84 15.73 -10.02
N GLN A 1252 -21.40 14.49 -10.22
CA GLN A 1252 -22.06 13.34 -9.63
C GLN A 1252 -21.22 12.62 -8.59
N VAL A 1253 -19.91 12.55 -8.76
CA VAL A 1253 -19.05 11.77 -7.89
C VAL A 1253 -18.00 12.70 -7.27
N VAL A 1254 -17.89 12.63 -5.94
CA VAL A 1254 -16.85 13.38 -5.24
C VAL A 1254 -16.06 12.40 -4.38
N VAL A 1255 -14.74 12.54 -4.44
CA VAL A 1255 -13.81 11.71 -3.67
C VAL A 1255 -13.22 12.57 -2.57
N ALA A 1256 -13.50 12.22 -1.33
CA ALA A 1256 -13.05 13.01 -0.19
C ALA A 1256 -12.08 12.22 0.66
N SER A 1257 -11.10 12.92 1.22
CA SER A 1257 -10.25 12.32 2.22
C SER A 1257 -11.05 12.01 3.47
N ARG A 1258 -10.71 10.90 4.14
CA ARG A 1258 -11.51 10.46 5.27
C ARG A 1258 -11.40 11.43 6.44
N SER A 1259 -10.22 12.02 6.65
CA SER A 1259 -10.05 12.99 7.71
C SER A 1259 -10.91 14.23 7.51
N LEU A 1260 -11.54 14.36 6.35
CA LEU A 1260 -12.47 15.45 6.06
C LEU A 1260 -13.92 15.04 6.22
N CYS A 1261 -14.17 13.82 6.70
CA CYS A 1261 -15.55 13.34 6.77
C CYS A 1261 -16.39 14.19 7.71
N TRP A 1262 -15.83 14.57 8.85
CA TRP A 1262 -16.59 15.37 9.81
C TRP A 1262 -16.95 16.73 9.23
N GLY A 1263 -16.03 17.37 8.53
CA GLY A 1263 -16.24 18.70 7.99
C GLY A 1263 -16.86 18.74 6.62
N MET A 1264 -18.09 18.21 6.50
CA MET A 1264 -18.82 18.24 5.24
C MET A 1264 -20.27 18.55 5.52
N ASN A 1265 -20.90 19.31 4.62
CA ASN A 1265 -22.31 19.65 4.72
C ASN A 1265 -23.08 19.18 3.49
N VAL A 1266 -22.64 18.10 2.87
CA VAL A 1266 -23.25 17.58 1.66
C VAL A 1266 -23.58 16.11 1.84
N ALA A 1267 -24.77 15.72 1.44
CA ALA A 1267 -25.22 14.34 1.53
C ALA A 1267 -25.48 13.78 0.14
N ALA A 1268 -25.29 12.47 -0.01
CA ALA A 1268 -25.42 11.82 -1.30
C ALA A 1268 -26.26 10.57 -1.19
N HIS A 1269 -26.66 10.05 -2.35
CA HIS A 1269 -27.46 8.84 -2.41
C HIS A 1269 -26.64 7.58 -2.17
N LEU A 1270 -25.35 7.61 -2.48
CA LEU A 1270 -24.48 6.44 -2.29
C LEU A 1270 -23.19 6.89 -1.64
N VAL A 1271 -22.75 6.13 -0.64
CA VAL A 1271 -21.50 6.41 0.06
C VAL A 1271 -20.63 5.17 0.02
N ILE A 1272 -19.39 5.33 -0.41
CA ILE A 1272 -18.45 4.23 -0.54
C ILE A 1272 -17.28 4.47 0.41
N ILE A 1273 -16.93 3.43 1.16
CA ILE A 1273 -15.79 3.48 2.06
C ILE A 1273 -14.69 2.66 1.42
N MET A 1274 -13.51 3.28 1.24
CA MET A 1274 -12.51 2.74 0.33
C MET A 1274 -11.69 1.64 0.98
N ASP A 1275 -11.09 1.89 2.14
CA ASP A 1275 -10.19 0.89 2.69
C ASP A 1275 -10.35 0.60 4.17
N THR A 1276 -11.02 1.46 4.95
CA THR A 1276 -11.18 1.26 6.39
C THR A 1276 -9.87 1.01 7.13
N GLN A 1277 -8.77 1.57 6.64
CA GLN A 1277 -7.47 1.46 7.28
C GLN A 1277 -6.64 2.66 6.90
N TYR A 1278 -5.67 3.01 7.75
CA TYR A 1278 -4.74 4.08 7.44
C TYR A 1278 -3.41 3.81 8.10
N TYR A 1279 -2.36 4.43 7.54
CA TYR A 1279 -1.00 4.20 7.98
C TYR A 1279 -0.67 5.09 9.16
N ASN A 1280 -0.01 4.52 10.18
CA ASN A 1280 0.44 5.26 11.35
C ASN A 1280 1.95 5.15 11.41
N GLY A 1281 2.62 6.30 11.32
CA GLY A 1281 4.07 6.30 11.29
C GLY A 1281 4.70 6.10 12.66
N LYS A 1282 4.05 6.63 13.70
CA LYS A 1282 4.58 6.48 15.05
C LYS A 1282 4.65 5.01 15.46
N ILE A 1283 3.57 4.26 15.20
CA ILE A 1283 3.56 2.83 15.42
C ILE A 1283 4.08 2.06 14.21
N HIS A 1284 4.33 2.75 13.10
CA HIS A 1284 4.77 2.15 11.83
C HIS A 1284 3.94 0.92 11.47
N ALA A 1285 2.62 1.10 11.45
CA ALA A 1285 1.73 0.00 11.15
C ALA A 1285 0.40 0.55 10.64
N TYR A 1286 -0.40 -0.33 10.05
CA TYR A 1286 -1.72 0.05 9.56
C TYR A 1286 -2.76 -0.20 10.64
N VAL A 1287 -3.62 0.79 10.88
CA VAL A 1287 -4.65 0.68 11.90
C VAL A 1287 -6.00 0.99 11.30
N ASP A 1288 -7.05 0.44 11.89
CA ASP A 1288 -8.39 0.59 11.37
C ASP A 1288 -8.98 1.94 11.77
N TYR A 1289 -9.98 2.37 11.00
CA TYR A 1289 -10.72 3.57 11.38
C TYR A 1289 -11.47 3.32 12.68
N PRO A 1290 -11.63 4.35 13.51
CA PRO A 1290 -12.50 4.21 14.67
C PRO A 1290 -13.92 3.91 14.23
N ILE A 1291 -14.61 3.08 15.02
CA ILE A 1291 -15.95 2.66 14.63
C ILE A 1291 -16.89 3.85 14.58
N TYR A 1292 -16.72 4.80 15.50
CA TYR A 1292 -17.54 6.00 15.46
C TYR A 1292 -17.30 6.77 14.17
N ASP A 1293 -16.05 6.82 13.71
CA ASP A 1293 -15.72 7.51 12.47
C ASP A 1293 -16.39 6.85 11.27
N VAL A 1294 -16.29 5.53 11.17
CA VAL A 1294 -16.92 4.81 10.07
C VAL A 1294 -18.42 5.00 10.10
N LEU A 1295 -19.01 4.96 11.29
CA LEU A 1295 -20.45 5.16 11.42
C LEU A 1295 -20.84 6.55 10.96
N GLN A 1296 -20.05 7.56 11.30
CA GLN A 1296 -20.34 8.92 10.83
C GLN A 1296 -20.26 9.00 9.31
N MET A 1297 -19.26 8.32 8.72
CA MET A 1297 -19.19 8.29 7.25
C MET A 1297 -20.46 7.67 6.67
N VAL A 1298 -20.90 6.55 7.22
CA VAL A 1298 -22.13 5.92 6.77
C VAL A 1298 -23.32 6.85 6.91
N GLY A 1299 -23.28 7.74 7.91
CA GLY A 1299 -24.40 8.65 8.10
C GLY A 1299 -24.59 9.67 6.99
N HIS A 1300 -23.61 9.82 6.11
CA HIS A 1300 -23.73 10.84 5.08
C HIS A 1300 -24.77 10.46 4.03
N ALA A 1301 -25.00 9.16 3.83
CA ALA A 1301 -25.95 8.71 2.82
C ALA A 1301 -27.36 8.93 3.35
N ASN A 1302 -27.79 10.19 3.28
CA ASN A 1302 -29.08 10.57 3.83
C ASN A 1302 -29.62 11.76 3.04
N ARG A 1303 -30.48 11.49 2.06
CA ARG A 1303 -31.18 12.52 1.31
C ARG A 1303 -32.67 12.29 1.51
N PRO A 1304 -33.29 12.92 2.49
CA PRO A 1304 -34.67 12.59 2.84
C PRO A 1304 -35.70 13.14 1.88
N LEU A 1305 -35.39 14.28 1.26
CA LEU A 1305 -36.39 14.96 0.45
C LEU A 1305 -36.75 14.17 -0.80
N GLN A 1306 -35.74 13.64 -1.50
CA GLN A 1306 -35.98 12.99 -2.78
C GLN A 1306 -35.69 11.49 -2.75
N ASP A 1307 -34.56 11.07 -2.22
CA ASP A 1307 -34.20 9.67 -2.26
C ASP A 1307 -35.05 8.86 -1.30
N ASP A 1308 -35.60 7.75 -1.79
CA ASP A 1308 -36.40 6.87 -0.95
C ASP A 1308 -35.55 6.04 -0.01
N GLU A 1309 -34.29 5.81 -0.34
CA GLU A 1309 -33.39 5.07 0.52
C GLU A 1309 -31.96 5.49 0.23
N GLY A 1310 -31.08 5.21 1.18
CA GLY A 1310 -29.66 5.49 1.03
C GLY A 1310 -28.87 4.20 1.04
N ARG A 1311 -27.80 4.17 0.26
CA ARG A 1311 -26.99 2.97 0.11
C ARG A 1311 -25.54 3.26 0.46
N CYS A 1312 -24.94 2.35 1.21
CA CYS A 1312 -23.54 2.48 1.62
C CYS A 1312 -22.81 1.18 1.31
N VAL A 1313 -21.74 1.28 0.55
CA VAL A 1313 -20.89 0.16 0.23
C VAL A 1313 -19.58 0.34 0.99
N ILE A 1314 -19.31 -0.54 1.93
CA ILE A 1314 -18.08 -0.48 2.71
C ILE A 1314 -17.17 -1.57 2.19
N MET A 1315 -16.04 -1.20 1.59
CA MET A 1315 -15.13 -2.19 1.04
C MET A 1315 -13.90 -2.26 1.94
N CYS A 1316 -13.62 -3.45 2.46
CA CYS A 1316 -12.61 -3.62 3.50
C CYS A 1316 -11.84 -4.91 3.28
N GLN A 1317 -10.74 -5.04 4.01
CA GLN A 1317 -10.00 -6.28 4.02
C GLN A 1317 -10.87 -7.40 4.60
N GLY A 1318 -10.69 -8.61 4.09
CA GLY A 1318 -11.56 -9.71 4.49
C GLY A 1318 -11.50 -10.02 5.97
N SER A 1319 -10.42 -9.64 6.63
CA SER A 1319 -10.27 -9.96 8.06
C SER A 1319 -11.28 -9.19 8.91
N LYS A 1320 -11.53 -7.91 8.57
CA LYS A 1320 -12.42 -7.06 9.34
C LYS A 1320 -13.89 -7.18 8.93
N LYS A 1321 -14.16 -8.03 7.94
CA LYS A 1321 -15.50 -8.07 7.34
C LYS A 1321 -16.55 -8.49 8.36
N ASP A 1322 -16.24 -9.50 9.17
CA ASP A 1322 -17.23 -9.98 10.15
C ASP A 1322 -17.46 -8.97 11.25
N PHE A 1323 -16.40 -8.31 11.70
CA PHE A 1323 -16.54 -7.32 12.76
C PHE A 1323 -17.42 -6.16 12.32
N PHE A 1324 -17.27 -5.73 11.07
CA PHE A 1324 -18.16 -4.66 10.59
C PHE A 1324 -19.62 -5.10 10.63
N LYS A 1325 -19.90 -6.34 10.22
CA LYS A 1325 -21.27 -6.85 10.30
C LYS A 1325 -21.75 -6.82 11.74
N LYS A 1326 -20.90 -7.22 12.68
CA LYS A 1326 -21.32 -7.26 14.07
C LYS A 1326 -21.70 -5.89 14.57
N PHE A 1327 -20.94 -4.85 14.22
CA PHE A 1327 -21.19 -3.59 14.90
C PHE A 1327 -22.11 -2.64 14.14
N LEU A 1328 -22.00 -2.59 12.81
CA LEU A 1328 -22.70 -1.54 12.06
C LEU A 1328 -24.20 -1.65 12.16
N TYR A 1329 -24.73 -2.87 12.27
CA TYR A 1329 -26.16 -3.07 12.08
C TYR A 1329 -26.97 -2.68 13.31
N GLU A 1330 -26.42 -2.88 14.51
CA GLU A 1330 -27.23 -2.69 15.71
C GLU A 1330 -26.49 -1.79 16.70
N PRO A 1331 -27.09 -1.38 17.82
CA PRO A 1331 -26.42 -0.41 18.69
C PRO A 1331 -25.08 -0.93 19.20
N LEU A 1332 -24.14 -0.02 19.36
CA LEU A 1332 -22.80 -0.32 19.83
C LEU A 1332 -22.65 0.08 21.28
N PRO A 1333 -21.66 -0.47 21.97
CA PRO A 1333 -21.39 -0.01 23.34
C PRO A 1333 -20.33 1.07 23.38
N VAL A 1334 -20.32 1.88 24.44
CA VAL A 1334 -19.30 2.90 24.64
C VAL A 1334 -18.68 2.69 26.01
N GLU A 1335 -17.35 2.74 26.06
CA GLU A 1335 -16.62 2.55 27.30
C GLU A 1335 -15.68 3.71 27.54
N SER A 1336 -15.62 4.18 28.79
CA SER A 1336 -14.82 5.34 29.13
C SER A 1336 -13.35 4.99 29.18
N HIS A 1337 -12.52 5.90 28.67
CA HIS A 1337 -11.07 5.77 28.75
C HIS A 1337 -10.48 6.81 29.69
N LEU A 1338 -11.26 7.30 30.64
CA LEU A 1338 -10.78 8.32 31.56
C LEU A 1338 -9.67 7.81 32.46
N ASP A 1339 -9.58 6.49 32.67
CA ASP A 1339 -8.59 5.97 33.61
C ASP A 1339 -7.18 6.24 33.13
N HIS A 1340 -6.94 6.13 31.82
CA HIS A 1340 -5.59 6.35 31.31
C HIS A 1340 -5.22 7.83 31.35
N CYS A 1341 -6.12 8.69 30.88
CA CYS A 1341 -5.85 10.13 30.81
C CYS A 1341 -6.54 10.81 31.98
N MET A 1342 -5.92 10.71 33.15
CA MET A 1342 -6.50 11.28 34.36
C MET A 1342 -5.58 12.21 35.12
N HIS A 1343 -4.27 12.19 34.86
CA HIS A 1343 -3.35 13.00 35.65
C HIS A 1343 -3.67 14.48 35.49
N ASP A 1344 -3.92 14.91 34.26
CA ASP A 1344 -4.13 16.33 34.01
C ASP A 1344 -5.35 16.85 34.74
N HIS A 1345 -6.43 16.08 34.74
CA HIS A 1345 -7.66 16.55 35.36
C HIS A 1345 -7.54 16.64 36.87
N PHE A 1346 -6.88 15.65 37.48
CA PHE A 1346 -6.64 15.73 38.92
C PHE A 1346 -5.76 16.92 39.26
N ASN A 1347 -4.73 17.17 38.44
CA ASN A 1347 -3.88 18.34 38.66
C ASN A 1347 -4.69 19.62 38.57
N ALA A 1348 -5.56 19.73 37.57
CA ALA A 1348 -6.38 20.92 37.42
C ALA A 1348 -7.31 21.11 38.60
N GLU A 1349 -7.93 20.03 39.07
CA GLU A 1349 -8.83 20.14 40.21
C GLU A 1349 -8.08 20.54 41.47
N ILE A 1350 -6.89 19.98 41.67
CA ILE A 1350 -6.11 20.33 42.86
C ILE A 1350 -5.70 21.79 42.81
N VAL A 1351 -5.40 22.30 41.61
CA VAL A 1351 -5.00 23.70 41.47
C VAL A 1351 -6.12 24.62 41.93
N THR A 1352 -7.36 24.32 41.54
CA THR A 1352 -8.50 25.16 41.91
C THR A 1352 -9.10 24.77 43.26
N LYS A 1353 -8.38 23.99 44.06
CA LYS A 1353 -8.79 23.63 45.41
C LYS A 1353 -10.07 22.81 45.46
N THR A 1354 -10.49 22.22 44.33
CA THR A 1354 -11.65 21.34 44.36
C THR A 1354 -11.34 20.07 45.13
N ILE A 1355 -10.17 19.48 44.91
CA ILE A 1355 -9.73 18.28 45.60
C ILE A 1355 -8.70 18.69 46.63
N GLU A 1356 -8.95 18.38 47.90
CA GLU A 1356 -8.03 18.73 48.96
C GLU A 1356 -7.41 17.53 49.66
N ASN A 1357 -7.92 16.33 49.43
CA ASN A 1357 -7.33 15.12 49.99
C ASN A 1357 -7.78 13.94 49.14
N LYS A 1358 -7.30 12.75 49.49
CA LYS A 1358 -7.60 11.58 48.69
C LYS A 1358 -9.09 11.23 48.73
N GLN A 1359 -9.72 11.45 49.88
CA GLN A 1359 -11.14 11.16 49.99
C GLN A 1359 -11.95 12.03 49.04
N ASP A 1360 -11.58 13.30 48.89
CA ASP A 1360 -12.28 14.17 47.95
C ASP A 1360 -12.12 13.66 46.52
N ALA A 1361 -10.93 13.18 46.17
CA ALA A 1361 -10.73 12.65 44.83
C ALA A 1361 -11.56 11.39 44.60
N VAL A 1362 -11.64 10.53 45.62
CA VAL A 1362 -12.46 9.34 45.51
C VAL A 1362 -13.92 9.71 45.30
N ASP A 1363 -14.41 10.70 46.06
CA ASP A 1363 -15.79 11.15 45.86
C ASP A 1363 -15.98 11.76 44.49
N TYR A 1364 -14.99 12.52 44.01
CA TYR A 1364 -15.09 13.14 42.71
C TYR A 1364 -15.14 12.12 41.59
N LEU A 1365 -14.46 10.99 41.76
CA LEU A 1365 -14.52 9.95 40.75
C LEU A 1365 -15.92 9.39 40.58
N THR A 1366 -16.77 9.48 41.60
CA THR A 1366 -18.10 8.90 41.51
C THR A 1366 -18.98 9.60 40.49
N TRP A 1367 -18.70 10.87 40.19
CA TRP A 1367 -19.52 11.59 39.23
C TRP A 1367 -19.23 11.20 37.78
N THR A 1368 -18.16 10.47 37.52
CA THR A 1368 -17.76 10.19 36.14
C THR A 1368 -18.42 8.93 35.61
N PHE A 1369 -18.49 8.83 34.28
CA PHE A 1369 -19.06 7.66 33.62
C PHE A 1369 -18.23 6.42 33.85
N LEU A 1370 -16.94 6.57 34.16
CA LEU A 1370 -16.12 5.42 34.47
C LEU A 1370 -16.65 4.68 35.70
N TYR A 1371 -17.09 5.42 36.71
CA TYR A 1371 -17.66 4.79 37.89
C TYR A 1371 -18.93 4.02 37.56
N ARG A 1372 -19.68 4.47 36.55
CA ARG A 1372 -20.86 3.73 36.15
C ARG A 1372 -20.48 2.48 35.36
N ARG A 1373 -19.45 2.55 34.54
CA ARG A 1373 -19.11 1.41 33.71
C ARG A 1373 -18.41 0.31 34.50
N MET A 1374 -17.54 0.68 35.45
CA MET A 1374 -16.75 -0.33 36.14
C MET A 1374 -17.60 -1.31 36.91
N THR A 1375 -18.83 -0.96 37.26
CA THR A 1375 -19.72 -1.88 37.94
C THR A 1375 -20.61 -2.65 36.98
N GLN A 1376 -20.45 -2.45 35.67
CA GLN A 1376 -21.22 -3.17 34.67
C GLN A 1376 -20.35 -4.04 33.77
N ASN A 1377 -19.17 -3.57 33.39
CA ASN A 1377 -18.25 -4.31 32.53
C ASN A 1377 -16.90 -4.33 33.23
N PRO A 1378 -16.72 -5.19 34.22
CA PRO A 1378 -15.54 -5.10 35.07
C PRO A 1378 -14.23 -5.43 34.36
N ASN A 1379 -14.20 -6.54 33.63
CA ASN A 1379 -12.94 -6.99 33.05
C ASN A 1379 -12.39 -6.03 32.02
N TYR A 1380 -13.21 -5.14 31.47
CA TYR A 1380 -12.69 -4.15 30.55
C TYR A 1380 -11.72 -3.19 31.25
N TYR A 1381 -11.90 -3.00 32.54
CA TYR A 1381 -11.06 -2.10 33.33
C TYR A 1381 -10.19 -2.85 34.32
N ASN A 1382 -9.86 -4.11 34.01
CA ASN A 1382 -9.03 -4.98 34.84
C ASN A 1382 -9.61 -5.27 36.20
N LEU A 1383 -10.90 -5.00 36.41
CA LEU A 1383 -11.54 -5.36 37.66
C LEU A 1383 -11.67 -6.87 37.79
N GLN A 1384 -11.47 -7.38 38.99
CA GLN A 1384 -11.64 -8.81 39.22
C GLN A 1384 -13.06 -9.15 39.65
N GLY A 1385 -13.58 -8.44 40.64
CA GLY A 1385 -14.90 -8.69 41.17
C GLY A 1385 -15.89 -7.61 40.76
N ILE A 1386 -17.09 -7.72 41.34
CA ILE A 1386 -18.16 -6.76 41.11
C ILE A 1386 -18.68 -6.15 42.40
N SER A 1387 -18.25 -6.64 43.56
CA SER A 1387 -18.76 -6.16 44.82
C SER A 1387 -18.31 -4.73 45.07
N HIS A 1388 -19.00 -4.07 46.01
CA HIS A 1388 -18.61 -2.71 46.37
C HIS A 1388 -17.20 -2.65 46.92
N ARG A 1389 -16.77 -3.70 47.62
CA ARG A 1389 -15.41 -3.73 48.14
C ARG A 1389 -14.39 -3.69 47.02
N HIS A 1390 -14.59 -4.48 45.97
CA HIS A 1390 -13.64 -4.48 44.86
C HIS A 1390 -13.61 -3.13 44.17
N LEU A 1391 -14.76 -2.51 43.98
CA LEU A 1391 -14.80 -1.21 43.32
C LEU A 1391 -14.08 -0.16 44.16
N SER A 1392 -14.31 -0.17 45.48
CA SER A 1392 -13.63 0.79 46.33
C SER A 1392 -12.12 0.57 46.31
N ASP A 1393 -11.68 -0.69 46.34
CA ASP A 1393 -10.25 -0.96 46.28
C ASP A 1393 -9.66 -0.48 44.97
N HIS A 1394 -10.36 -0.71 43.86
CA HIS A 1394 -9.82 -0.28 42.57
C HIS A 1394 -9.75 1.24 42.49
N LEU A 1395 -10.79 1.94 42.95
CA LEU A 1395 -10.75 3.40 42.93
C LEU A 1395 -9.62 3.92 43.79
N SER A 1396 -9.45 3.35 44.99
CA SER A 1396 -8.38 3.80 45.87
C SER A 1396 -7.02 3.58 45.25
N GLU A 1397 -6.80 2.41 44.64
CA GLU A 1397 -5.51 2.14 44.02
C GLU A 1397 -5.26 3.08 42.86
N LEU A 1398 -6.29 3.35 42.04
CA LEU A 1398 -6.11 4.23 40.88
C LEU A 1398 -5.77 5.65 41.31
N VAL A 1399 -6.53 6.19 42.26
CA VAL A 1399 -6.25 7.54 42.70
C VAL A 1399 -4.88 7.61 43.39
N GLU A 1400 -4.50 6.55 44.09
CA GLU A 1400 -3.18 6.52 44.71
C GLU A 1400 -2.09 6.59 43.67
N GLN A 1401 -2.21 5.80 42.59
CA GLN A 1401 -1.21 5.84 41.53
C GLN A 1401 -1.13 7.22 40.91
N THR A 1402 -2.28 7.81 40.60
CA THR A 1402 -2.25 9.11 39.94
C THR A 1402 -1.63 10.18 40.84
N LEU A 1403 -2.00 10.21 42.12
CA LEU A 1403 -1.43 11.20 43.01
C LEU A 1403 0.06 10.95 43.23
N SER A 1404 0.49 9.69 43.25
CA SER A 1404 1.91 9.40 43.36
C SER A 1404 2.68 9.93 42.16
N ASP A 1405 2.13 9.74 40.96
CA ASP A 1405 2.79 10.30 39.78
C ASP A 1405 2.88 11.82 39.87
N LEU A 1406 1.80 12.48 40.26
CA LEU A 1406 1.83 13.93 40.33
C LEU A 1406 2.84 14.41 41.37
N GLU A 1407 2.92 13.73 42.52
CA GLU A 1407 3.94 14.10 43.50
C GLU A 1407 5.34 13.89 42.93
N GLN A 1408 5.52 12.82 42.16
CA GLN A 1408 6.83 12.54 41.58
C GLN A 1408 7.26 13.65 40.62
N SER A 1409 6.32 14.20 39.87
CA SER A 1409 6.64 15.30 38.96
C SER A 1409 6.66 16.66 39.66
N LYS A 1410 6.51 16.69 40.97
CA LYS A 1410 6.47 17.92 41.78
C LYS A 1410 5.31 18.82 41.42
N CYS A 1411 4.29 18.32 40.74
CA CYS A 1411 3.10 19.13 40.50
C CYS A 1411 2.33 19.38 41.79
N ILE A 1412 2.23 18.37 42.66
CA ILE A 1412 1.49 18.48 43.90
C ILE A 1412 2.37 18.04 45.06
N SER A 1413 2.00 18.50 46.24
CA SER A 1413 2.69 18.14 47.48
C SER A 1413 1.74 17.31 48.33
N ILE A 1414 2.18 16.12 48.71
CA ILE A 1414 1.37 15.19 49.50
C ILE A 1414 1.93 15.18 50.92
N GLU A 1415 1.09 15.53 51.89
CA GLU A 1415 1.49 15.60 53.28
C GLU A 1415 0.64 14.66 54.12
N ASP A 1416 1.30 13.96 55.05
CA ASP A 1416 0.69 12.98 55.93
C ASP A 1416 0.04 11.83 55.17
N GLU A 1417 0.42 11.66 53.90
CA GLU A 1417 -0.18 10.69 53.00
C GLU A 1417 -1.67 10.86 52.85
N MET A 1418 -2.22 11.96 53.34
CA MET A 1418 -3.65 12.22 53.30
C MET A 1418 -4.00 13.49 52.54
N ASP A 1419 -3.31 14.59 52.80
CA ASP A 1419 -3.66 15.87 52.20
C ASP A 1419 -2.79 16.15 50.98
N VAL A 1420 -3.38 16.85 50.02
CA VAL A 1420 -2.69 17.24 48.79
C VAL A 1420 -2.84 18.74 48.61
N ALA A 1421 -1.76 19.38 48.18
CA ALA A 1421 -1.73 20.81 47.93
C ALA A 1421 -1.08 21.07 46.57
N PRO A 1422 -1.46 22.15 45.90
CA PRO A 1422 -0.88 22.43 44.58
C PRO A 1422 0.47 23.13 44.70
N LEU A 1423 1.44 22.66 43.95
CA LEU A 1423 2.74 23.30 43.89
C LEU A 1423 2.80 24.23 42.68
N ASN A 1424 3.95 24.89 42.50
CA ASN A 1424 4.06 25.89 41.45
C ASN A 1424 4.00 25.26 40.06
N LEU A 1425 4.70 24.14 39.87
CA LEU A 1425 4.69 23.48 38.57
C LEU A 1425 3.27 23.09 38.18
N GLY A 1426 2.48 22.66 39.16
CA GLY A 1426 1.09 22.33 38.88
C GLY A 1426 0.29 23.54 38.42
N MET A 1427 0.53 24.69 39.05
CA MET A 1427 -0.18 25.90 38.65
C MET A 1427 0.19 26.31 37.24
N ILE A 1428 1.47 26.20 36.89
CA ILE A 1428 1.88 26.50 35.52
C ILE A 1428 1.24 25.53 34.54
N ALA A 1429 1.23 24.24 34.88
CA ALA A 1429 0.67 23.24 33.97
C ALA A 1429 -0.82 23.46 33.76
N ALA A 1430 -1.55 23.79 34.82
CA ALA A 1430 -2.99 23.98 34.69
C ALA A 1430 -3.33 25.31 34.04
N TYR A 1431 -2.52 26.34 34.27
CA TYR A 1431 -2.86 27.67 33.77
C TYR A 1431 -2.85 27.72 32.25
N TYR A 1432 -1.88 27.08 31.62
CA TYR A 1432 -1.76 27.09 30.18
C TYR A 1432 -2.37 25.87 29.50
N TYR A 1433 -3.08 25.04 30.26
CA TYR A 1433 -3.71 23.83 29.72
C TYR A 1433 -2.68 22.96 29.01
N ILE A 1434 -1.61 22.62 29.73
CA ILE A 1434 -0.49 21.85 29.21
C ILE A 1434 -0.44 20.51 29.92
N ASN A 1435 -0.17 19.46 29.16
CA ASN A 1435 -0.03 18.14 29.74
C ASN A 1435 1.09 18.14 30.77
N TYR A 1436 0.88 17.39 31.86
CA TYR A 1436 1.80 17.48 32.99
C TYR A 1436 3.17 16.89 32.65
N THR A 1437 3.21 15.90 31.77
CA THR A 1437 4.49 15.33 31.37
C THR A 1437 5.36 16.41 30.73
N THR A 1438 4.76 17.28 29.94
CA THR A 1438 5.52 18.34 29.30
C THR A 1438 6.14 19.29 30.32
N ILE A 1439 5.38 19.66 31.35
CA ILE A 1439 5.93 20.57 32.35
C ILE A 1439 7.03 19.89 33.15
N GLU A 1440 6.87 18.60 33.43
CA GLU A 1440 7.96 17.87 34.09
C GLU A 1440 9.21 17.87 33.23
N LEU A 1441 9.06 17.64 31.92
CA LEU A 1441 10.21 17.65 31.02
C LEU A 1441 10.87 19.03 31.00
N PHE A 1442 10.07 20.08 30.96
CA PHE A 1442 10.63 21.42 30.98
C PHE A 1442 11.41 21.66 32.26
N SER A 1443 10.87 21.25 33.40
CA SER A 1443 11.57 21.46 34.66
C SER A 1443 12.89 20.70 34.68
N MET A 1444 12.90 19.47 34.18
CA MET A 1444 14.13 18.67 34.24
C MET A 1444 15.18 19.19 33.28
N SER A 1445 14.80 19.44 32.03
CA SER A 1445 15.79 19.68 30.98
C SER A 1445 16.36 21.09 31.04
N LEU A 1446 15.55 22.09 31.36
CA LEU A 1446 16.02 23.47 31.33
C LEU A 1446 17.07 23.70 32.42
N ASN A 1447 18.14 24.39 32.06
CA ASN A 1447 19.18 24.77 33.01
C ASN A 1447 19.40 26.28 32.92
N ALA A 1448 20.45 26.76 33.58
CA ALA A 1448 20.75 28.18 33.62
C ALA A 1448 21.63 28.63 32.47
N LYS A 1449 21.78 27.82 31.44
CA LYS A 1449 22.66 28.19 30.32
C LYS A 1449 22.10 27.80 28.96
N THR A 1450 20.84 27.40 28.86
CA THR A 1450 20.30 27.00 27.58
C THR A 1450 20.10 28.20 26.67
N LYS A 1451 20.46 28.04 25.40
CA LYS A 1451 20.25 29.06 24.38
C LYS A 1451 19.05 28.67 23.52
N VAL A 1452 18.82 29.42 22.44
CA VAL A 1452 17.65 29.17 21.60
C VAL A 1452 17.70 27.78 20.98
N ARG A 1453 18.91 27.26 20.72
CA ARG A 1453 19.02 25.91 20.19
C ARG A 1453 18.43 24.90 21.16
N GLY A 1454 18.87 24.95 22.41
CA GLY A 1454 18.34 24.04 23.41
C GLY A 1454 16.86 24.26 23.67
N LEU A 1455 16.43 25.51 23.62
CA LEU A 1455 15.01 25.81 23.84
C LEU A 1455 14.16 25.17 22.74
N ILE A 1456 14.59 25.29 21.49
CA ILE A 1456 13.86 24.65 20.40
C ILE A 1456 13.86 23.14 20.58
N GLU A 1457 15.01 22.58 20.95
CA GLU A 1457 15.08 21.13 21.15
C GLU A 1457 14.12 20.68 22.24
N ILE A 1458 14.04 21.45 23.33
CA ILE A 1458 13.17 21.07 24.45
C ILE A 1458 11.71 21.21 24.04
N ILE A 1459 11.36 22.32 23.40
CA ILE A 1459 9.97 22.56 23.02
C ILE A 1459 9.49 21.49 22.04
N SER A 1460 10.34 21.13 21.08
CA SER A 1460 9.96 20.08 20.14
C SER A 1460 9.73 18.75 20.81
N ASN A 1461 10.21 18.56 22.04
CA ASN A 1461 10.02 17.33 22.78
C ASN A 1461 8.75 17.33 23.61
N ALA A 1462 7.91 18.35 23.49
CA ALA A 1462 6.69 18.43 24.28
C ALA A 1462 5.73 17.30 23.89
N ALA A 1463 4.88 16.92 24.85
CA ALA A 1463 3.98 15.80 24.62
C ALA A 1463 2.85 16.16 23.66
N GLU A 1464 2.53 17.45 23.54
CA GLU A 1464 1.44 17.85 22.67
C GLU A 1464 1.71 17.52 21.21
N TYR A 1465 2.97 17.30 20.85
CA TYR A 1465 3.33 16.96 19.48
C TYR A 1465 3.39 15.46 19.25
N GLU A 1466 3.03 14.64 20.24
CA GLU A 1466 3.09 13.20 20.05
C GLU A 1466 2.09 12.72 19.01
N ASN A 1467 0.98 13.42 18.84
CA ASN A 1467 -0.09 12.96 17.94
C ASN A 1467 0.07 13.47 16.52
N ILE A 1468 1.15 14.18 16.22
CA ILE A 1468 1.35 14.68 14.85
C ILE A 1468 1.56 13.49 13.93
N PRO A 1469 1.02 13.51 12.71
CA PRO A 1469 1.11 12.33 11.85
C PRO A 1469 2.45 12.21 11.14
N ILE A 1470 2.82 10.96 10.88
CA ILE A 1470 4.03 10.62 10.13
C ILE A 1470 3.55 9.80 8.93
N ARG A 1471 3.41 10.46 7.78
CA ARG A 1471 2.89 9.79 6.60
C ARG A 1471 3.97 8.96 5.91
N HIS A 1472 3.54 8.17 4.94
CA HIS A 1472 4.46 7.29 4.23
C HIS A 1472 5.38 8.08 3.32
N HIS A 1473 6.62 7.61 3.18
CA HIS A 1473 7.65 8.18 2.32
C HIS A 1473 8.08 9.57 2.76
N GLU A 1474 7.61 10.04 3.91
CA GLU A 1474 8.05 11.34 4.39
C GLU A 1474 9.51 11.32 4.80
N ASP A 1475 10.06 10.14 5.08
CA ASP A 1475 11.41 10.06 5.63
C ASP A 1475 12.46 10.56 4.64
N ASN A 1476 12.27 10.29 3.35
CA ASN A 1476 13.22 10.78 2.37
C ASN A 1476 13.22 12.31 2.33
N LEU A 1477 12.02 12.90 2.29
CA LEU A 1477 11.91 14.36 2.29
C LEU A 1477 12.49 14.95 3.57
N LEU A 1478 12.23 14.31 4.71
CA LEU A 1478 12.71 14.81 5.99
C LEU A 1478 14.23 14.71 6.08
N ARG A 1479 14.80 13.62 5.59
CA ARG A 1479 16.26 13.48 5.59
C ARG A 1479 16.89 14.53 4.68
N GLN A 1480 16.27 14.80 3.53
CA GLN A 1480 16.76 15.89 2.69
C GLN A 1480 16.66 17.22 3.41
N LEU A 1481 15.56 17.45 4.12
CA LEU A 1481 15.36 18.72 4.80
C LEU A 1481 16.34 18.90 5.95
N ALA A 1482 16.69 17.80 6.61
CA ALA A 1482 17.54 17.89 7.81
C ALA A 1482 18.88 18.52 7.49
N GLN A 1483 19.36 18.33 6.26
CA GLN A 1483 20.63 18.95 5.88
C GLN A 1483 20.47 20.44 5.70
N LYS A 1484 19.29 20.89 5.29
CA LYS A 1484 19.11 22.29 4.95
C LYS A 1484 19.13 23.18 6.20
N VAL A 1485 18.60 22.68 7.31
CA VAL A 1485 18.35 23.50 8.50
C VAL A 1485 19.67 23.98 9.11
N PRO A 1486 19.67 25.11 9.80
CA PRO A 1486 20.94 25.64 10.31
C PRO A 1486 21.55 24.84 11.43
N HIS A 1487 20.75 24.37 12.39
CA HIS A 1487 21.25 23.58 13.51
C HIS A 1487 20.97 22.11 13.23
N LYS A 1488 22.01 21.29 13.28
CA LYS A 1488 21.86 19.86 13.02
C LYS A 1488 21.58 19.10 14.31
N LEU A 1489 20.94 17.95 14.16
CA LEU A 1489 20.58 17.11 15.29
C LEU A 1489 21.70 16.13 15.61
N ASN A 1490 21.43 15.16 16.48
CA ASN A 1490 22.41 14.17 16.92
C ASN A 1490 21.87 12.78 16.61
N ASN A 1491 22.13 12.30 15.39
CA ASN A 1491 21.73 10.98 14.93
C ASN A 1491 20.26 10.73 15.23
N PRO A 1492 19.34 11.42 14.55
CA PRO A 1492 17.92 11.29 14.88
C PRO A 1492 17.22 10.19 14.10
N LYS A 1493 16.17 9.66 14.71
CA LYS A 1493 15.28 8.73 14.06
C LYS A 1493 14.17 9.52 13.38
N PHE A 1494 14.06 9.40 12.06
CA PHE A 1494 13.17 10.26 11.30
C PHE A 1494 11.72 9.82 11.34
N ASN A 1495 11.41 8.71 11.99
CA ASN A 1495 10.03 8.36 12.29
C ASN A 1495 9.57 8.87 13.64
N ASP A 1496 10.46 9.51 14.39
CA ASP A 1496 10.10 10.10 15.67
C ASP A 1496 9.38 11.42 15.44
N PRO A 1497 8.15 11.59 15.92
CA PRO A 1497 7.43 12.85 15.66
C PRO A 1497 8.13 14.07 16.24
N HIS A 1498 8.83 13.94 17.37
CA HIS A 1498 9.51 15.09 17.94
C HIS A 1498 10.62 15.59 17.03
N VAL A 1499 11.35 14.67 16.39
CA VAL A 1499 12.37 15.07 15.43
C VAL A 1499 11.74 15.82 14.27
N LYS A 1500 10.61 15.32 13.78
CA LYS A 1500 9.93 16.01 12.69
C LYS A 1500 9.48 17.41 13.11
N THR A 1501 8.96 17.54 14.33
CA THR A 1501 8.54 18.86 14.78
C THR A 1501 9.72 19.80 14.90
N ASN A 1502 10.85 19.31 15.39
CA ASN A 1502 12.04 20.15 15.46
C ASN A 1502 12.48 20.59 14.08
N LEU A 1503 12.49 19.67 13.12
CA LEU A 1503 12.89 20.03 11.76
C LEU A 1503 11.93 21.04 11.16
N LEU A 1504 10.63 20.87 11.38
CA LEU A 1504 9.66 21.80 10.81
C LEU A 1504 9.79 23.17 11.45
N LEU A 1505 10.03 23.22 12.76
CA LEU A 1505 10.22 24.51 13.42
C LEU A 1505 11.45 25.22 12.87
N GLN A 1506 12.54 24.48 12.67
CA GLN A 1506 13.74 25.10 12.11
C GLN A 1506 13.49 25.58 10.68
N ALA A 1507 12.77 24.78 9.89
CA ALA A 1507 12.48 25.18 8.52
C ALA A 1507 11.64 26.44 8.47
N HIS A 1508 10.57 26.48 9.25
CA HIS A 1508 9.71 27.67 9.25
C HIS A 1508 10.44 28.88 9.77
N LEU A 1509 11.28 28.71 10.79
CA LEU A 1509 12.01 29.85 11.33
C LEU A 1509 12.92 30.45 10.27
N SER A 1510 13.47 29.63 9.38
CA SER A 1510 14.38 30.08 8.35
C SER A 1510 13.67 30.63 7.13
N ARG A 1511 12.34 30.66 7.12
CA ARG A 1511 11.50 31.20 6.06
C ARG A 1511 11.56 30.39 4.77
N MET A 1512 12.23 29.24 4.78
CA MET A 1512 12.24 28.42 3.59
C MET A 1512 10.87 27.77 3.39
N GLN A 1513 10.64 27.27 2.18
CA GLN A 1513 9.38 26.66 1.80
C GLN A 1513 9.59 25.21 1.42
N LEU A 1514 8.74 24.34 1.93
CA LEU A 1514 8.75 22.93 1.59
C LEU A 1514 7.51 22.56 0.80
N SER A 1515 7.40 21.26 0.49
CA SER A 1515 6.30 20.78 -0.32
C SER A 1515 4.99 20.89 0.44
N ALA A 1516 3.95 21.33 -0.27
CA ALA A 1516 2.72 21.82 0.37
C ALA A 1516 2.09 20.80 1.30
N GLU A 1517 2.27 19.51 1.03
CA GLU A 1517 1.65 18.50 1.89
C GLU A 1517 2.20 18.57 3.31
N LEU A 1518 3.52 18.69 3.44
CA LEU A 1518 4.12 18.82 4.77
C LEU A 1518 3.89 20.21 5.37
N GLN A 1519 3.37 21.15 4.58
CA GLN A 1519 3.24 22.52 5.07
C GLN A 1519 2.17 22.63 6.15
N SER A 1520 1.09 21.86 6.03
CA SER A 1520 -0.01 21.97 7.00
C SER A 1520 0.45 21.63 8.41
N ASP A 1521 1.34 20.64 8.53
CA ASP A 1521 1.87 20.27 9.84
C ASP A 1521 2.56 21.46 10.49
N THR A 1522 3.23 22.29 9.69
CA THR A 1522 3.88 23.47 10.24
C THR A 1522 2.88 24.41 10.87
N GLU A 1523 1.75 24.63 10.21
CA GLU A 1523 0.71 25.47 10.79
C GLU A 1523 0.22 24.88 12.10
N GLU A 1524 0.02 23.58 12.15
CA GLU A 1524 -0.43 22.96 13.40
C GLU A 1524 0.60 23.15 14.51
N ILE A 1525 1.88 22.93 14.20
CA ILE A 1525 2.92 23.05 15.20
C ILE A 1525 3.00 24.47 15.73
N LEU A 1526 2.99 25.45 14.83
CA LEU A 1526 3.04 26.84 15.27
C LEU A 1526 1.83 27.19 16.11
N SER A 1527 0.66 26.66 15.74
CA SER A 1527 -0.53 26.89 16.54
C SER A 1527 -0.32 26.43 17.97
N LYS A 1528 0.27 25.26 18.14
CA LYS A 1528 0.46 24.75 19.50
C LYS A 1528 1.67 25.35 20.20
N ALA A 1529 2.55 26.05 19.49
CA ALA A 1529 3.87 26.36 20.05
C ALA A 1529 3.84 27.48 21.09
N ILE A 1530 3.01 28.50 20.88
CA ILE A 1530 3.17 29.74 21.61
C ILE A 1530 2.90 29.53 23.11
N ARG A 1531 1.92 28.69 23.45
CA ARG A 1531 1.68 28.41 24.85
C ARG A 1531 2.84 27.66 25.48
N LEU A 1532 3.47 26.76 24.73
CA LEU A 1532 4.65 26.07 25.25
C LEU A 1532 5.77 27.05 25.52
N ILE A 1533 5.96 28.02 24.62
CA ILE A 1533 7.01 29.01 24.84
C ILE A 1533 6.71 29.84 26.08
N GLN A 1534 5.46 30.25 26.25
CA GLN A 1534 5.10 31.02 27.44
C GLN A 1534 5.32 30.21 28.70
N ALA A 1535 5.00 28.91 28.66
CA ALA A 1535 5.25 28.06 29.81
C ALA A 1535 6.73 27.95 30.11
N CYS A 1536 7.57 27.85 29.08
CA CYS A 1536 9.00 27.83 29.30
C CYS A 1536 9.46 29.11 29.96
N VAL A 1537 8.90 30.24 29.52
CA VAL A 1537 9.25 31.51 30.15
C VAL A 1537 8.86 31.51 31.62
N ASP A 1538 7.66 31.01 31.93
CA ASP A 1538 7.21 31.00 33.32
C ASP A 1538 8.08 30.09 34.18
N VAL A 1539 8.45 28.93 33.65
CA VAL A 1539 9.30 28.01 34.41
C VAL A 1539 10.66 28.62 34.66
N LEU A 1540 11.26 29.22 33.63
CA LEU A 1540 12.56 29.84 33.81
C LEU A 1540 12.49 30.99 34.82
N SER A 1541 11.42 31.78 34.77
CA SER A 1541 11.27 32.85 35.74
C SER A 1541 11.14 32.29 37.15
N SER A 1542 10.38 31.20 37.30
CA SER A 1542 10.24 30.57 38.61
C SER A 1542 11.59 30.11 39.14
N ASN A 1543 12.40 29.50 38.29
CA ASN A 1543 13.72 29.08 38.71
C ASN A 1543 14.68 30.25 38.93
N GLY A 1544 14.31 31.46 38.51
CA GLY A 1544 15.15 32.61 38.71
C GLY A 1544 16.39 32.64 37.83
N TRP A 1545 16.19 32.61 36.52
CA TRP A 1545 17.28 32.67 35.55
C TRP A 1545 16.93 33.72 34.51
N LEU A 1546 17.91 34.60 34.21
CA LEU A 1546 17.65 35.75 33.35
C LEU A 1546 17.90 35.45 31.88
N SER A 1547 19.11 35.00 31.56
CA SER A 1547 19.44 34.76 30.16
C SER A 1547 18.56 33.72 29.48
N PRO A 1548 18.25 32.57 30.09
CA PRO A 1548 17.33 31.65 29.41
C PRO A 1548 15.95 32.25 29.20
N ALA A 1549 15.47 33.06 30.14
CA ALA A 1549 14.17 33.70 29.96
C ALA A 1549 14.19 34.67 28.79
N LEU A 1550 15.25 35.47 28.69
CA LEU A 1550 15.35 36.38 27.56
C LEU A 1550 15.46 35.61 26.25
N ALA A 1551 16.19 34.49 26.26
CA ALA A 1551 16.28 33.68 25.05
C ALA A 1551 14.91 33.14 24.65
N ALA A 1552 14.11 32.72 25.63
CA ALA A 1552 12.78 32.22 25.32
C ALA A 1552 11.88 33.33 24.78
N MET A 1553 11.96 34.53 25.35
CA MET A 1553 11.16 35.63 24.81
C MET A 1553 11.57 35.95 23.38
N GLU A 1554 12.87 35.98 23.11
CA GLU A 1554 13.31 36.20 21.73
C GLU A 1554 12.86 35.07 20.82
N LEU A 1555 12.81 33.84 21.35
CA LEU A 1555 12.31 32.73 20.55
C LEU A 1555 10.85 32.94 20.18
N ALA A 1556 10.05 33.43 21.12
CA ALA A 1556 8.65 33.73 20.81
C ALA A 1556 8.55 34.80 19.74
N GLN A 1557 9.32 35.88 19.90
CA GLN A 1557 9.29 36.93 18.89
C GLN A 1557 9.64 36.37 17.52
N MET A 1558 10.69 35.56 17.46
CA MET A 1558 11.18 35.11 16.16
C MET A 1558 10.28 34.04 15.56
N VAL A 1559 9.59 33.25 16.38
CA VAL A 1559 8.66 32.28 15.81
C VAL A 1559 7.44 33.00 15.23
N THR A 1560 6.98 34.06 15.89
CA THR A 1560 5.87 34.80 15.28
C THR A 1560 6.32 35.49 13.99
N GLN A 1561 7.49 36.10 13.99
CA GLN A 1561 7.93 36.79 12.79
C GLN A 1561 8.65 35.89 11.80
N ALA A 1562 8.90 34.62 12.15
CA ALA A 1562 9.49 33.63 11.26
C ALA A 1562 10.84 34.12 10.71
N MET A 1563 11.78 34.28 11.63
CA MET A 1563 13.11 34.73 11.27
C MET A 1563 14.09 34.32 12.37
N TRP A 1564 15.33 34.09 11.99
CA TRP A 1564 16.35 33.80 12.99
C TRP A 1564 16.78 35.07 13.70
N SER A 1565 17.31 34.90 14.91
CA SER A 1565 17.77 36.06 15.67
C SER A 1565 18.93 36.75 14.97
N LYS A 1566 19.85 35.98 14.38
CA LYS A 1566 20.98 36.56 13.68
C LYS A 1566 20.52 37.40 12.49
N ASP A 1567 19.43 37.01 11.85
CA ASP A 1567 18.93 37.75 10.70
C ASP A 1567 18.52 39.16 11.10
N SER A 1568 18.73 40.11 10.19
CA SER A 1568 18.45 41.51 10.49
C SER A 1568 16.95 41.74 10.60
N TYR A 1569 16.60 42.76 11.39
CA TYR A 1569 15.21 43.03 11.70
C TYR A 1569 14.39 43.30 10.45
N LEU A 1570 15.02 43.89 9.43
CA LEU A 1570 14.32 44.37 8.24
C LEU A 1570 13.44 43.30 7.61
N LYS A 1571 13.80 42.03 7.79
CA LYS A 1571 13.07 40.95 7.15
C LYS A 1571 11.61 40.89 7.59
N GLN A 1572 11.26 41.54 8.70
CA GLN A 1572 9.87 41.58 9.11
C GLN A 1572 9.01 42.27 8.06
N LEU A 1573 9.51 43.34 7.47
CA LEU A 1573 8.70 44.16 6.58
C LEU A 1573 8.26 43.34 5.37
N PRO A 1574 7.01 43.50 4.92
CA PRO A 1574 6.54 42.70 3.79
C PRO A 1574 7.22 43.10 2.49
N HIS A 1575 7.24 42.17 1.56
CA HIS A 1575 7.76 42.41 0.22
C HIS A 1575 9.20 42.92 0.27
N PHE A 1576 10.02 42.28 1.10
CA PHE A 1576 11.42 42.65 1.26
C PHE A 1576 12.29 41.42 1.06
N THR A 1577 13.46 41.63 0.46
CA THR A 1577 14.39 40.56 0.15
C THR A 1577 15.79 40.96 0.58
N SER A 1578 16.72 40.00 0.45
CA SER A 1578 18.09 40.23 0.90
C SER A 1578 18.77 41.32 0.08
N GLU A 1579 18.41 41.45 -1.20
CA GLU A 1579 18.96 42.54 -2.00
C GLU A 1579 18.40 43.88 -1.56
N HIS A 1580 17.09 43.95 -1.33
CA HIS A 1580 16.51 45.17 -0.78
C HIS A 1580 17.17 45.53 0.53
N ILE A 1581 17.37 44.53 1.41
CA ILE A 1581 18.00 44.79 2.69
C ILE A 1581 19.45 45.23 2.52
N LYS A 1582 20.16 44.68 1.54
CA LYS A 1582 21.53 45.09 1.31
C LYS A 1582 21.60 46.54 0.84
N ARG A 1583 20.70 46.93 -0.04
CA ARG A 1583 20.65 48.34 -0.43
C ARG A 1583 20.21 49.21 0.74
N CYS A 1584 19.45 48.66 1.69
CA CYS A 1584 19.11 49.39 2.90
C CYS A 1584 20.31 49.56 3.82
N THR A 1585 21.18 48.54 3.87
CA THR A 1585 22.24 48.46 4.86
C THR A 1585 23.26 49.58 4.73
N ASP A 1586 23.94 49.62 3.59
CA ASP A 1586 25.03 50.55 3.35
C ASP A 1586 24.58 51.99 3.52
N LYS A 1587 23.28 52.24 3.29
CA LYS A 1587 22.73 53.57 3.53
C LYS A 1587 22.88 53.98 4.99
N GLY A 1588 22.61 53.04 5.91
CA GLY A 1588 22.68 53.34 7.33
C GLY A 1588 21.38 53.01 8.03
N VAL A 1589 20.46 52.42 7.29
CA VAL A 1589 19.15 52.05 7.82
C VAL A 1589 19.24 50.63 8.37
N GLU A 1590 19.00 50.48 9.67
CA GLU A 1590 19.08 49.18 10.32
C GLU A 1590 17.83 48.79 11.09
N SER A 1591 16.95 49.73 11.41
CA SER A 1591 15.80 49.46 12.25
C SER A 1591 14.53 50.02 11.62
N VAL A 1592 13.39 49.42 11.97
CA VAL A 1592 12.11 49.87 11.44
C VAL A 1592 11.77 51.27 11.92
N PHE A 1593 12.24 51.63 13.11
CA PHE A 1593 11.92 52.95 13.66
C PHE A 1593 12.45 54.07 12.77
N ASP A 1594 13.62 53.89 12.17
CA ASP A 1594 14.13 54.94 11.29
C ASP A 1594 13.27 55.07 10.04
N ILE A 1595 12.71 53.95 9.57
CA ILE A 1595 11.76 54.02 8.46
C ILE A 1595 10.52 54.79 8.88
N MET A 1596 10.04 54.56 10.10
CA MET A 1596 9.00 55.42 10.65
C MET A 1596 9.47 56.87 10.70
N GLU A 1597 10.78 57.11 10.73
CA GLU A 1597 11.32 58.46 10.75
C GLU A 1597 11.93 58.88 9.42
N MET A 1598 11.53 58.23 8.33
CA MET A 1598 12.12 58.53 7.03
C MET A 1598 11.18 59.45 6.25
N GLU A 1599 11.71 60.58 5.78
CA GLU A 1599 10.97 61.41 4.84
C GLU A 1599 10.60 60.56 3.64
N ASP A 1600 9.29 60.46 3.35
CA ASP A 1600 8.75 59.43 2.47
C ASP A 1600 9.52 59.25 1.19
N GLU A 1601 10.03 60.34 0.62
CA GLU A 1601 10.74 60.24 -0.66
C GLU A 1601 11.97 59.36 -0.52
N GLU A 1602 12.66 59.42 0.61
CA GLU A 1602 13.88 58.65 0.74
C GLU A 1602 13.59 57.16 0.85
N ARG A 1603 12.57 56.79 1.61
CA ARG A 1603 12.13 55.40 1.62
C ARG A 1603 11.70 54.97 0.22
N ASN A 1604 11.00 55.84 -0.51
CA ASN A 1604 10.56 55.50 -1.85
C ASN A 1604 11.74 55.27 -2.78
N ALA A 1605 12.54 56.32 -3.00
CA ALA A 1605 13.63 56.25 -3.97
C ALA A 1605 14.63 55.16 -3.60
N LEU A 1606 14.89 54.98 -2.31
CA LEU A 1606 15.82 53.94 -1.90
C LEU A 1606 15.26 52.53 -2.12
N LEU A 1607 13.94 52.37 -2.07
CA LEU A 1607 13.31 51.05 -2.11
C LEU A 1607 12.35 50.96 -3.28
N GLN A 1608 12.61 50.02 -4.18
CA GLN A 1608 11.71 49.83 -5.31
C GLN A 1608 10.32 49.45 -4.81
N LEU A 1609 9.30 49.99 -5.46
CA LEU A 1609 7.96 49.93 -4.90
C LEU A 1609 6.92 49.84 -6.00
N THR A 1610 5.67 49.73 -5.58
CA THR A 1610 4.49 49.91 -6.40
C THR A 1610 3.65 50.93 -5.62
N ASP A 1611 2.39 51.11 -6.02
CA ASP A 1611 1.45 51.72 -5.09
C ASP A 1611 1.41 50.91 -3.78
N SER A 1612 1.27 49.59 -3.92
CA SER A 1612 1.03 48.75 -2.76
C SER A 1612 2.28 48.59 -1.90
N GLN A 1613 3.47 48.52 -2.52
CA GLN A 1613 4.65 48.27 -1.72
C GLN A 1613 4.86 49.38 -0.69
N ILE A 1614 4.94 50.62 -1.15
CA ILE A 1614 5.06 51.73 -0.22
C ILE A 1614 3.84 51.79 0.70
N ALA A 1615 2.63 51.66 0.13
CA ALA A 1615 1.42 51.82 0.94
C ALA A 1615 1.42 50.85 2.11
N ASP A 1616 1.56 49.56 1.83
CA ASP A 1616 1.38 48.52 2.84
C ASP A 1616 2.60 48.42 3.76
N VAL A 1617 3.81 48.64 3.25
CA VAL A 1617 4.97 48.60 4.14
C VAL A 1617 4.90 49.76 5.13
N ALA A 1618 4.57 50.96 4.64
CA ALA A 1618 4.41 52.08 5.56
C ALA A 1618 3.26 51.83 6.53
N ARG A 1619 2.19 51.17 6.08
CA ARG A 1619 1.11 50.83 7.00
C ARG A 1619 1.57 49.86 8.08
N PHE A 1620 2.37 48.86 7.69
CA PHE A 1620 2.96 47.97 8.68
C PHE A 1620 3.75 48.77 9.71
N CYS A 1621 4.53 49.75 9.25
CA CYS A 1621 5.25 50.61 10.19
C CYS A 1621 4.30 51.22 11.20
N ASN A 1622 3.10 51.61 10.75
CA ASN A 1622 2.08 52.09 11.68
C ASN A 1622 1.71 51.00 12.67
N ARG A 1623 1.50 49.78 12.19
CA ARG A 1623 1.08 48.71 13.10
C ARG A 1623 2.19 48.37 14.10
N TYR A 1624 3.44 48.59 13.71
CA TYR A 1624 4.57 48.28 14.57
C TYR A 1624 4.49 49.10 15.85
N PRO A 1625 4.58 48.49 17.01
CA PRO A 1625 4.29 49.22 18.24
C PRO A 1625 5.50 50.00 18.74
N ASN A 1626 5.38 51.31 18.79
CA ASN A 1626 6.35 52.14 19.50
C ASN A 1626 5.67 52.66 20.75
N ILE A 1627 6.25 52.36 21.90
CA ILE A 1627 5.61 52.70 23.17
C ILE A 1627 6.66 53.22 24.12
N GLU A 1628 6.27 54.21 24.93
CA GLU A 1628 7.21 54.97 25.73
C GLU A 1628 6.86 54.79 27.20
N LEU A 1629 7.87 54.48 28.02
CA LEU A 1629 7.65 54.11 29.41
C LEU A 1629 8.59 54.87 30.33
N SER A 1630 8.13 55.07 31.56
CA SER A 1630 8.92 55.69 32.61
C SER A 1630 8.80 54.87 33.90
N TYR A 1631 9.93 54.65 34.57
CA TYR A 1631 9.95 53.88 35.80
C TYR A 1631 10.36 54.78 36.96
N GLU A 1632 9.89 54.42 38.16
CA GLU A 1632 10.23 55.17 39.36
C GLU A 1632 10.30 54.20 40.52
N VAL A 1633 11.40 54.25 41.26
CA VAL A 1633 11.59 53.43 42.45
C VAL A 1633 10.95 54.18 43.61
N VAL A 1634 9.87 53.63 44.16
CA VAL A 1634 9.15 54.32 45.23
C VAL A 1634 9.98 54.30 46.50
N ASP A 1635 10.17 55.49 47.08
CA ASP A 1635 10.91 55.66 48.33
C ASP A 1635 12.30 55.04 48.24
N LYS A 1636 13.01 55.37 47.16
CA LYS A 1636 14.35 54.83 46.96
C LYS A 1636 15.33 55.31 48.02
N ASP A 1637 15.00 56.41 48.72
CA ASP A 1637 15.88 56.88 49.78
C ASP A 1637 15.67 56.11 51.08
N SER A 1638 14.41 55.97 51.49
CA SER A 1638 14.08 55.31 52.75
C SER A 1638 13.83 53.83 52.50
N ILE A 1639 14.89 53.13 52.11
CA ILE A 1639 14.83 51.69 51.86
C ILE A 1639 16.05 51.05 52.51
N ARG A 1640 15.87 49.83 53.03
CA ARG A 1640 16.91 49.15 53.77
C ARG A 1640 16.95 47.69 53.38
N SER A 1641 18.09 47.05 53.68
CA SER A 1641 18.27 45.64 53.36
C SER A 1641 17.22 44.79 54.03
N GLY A 1642 16.64 43.86 53.26
CA GLY A 1642 15.61 42.98 53.76
C GLY A 1642 14.21 43.53 53.67
N GLY A 1643 14.06 44.83 53.45
CA GLY A 1643 12.77 45.43 53.30
C GLY A 1643 12.22 45.25 51.91
N PRO A 1644 10.91 45.36 51.76
CA PRO A 1644 10.30 45.25 50.42
C PRO A 1644 10.76 46.38 49.51
N VAL A 1645 10.93 46.06 48.23
CA VAL A 1645 11.29 47.02 47.21
C VAL A 1645 10.19 47.02 46.16
N VAL A 1646 9.66 48.20 45.87
CA VAL A 1646 8.55 48.36 44.93
C VAL A 1646 8.96 49.37 43.86
N VAL A 1647 8.69 49.03 42.60
CA VAL A 1647 9.00 49.87 41.47
C VAL A 1647 7.73 50.05 40.65
N LEU A 1648 7.43 51.29 40.27
CA LEU A 1648 6.24 51.61 39.51
C LEU A 1648 6.62 51.99 38.09
N VAL A 1649 5.96 51.38 37.11
CA VAL A 1649 6.27 51.59 35.70
C VAL A 1649 5.02 52.10 34.99
N GLN A 1650 5.19 53.17 34.21
CA GLN A 1650 4.11 53.77 33.44
C GLN A 1650 4.39 53.55 31.97
N LEU A 1651 3.42 52.96 31.27
CA LEU A 1651 3.54 52.64 29.85
C LEU A 1651 2.51 53.44 29.08
N GLU A 1652 2.93 54.12 28.02
CA GLU A 1652 2.01 54.90 27.20
C GLU A 1652 2.22 54.63 25.72
N ARG A 1653 1.11 54.57 25.00
CA ARG A 1653 1.09 54.53 23.53
C ARG A 1653 0.26 55.74 23.08
N GLU A 1654 0.92 56.78 22.60
CA GLU A 1654 0.19 57.92 22.04
C GLU A 1654 -0.74 57.46 20.92
N GLU A 1655 -0.23 56.61 20.04
CA GLU A 1655 -1.04 56.00 19.01
C GLU A 1655 -2.05 55.05 19.64
N GLU A 1656 -3.26 55.01 19.08
CA GLU A 1656 -4.31 54.15 19.58
C GLU A 1656 -4.33 52.86 18.77
N VAL A 1657 -4.22 51.73 19.47
CA VAL A 1657 -4.04 50.45 18.79
C VAL A 1657 -5.24 50.14 17.90
N THR A 1658 -4.95 49.64 16.70
CA THR A 1658 -5.99 49.29 15.73
C THR A 1658 -5.73 47.87 15.24
N GLY A 1659 -6.54 46.93 15.71
CA GLY A 1659 -6.48 45.57 15.23
C GLY A 1659 -5.42 44.74 15.93
N PRO A 1660 -5.26 43.50 15.49
CA PRO A 1660 -4.29 42.60 16.11
C PRO A 1660 -2.90 42.72 15.51
N VAL A 1661 -1.99 41.86 15.98
CA VAL A 1661 -0.62 41.86 15.46
C VAL A 1661 -0.64 41.52 13.97
N ILE A 1662 0.19 42.21 13.20
CA ILE A 1662 0.28 41.93 11.77
C ILE A 1662 1.31 40.82 11.58
N ALA A 1663 0.87 39.59 11.73
CA ALA A 1663 1.80 38.47 11.60
C ALA A 1663 1.61 37.83 10.23
N PRO A 1664 2.51 38.07 9.31
CA PRO A 1664 2.32 37.57 7.94
C PRO A 1664 2.34 36.05 7.85
N LEU A 1665 3.43 35.44 8.31
CA LEU A 1665 3.59 34.01 8.10
C LEU A 1665 2.88 33.20 9.18
N PHE A 1666 2.79 33.74 10.38
CA PHE A 1666 2.13 33.04 11.46
C PHE A 1666 0.65 32.87 11.12
N PRO A 1667 0.12 31.66 11.10
CA PRO A 1667 -1.25 31.45 10.63
C PRO A 1667 -2.32 32.10 11.48
N GLN A 1668 -2.33 31.80 12.77
CA GLN A 1668 -3.42 32.25 13.62
C GLN A 1668 -3.23 33.70 14.04
N LYS A 1669 -4.35 34.38 14.26
CA LYS A 1669 -4.32 35.76 14.73
C LYS A 1669 -3.77 35.81 16.15
N ARG A 1670 -2.92 36.80 16.41
CA ARG A 1670 -2.30 36.95 17.72
C ARG A 1670 -2.29 38.41 18.13
N GLU A 1671 -2.17 38.64 19.43
CA GLU A 1671 -2.17 39.96 20.03
C GLU A 1671 -0.83 40.24 20.68
N GLU A 1672 -0.61 41.51 21.02
CA GLU A 1672 0.65 41.92 21.62
C GLU A 1672 0.71 41.49 23.07
N GLY A 1673 1.77 40.77 23.43
CA GLY A 1673 2.05 40.44 24.82
C GLY A 1673 3.40 41.02 25.21
N TRP A 1674 3.47 41.54 26.42
CA TRP A 1674 4.67 42.21 26.87
C TRP A 1674 5.10 41.68 28.22
N TRP A 1675 6.41 41.67 28.44
CA TRP A 1675 7.00 41.23 29.69
C TRP A 1675 7.85 42.35 30.26
N VAL A 1676 7.73 42.58 31.56
CA VAL A 1676 8.54 43.54 32.29
C VAL A 1676 9.36 42.74 33.30
N VAL A 1677 10.68 42.85 33.21
CA VAL A 1677 11.59 42.00 33.98
C VAL A 1677 12.59 42.89 34.69
N ILE A 1678 12.78 42.66 35.98
CA ILE A 1678 13.86 43.29 36.73
C ILE A 1678 14.87 42.21 37.05
N GLY A 1679 16.10 42.37 36.58
CA GLY A 1679 17.11 41.36 36.75
C GLY A 1679 18.46 41.97 37.13
N ASP A 1680 19.41 41.09 37.41
CA ASP A 1680 20.79 41.50 37.66
C ASP A 1680 21.67 40.78 36.65
N ALA A 1681 22.17 41.52 35.66
CA ALA A 1681 22.88 40.90 34.55
C ALA A 1681 24.14 40.19 35.02
N LYS A 1682 24.86 40.78 35.98
CA LYS A 1682 26.14 40.20 36.40
C LYS A 1682 25.94 38.83 37.05
N SER A 1683 24.85 38.66 37.80
CA SER A 1683 24.59 37.40 38.47
C SER A 1683 23.68 36.47 37.66
N ASN A 1684 23.17 36.93 36.51
CA ASN A 1684 22.26 36.13 35.69
C ASN A 1684 21.07 35.64 36.50
N SER A 1685 20.52 36.54 37.31
CA SER A 1685 19.41 36.20 38.20
C SER A 1685 18.22 37.09 37.87
N LEU A 1686 17.06 36.47 37.68
CA LEU A 1686 15.82 37.19 37.37
C LEU A 1686 15.14 37.53 38.69
N ILE A 1687 15.23 38.80 39.08
CA ILE A 1687 14.68 39.21 40.37
C ILE A 1687 13.15 39.18 40.32
N SER A 1688 12.56 39.72 39.27
CA SER A 1688 11.11 39.78 39.17
C SER A 1688 10.69 39.83 37.71
N ILE A 1689 9.45 39.42 37.47
CA ILE A 1689 8.90 39.37 36.12
C ILE A 1689 7.39 39.54 36.19
N LYS A 1690 6.82 40.17 35.16
CA LYS A 1690 5.38 40.29 35.08
C LYS A 1690 4.94 40.37 33.62
N ARG A 1691 3.91 39.62 33.29
CA ARG A 1691 3.35 39.60 31.94
C ARG A 1691 2.12 40.49 31.89
N LEU A 1692 1.92 41.16 30.76
CA LEU A 1692 0.78 42.05 30.63
C LEU A 1692 0.46 42.27 29.17
N THR A 1693 -0.71 42.86 28.93
CA THR A 1693 -1.15 43.25 27.59
C THR A 1693 -1.50 44.73 27.61
N LEU A 1694 -0.90 45.49 26.70
CA LEU A 1694 -1.05 46.95 26.69
C LEU A 1694 -2.17 47.34 25.75
N GLN A 1695 -3.28 47.83 26.31
CA GLN A 1695 -4.38 48.32 25.47
C GLN A 1695 -4.12 49.75 25.02
N GLN A 1696 -4.12 50.69 25.97
CA GLN A 1696 -3.76 52.08 25.70
C GLN A 1696 -2.60 52.56 26.55
N LYS A 1697 -2.71 52.40 27.87
CA LYS A 1697 -1.65 52.77 28.80
C LYS A 1697 -1.80 51.91 30.04
N ALA A 1698 -0.72 51.81 30.80
CA ALA A 1698 -0.75 50.93 31.96
C ALA A 1698 0.13 51.47 33.08
N LYS A 1699 -0.19 51.04 34.30
CA LYS A 1699 0.55 51.37 35.51
C LYS A 1699 0.83 50.07 36.24
N VAL A 1700 2.08 49.62 36.22
CA VAL A 1700 2.46 48.28 36.66
C VAL A 1700 3.32 48.40 37.91
N LYS A 1701 3.07 47.51 38.87
CA LYS A 1701 3.82 47.46 40.11
C LYS A 1701 4.67 46.19 40.15
N LEU A 1702 5.95 46.34 40.46
CA LEU A 1702 6.84 45.22 40.64
C LEU A 1702 7.41 45.26 42.04
N ASP A 1703 7.60 44.09 42.65
CA ASP A 1703 8.05 44.03 44.04
C ASP A 1703 9.04 42.89 44.22
N PHE A 1704 9.96 43.07 45.15
CA PHE A 1704 10.89 42.02 45.54
C PHE A 1704 11.48 42.38 46.90
N VAL A 1705 12.54 41.68 47.29
CA VAL A 1705 13.19 41.91 48.58
C VAL A 1705 14.61 42.38 48.33
N ALA A 1706 15.04 43.39 49.10
CA ALA A 1706 16.36 43.95 48.91
C ALA A 1706 17.43 43.00 49.44
N PRO A 1707 18.59 42.91 48.79
CA PRO A 1707 19.69 42.13 49.34
C PRO A 1707 20.47 42.91 50.38
N ALA A 1708 21.58 42.35 50.84
CA ALA A 1708 22.39 42.97 51.88
C ALA A 1708 23.40 43.94 51.28
N THR A 1709 24.09 44.66 52.17
CA THR A 1709 25.18 45.58 51.82
C THR A 1709 24.71 46.69 50.89
N GLY A 1710 23.45 47.11 51.01
CA GLY A 1710 22.98 48.30 50.33
C GLY A 1710 23.01 48.29 48.81
N ALA A 1711 23.96 49.04 48.25
CA ALA A 1711 23.90 49.40 46.84
C ALA A 1711 24.00 48.19 45.92
N HIS A 1712 23.13 48.18 44.91
CA HIS A 1712 23.17 47.23 43.81
C HIS A 1712 22.63 47.95 42.58
N ASN A 1713 22.82 47.34 41.41
CA ASN A 1713 22.42 47.98 40.15
C ASN A 1713 21.74 46.95 39.25
N TYR A 1714 20.42 46.90 39.30
CA TYR A 1714 19.66 46.01 38.45
C TYR A 1714 19.37 46.67 37.11
N THR A 1715 18.91 45.86 36.17
CA THR A 1715 18.52 46.31 34.85
C THR A 1715 17.07 45.90 34.60
N LEU A 1716 16.30 46.83 34.03
CA LEU A 1716 14.91 46.63 33.72
C LEU A 1716 14.77 46.37 32.23
N TYR A 1717 14.17 45.25 31.90
CA TYR A 1717 14.00 44.77 30.53
C TYR A 1717 12.53 44.85 30.17
N PHE A 1718 12.24 45.40 29.02
CA PHE A 1718 10.88 45.48 28.52
C PHE A 1718 10.85 44.78 27.17
N MET A 1719 10.25 43.60 27.15
CA MET A 1719 10.39 42.68 26.03
C MET A 1719 9.04 42.36 25.41
N SER A 1720 8.98 42.37 24.09
CA SER A 1720 7.76 42.03 23.39
C SER A 1720 7.66 40.53 23.18
N ASP A 1721 6.60 40.10 22.51
CA ASP A 1721 6.46 38.71 22.13
C ASP A 1721 5.98 38.53 20.70
N ALA A 1722 5.85 39.60 19.93
CA ALA A 1722 5.44 39.49 18.54
C ALA A 1722 6.26 40.33 17.57
N TYR A 1723 6.94 41.37 18.04
CA TYR A 1723 7.74 42.23 17.18
C TYR A 1723 9.16 42.29 17.73
N MET A 1724 10.14 42.12 16.85
CA MET A 1724 11.53 42.20 17.25
C MET A 1724 12.05 43.62 17.09
N GLY A 1725 12.98 44.00 17.98
CA GLY A 1725 13.64 45.27 17.91
C GLY A 1725 13.14 46.30 18.91
N CYS A 1726 11.99 46.07 19.53
CA CYS A 1726 11.41 47.04 20.45
C CYS A 1726 11.66 46.71 21.92
N ASP A 1727 12.72 45.95 22.20
CA ASP A 1727 13.03 45.54 23.56
C ASP A 1727 13.86 46.63 24.23
N GLN A 1728 13.26 47.32 25.19
CA GLN A 1728 13.95 48.44 25.81
C GLN A 1728 14.68 48.01 27.08
N GLU A 1729 15.80 48.65 27.35
CA GLU A 1729 16.60 48.38 28.54
C GLU A 1729 16.82 49.68 29.29
N TYR A 1730 16.66 49.64 30.60
CA TYR A 1730 16.92 50.81 31.43
C TYR A 1730 17.66 50.39 32.69
N LYS A 1731 18.73 51.09 33.02
CA LYS A 1731 19.59 50.70 34.13
C LYS A 1731 19.43 51.68 35.28
N PHE A 1732 19.20 51.15 36.47
CA PHE A 1732 18.95 51.93 37.67
C PHE A 1732 19.67 51.30 38.85
N SER A 1733 20.06 52.12 39.81
CA SER A 1733 20.72 51.67 41.02
C SER A 1733 19.75 51.74 42.20
N VAL A 1734 20.14 51.09 43.30
CA VAL A 1734 19.33 51.04 44.51
C VAL A 1734 20.21 51.38 45.70
N ASP A 1735 19.54 51.77 46.79
CA ASP A 1735 20.21 52.16 48.02
C ASP A 1735 21.27 53.24 47.79
N PHE B 145 17.15 22.27 -1.92
CA PHE B 145 16.30 21.45 -2.78
C PHE B 145 15.00 22.17 -3.10
N LYS B 146 14.66 23.17 -2.28
CA LYS B 146 13.44 23.95 -2.47
C LYS B 146 13.73 25.43 -2.36
N GLU B 147 12.77 26.24 -2.79
CA GLU B 147 12.87 27.69 -2.78
C GLU B 147 12.45 28.24 -1.41
N LYS B 148 12.77 29.52 -1.19
CA LYS B 148 12.44 30.20 0.05
C LYS B 148 11.29 31.18 -0.16
N THR B 149 10.19 30.96 0.55
CA THR B 149 9.03 31.83 0.42
C THR B 149 9.29 33.20 1.04
N VAL B 150 8.97 34.26 0.30
CA VAL B 150 9.16 35.62 0.78
C VAL B 150 7.78 36.27 0.90
N THR B 151 7.47 36.80 2.08
CA THR B 151 6.19 37.44 2.37
C THR B 151 5.00 36.58 1.94
N LYS B 165 0.14 54.76 2.17
CA LYS B 165 -0.04 55.81 3.18
C LYS B 165 1.30 56.26 3.71
N LYS B 166 1.36 57.43 4.34
CA LYS B 166 2.60 57.95 4.89
C LYS B 166 2.41 58.26 6.36
N ARG B 167 3.30 57.76 7.21
CA ARG B 167 3.22 58.03 8.64
C ARG B 167 4.51 58.68 9.13
N ARG B 168 4.43 59.90 9.64
CA ARG B 168 5.63 60.58 10.10
C ARG B 168 5.56 60.89 11.60
N THR B 169 4.55 60.40 12.30
CA THR B 169 4.35 60.65 13.72
C THR B 169 5.63 60.48 14.55
N GLU B 170 6.05 61.55 15.20
CA GLU B 170 7.25 61.53 16.03
C GLU B 170 7.07 62.41 17.26
N ASN B 171 7.84 62.08 18.30
CA ASN B 171 7.82 62.78 19.57
C ASN B 171 9.19 62.60 20.18
N GLY B 172 9.69 63.61 20.89
CA GLY B 172 10.98 63.44 21.53
C GLY B 172 10.99 62.28 22.51
N LYS B 173 12.02 61.43 22.45
CA LYS B 173 12.10 60.28 23.34
C LYS B 173 13.55 59.83 23.53
N SER B 174 13.77 59.11 24.62
CA SER B 174 15.09 58.56 24.93
C SER B 174 15.45 57.55 23.86
N ARG B 175 14.48 56.75 23.44
CA ARG B 175 14.59 55.73 22.39
C ARG B 175 15.82 54.83 22.58
N ASN B 176 15.77 54.05 23.65
CA ASN B 176 16.84 53.11 23.96
C ASN B 176 16.33 51.69 23.71
N LEU B 177 17.08 50.94 22.91
CA LEU B 177 16.74 49.57 22.55
C LEU B 177 17.88 48.62 22.94
N ARG B 178 17.52 47.37 23.21
CA ARG B 178 18.52 46.38 23.58
C ARG B 178 19.44 46.05 22.41
N GLN B 179 20.73 45.91 22.68
CA GLN B 179 21.69 45.57 21.65
C GLN B 179 21.51 44.13 21.19
N ARG B 180 21.86 43.86 19.94
CA ARG B 180 21.67 42.50 19.41
C ARG B 180 22.48 41.49 20.21
N GLY B 181 23.74 41.80 20.47
CA GLY B 181 24.65 40.94 21.20
C GLY B 181 25.24 39.82 20.37
N ASP B 182 25.01 39.83 19.05
CA ASP B 182 25.50 38.80 18.14
C ASP B 182 25.01 37.43 18.58
N ASP B 183 23.75 37.34 18.98
CA ASP B 183 23.18 36.07 19.43
C ASP B 183 23.17 35.08 18.27
#